data_8H8E
#
_entry.id   8H8E
#
_cell.length_a   1.00
_cell.length_b   1.00
_cell.length_c   1.00
_cell.angle_alpha   90.00
_cell.angle_beta   90.00
_cell.angle_gamma   90.00
#
_symmetry.space_group_name_H-M   'P 1'
#
loop_
_entity.id
_entity.type
_entity.pdbx_description
1 polymer 'Proton-activated chloride channel'
2 polymer 'tRNA (75-MER)of Spodoptera frugiperda'
#
loop_
_entity_poly.entity_id
_entity_poly.type
_entity_poly.pdbx_seq_one_letter_code
_entity_poly.pdbx_strand_id
1 'polypeptide(L)'
;MEAIRKELSRSYQELNEEAEPVAIDPEEAEDEEKEQEEAASAVAPDRDSDRSSPPVRFSRTCLKNFFSVLLILVYLLLMG
VAVFLVYQTITDFRDKLKHPVMSVSYKEVNMYDAPGIALYPGKARLLSCEHHWYDHIPPLKDPGQPGENTCVTQDISYID
PYTNKTMKHALIVQGPRDVRRRELVFLQFHLNETKQDFSAIDYLLFSSYEAFLKSHDQVKFMQDCESSFSSWKFSGGFRT
WVKMSLVKTKEEDGSQSVEFRQETSVVNFIDRRETPDKGDQLFFVVFEWKDPYIQEIQDIITANPWSMIALLCSVFLVLF
KAADFAKLSVKWMIKVRRRHLKKRARELNHIS
;
A,B,C,D,E,F
2 'polyribonucleotide' UCUUCGGUAGUAUAGUGGUCAGUAUCCCCGCCUGUCACGCGGGAGACCGGGGUUCGAUUCCCCGCCGGAGAGCCA G
#
loop_
_chem_comp.id
_chem_comp.type
_chem_comp.name
_chem_comp.formula
A RNA linking ADENOSINE-5'-MONOPHOSPHATE 'C10 H14 N5 O7 P'
C RNA linking CYTIDINE-5'-MONOPHOSPHATE 'C9 H14 N3 O8 P'
G RNA linking GUANOSINE-5'-MONOPHOSPHATE 'C10 H14 N5 O8 P'
U RNA linking URIDINE-5'-MONOPHOSPHATE 'C9 H13 N2 O9 P'
#
# COMPACT_ATOMS: atom_id res chain seq x y z
N VAL A 56 10.25 -63.04 -44.91
CA VAL A 56 11.17 -62.05 -44.34
C VAL A 56 11.01 -60.73 -45.09
N ARG A 57 10.44 -60.79 -46.29
CA ARG A 57 10.26 -59.57 -47.08
C ARG A 57 9.30 -58.60 -46.39
N PHE A 58 8.20 -59.12 -45.85
CA PHE A 58 7.23 -58.26 -45.17
C PHE A 58 7.83 -57.61 -43.93
N SER A 59 8.57 -58.39 -43.13
CA SER A 59 9.20 -57.83 -41.93
C SER A 59 10.25 -56.80 -42.30
N ARG A 60 11.06 -57.07 -43.32
CA ARG A 60 12.06 -56.11 -43.75
C ARG A 60 11.39 -54.82 -44.23
N THR A 61 10.33 -54.94 -45.04
CA THR A 61 9.65 -53.76 -45.54
C THR A 61 9.04 -52.94 -44.40
N CYS A 62 8.36 -53.61 -43.47
CA CYS A 62 7.70 -52.88 -42.37
C CYS A 62 8.73 -52.21 -41.47
N LEU A 63 9.81 -52.93 -41.12
CA LEU A 63 10.82 -52.34 -40.25
C LEU A 63 11.53 -51.17 -40.94
N LYS A 64 11.86 -51.33 -42.22
CA LYS A 64 12.52 -50.26 -42.95
C LYS A 64 11.64 -49.03 -43.05
N ASN A 65 10.35 -49.22 -43.35
CA ASN A 65 9.43 -48.10 -43.45
C ASN A 65 9.24 -47.42 -42.09
N PHE A 66 9.15 -48.22 -41.02
CA PHE A 66 8.98 -47.66 -39.68
C PHE A 66 10.19 -46.83 -39.28
N PHE A 67 11.39 -47.36 -39.50
CA PHE A 67 12.60 -46.60 -39.21
C PHE A 67 12.69 -45.35 -40.07
N SER A 68 12.37 -45.49 -41.37
CA SER A 68 12.46 -44.35 -42.28
C SER A 68 11.48 -43.25 -41.88
N VAL A 69 10.26 -43.62 -41.50
CA VAL A 69 9.28 -42.61 -41.13
C VAL A 69 9.66 -41.93 -39.81
N LEU A 70 10.22 -42.69 -38.86
CA LEU A 70 10.69 -42.05 -37.64
C LEU A 70 11.82 -41.07 -37.92
N LEU A 71 12.80 -41.50 -38.73
CA LEU A 71 13.93 -40.63 -39.01
C LEU A 71 13.51 -39.40 -39.82
N ILE A 72 12.57 -39.58 -40.74
CA ILE A 72 12.10 -38.47 -41.54
C ILE A 72 11.30 -37.49 -40.68
N LEU A 73 10.55 -38.03 -39.73
CA LEU A 73 9.72 -37.18 -38.82
C LEU A 73 10.65 -36.30 -37.97
N VAL A 74 11.67 -36.90 -37.35
CA VAL A 74 12.62 -36.15 -36.49
C VAL A 74 13.48 -35.26 -37.40
N TYR A 75 14.05 -35.83 -38.47
CA TYR A 75 14.83 -35.02 -39.43
C TYR A 75 14.01 -33.79 -39.82
N LEU A 76 12.75 -34.02 -40.22
CA LEU A 76 11.86 -32.90 -40.60
C LEU A 76 11.80 -31.90 -39.43
N LEU A 77 11.24 -32.31 -38.29
CA LEU A 77 11.15 -31.43 -37.10
C LEU A 77 12.43 -30.59 -37.01
N LEU A 78 13.58 -31.25 -36.95
CA LEU A 78 14.85 -30.53 -36.91
C LEU A 78 14.85 -29.34 -37.85
N MET A 79 14.48 -29.56 -39.11
CA MET A 79 14.47 -28.48 -40.09
C MET A 79 13.42 -27.44 -39.73
N GLY A 80 12.27 -27.87 -39.22
CA GLY A 80 11.23 -26.92 -38.84
C GLY A 80 11.66 -26.01 -37.73
N VAL A 81 12.26 -26.57 -36.67
CA VAL A 81 12.73 -25.71 -35.58
C VAL A 81 13.90 -24.85 -36.03
N ALA A 82 14.76 -25.37 -36.92
CA ALA A 82 15.88 -24.57 -37.42
C ALA A 82 15.37 -23.34 -38.15
N VAL A 83 14.44 -23.53 -39.10
CA VAL A 83 13.91 -22.39 -39.85
C VAL A 83 13.07 -21.50 -38.94
N PHE A 84 12.38 -22.08 -37.96
CA PHE A 84 11.57 -21.28 -37.04
C PHE A 84 12.44 -20.35 -36.21
N LEU A 85 13.55 -20.87 -35.68
CA LEU A 85 14.46 -20.04 -34.89
C LEU A 85 15.21 -19.04 -35.76
N VAL A 86 15.60 -19.41 -36.98
CA VAL A 86 16.27 -18.41 -37.81
C VAL A 86 15.26 -17.33 -38.22
N TYR A 87 13.98 -17.68 -38.36
CA TYR A 87 12.96 -16.67 -38.65
C TYR A 87 12.80 -15.72 -37.48
N GLN A 88 12.74 -16.24 -36.25
CA GLN A 88 12.61 -15.34 -35.11
C GLN A 88 13.87 -14.49 -34.93
N THR A 89 15.03 -15.06 -35.26
CA THR A 89 16.27 -14.28 -35.27
C THR A 89 16.19 -13.13 -36.25
N ILE A 90 15.71 -13.41 -37.48
CA ILE A 90 15.60 -12.37 -38.49
C ILE A 90 14.66 -11.27 -38.00
N THR A 91 13.51 -11.67 -37.46
CA THR A 91 12.53 -10.67 -37.00
C THR A 91 13.12 -9.82 -35.88
N ASP A 92 13.75 -10.46 -34.89
CA ASP A 92 14.30 -9.72 -33.77
C ASP A 92 15.40 -8.76 -34.21
N PHE A 93 16.32 -9.23 -35.05
CA PHE A 93 17.42 -8.38 -35.45
C PHE A 93 16.95 -7.21 -36.31
N ARG A 94 16.01 -7.46 -37.23
CA ARG A 94 15.48 -6.37 -38.04
C ARG A 94 14.70 -5.37 -37.19
N ASP A 95 13.92 -5.86 -36.23
CA ASP A 95 13.18 -4.96 -35.35
C ASP A 95 14.12 -4.10 -34.52
N LYS A 96 15.18 -4.69 -33.97
CA LYS A 96 16.11 -3.91 -33.17
C LYS A 96 17.01 -3.02 -34.02
N LEU A 97 17.13 -3.32 -35.31
CA LEU A 97 17.78 -2.37 -36.21
C LEU A 97 16.85 -1.20 -36.53
N LYS A 98 15.55 -1.47 -36.59
CA LYS A 98 14.59 -0.43 -36.96
C LYS A 98 14.44 0.61 -35.85
N HIS A 99 14.45 0.18 -34.58
CA HIS A 99 14.15 1.06 -33.45
C HIS A 99 15.31 1.05 -32.47
N PRO A 100 16.32 1.90 -32.68
CA PRO A 100 17.36 2.06 -31.66
C PRO A 100 16.79 2.63 -30.38
N VAL A 101 17.41 2.27 -29.26
CA VAL A 101 16.93 2.62 -27.93
C VAL A 101 17.85 3.69 -27.34
N MET A 102 17.26 4.77 -26.85
CA MET A 102 18.00 5.93 -26.38
C MET A 102 18.15 5.90 -24.85
N SER A 103 19.22 6.54 -24.38
CA SER A 103 19.57 6.57 -22.97
C SER A 103 19.86 8.01 -22.55
N VAL A 104 19.79 8.25 -21.24
CA VAL A 104 20.05 9.57 -20.68
C VAL A 104 21.08 9.46 -19.56
N SER A 105 21.74 10.57 -19.30
CA SER A 105 22.69 10.68 -18.19
C SER A 105 22.88 12.15 -17.88
N TYR A 106 23.35 12.43 -16.67
CA TYR A 106 23.58 13.80 -16.21
C TYR A 106 24.97 13.88 -15.61
N LYS A 107 25.91 14.48 -16.33
CA LYS A 107 27.21 14.79 -15.76
C LYS A 107 27.09 16.06 -14.93
N GLU A 108 28.22 16.58 -14.45
CA GLU A 108 28.18 17.77 -13.62
C GLU A 108 29.46 18.58 -13.81
N VAL A 109 29.30 19.90 -13.89
CA VAL A 109 30.44 20.81 -13.94
C VAL A 109 30.18 21.94 -12.95
N ASN A 110 31.26 22.61 -12.56
CA ASN A 110 31.19 23.80 -11.74
C ASN A 110 31.49 25.07 -12.51
N MET A 111 32.17 24.97 -13.65
CA MET A 111 32.51 26.16 -14.44
C MET A 111 32.19 25.85 -15.90
N TYR A 112 31.05 26.36 -16.38
CA TYR A 112 30.73 26.24 -17.78
C TYR A 112 31.69 27.09 -18.62
N ASP A 113 31.73 26.78 -19.92
CA ASP A 113 32.54 27.56 -20.84
C ASP A 113 31.79 28.86 -21.18
N ALA A 114 32.27 29.57 -22.20
CA ALA A 114 31.64 30.82 -22.58
C ALA A 114 30.72 30.57 -23.77
N PRO A 115 29.40 30.65 -23.61
CA PRO A 115 28.49 30.49 -24.74
C PRO A 115 28.19 31.82 -25.40
N GLY A 116 28.03 31.78 -26.72
CA GLY A 116 27.69 32.98 -27.45
C GLY A 116 26.21 33.30 -27.36
N ILE A 117 25.89 34.58 -27.44
CA ILE A 117 24.50 35.03 -27.41
C ILE A 117 24.29 36.02 -28.54
N ALA A 118 23.70 35.57 -29.65
CA ALA A 118 23.67 36.35 -30.87
C ALA A 118 22.44 37.27 -30.88
N LEU A 119 22.59 38.40 -30.20
CA LEU A 119 21.56 39.44 -30.26
C LEU A 119 21.55 40.07 -31.65
N TYR A 120 20.38 40.56 -32.07
CA TYR A 120 20.22 41.17 -33.38
C TYR A 120 19.59 42.56 -33.26
N PRO A 121 20.21 43.49 -32.52
CA PRO A 121 19.55 44.78 -32.30
C PRO A 121 19.37 45.56 -33.60
N GLY A 122 18.12 45.67 -34.05
CA GLY A 122 17.85 46.37 -35.30
C GLY A 122 18.18 47.85 -35.22
N LYS A 123 17.75 48.51 -34.16
CA LYS A 123 18.03 49.92 -33.97
C LYS A 123 18.40 50.30 -32.55
N ALA A 124 18.40 49.35 -31.62
CA ALA A 124 18.66 49.65 -30.22
C ALA A 124 20.15 49.81 -29.99
N ARG A 125 20.56 49.87 -28.73
CA ARG A 125 21.97 49.97 -28.37
C ARG A 125 22.17 49.29 -27.03
N LEU A 126 23.41 48.87 -26.78
CA LEU A 126 23.76 48.23 -25.51
C LEU A 126 23.79 49.32 -24.45
N LEU A 127 22.62 49.63 -23.90
CA LEU A 127 22.52 50.68 -22.90
C LEU A 127 23.32 50.33 -21.65
N SER A 128 23.29 49.05 -21.26
CA SER A 128 24.03 48.62 -20.08
C SER A 128 24.25 47.12 -20.15
N CYS A 129 25.50 46.71 -19.98
CA CYS A 129 25.87 45.30 -19.88
C CYS A 129 26.61 45.08 -18.58
N GLU A 130 26.31 43.98 -17.90
CA GLU A 130 26.86 43.73 -16.58
C GLU A 130 27.21 42.26 -16.45
N HIS A 131 27.77 41.91 -15.30
CA HIS A 131 28.12 40.54 -14.96
C HIS A 131 27.76 40.25 -13.51
N HIS A 132 26.55 40.63 -13.10
CA HIS A 132 26.22 40.63 -11.69
C HIS A 132 26.20 39.13 -11.42
N TRP A 133 27.18 38.64 -10.66
CA TRP A 133 27.22 37.24 -10.29
C TRP A 133 26.61 37.26 -8.90
N TYR A 134 25.96 36.16 -8.52
CA TYR A 134 25.65 35.88 -7.13
C TYR A 134 24.67 36.90 -6.56
N ASP A 135 24.24 37.87 -7.38
CA ASP A 135 23.43 38.98 -6.94
C ASP A 135 22.05 38.86 -7.56
N HIS A 136 21.14 38.17 -6.85
CA HIS A 136 19.75 38.13 -7.28
C HIS A 136 19.07 39.49 -7.14
N ILE A 137 19.69 40.44 -6.46
CA ILE A 137 19.29 41.85 -6.54
C ILE A 137 20.37 42.58 -7.32
N PRO A 138 20.30 42.61 -8.64
CA PRO A 138 21.28 43.36 -9.43
C PRO A 138 21.25 44.83 -9.07
N PRO A 139 22.40 45.48 -8.99
CA PRO A 139 22.41 46.92 -8.72
C PRO A 139 21.79 47.70 -9.88
N LEU A 140 20.61 48.26 -9.66
CA LEU A 140 19.88 48.98 -10.69
C LEU A 140 20.20 50.46 -10.60
N LYS A 141 20.58 51.04 -11.74
CA LYS A 141 20.82 52.47 -11.84
C LYS A 141 19.55 53.14 -12.36
N ASP A 142 19.66 54.42 -12.70
CA ASP A 142 18.53 55.08 -13.33
C ASP A 142 18.30 54.55 -14.75
N PRO A 143 17.11 54.04 -15.06
CA PRO A 143 16.90 53.44 -16.38
C PRO A 143 16.94 54.47 -17.49
N GLY A 144 17.24 54.00 -18.70
CA GLY A 144 17.26 54.84 -19.87
C GLY A 144 18.51 55.64 -20.08
N GLN A 145 19.53 55.45 -19.24
CA GLN A 145 20.76 56.22 -19.32
C GLN A 145 21.92 55.30 -19.71
N PRO A 146 22.65 55.63 -20.77
CA PRO A 146 23.69 54.70 -21.27
C PRO A 146 24.91 54.62 -20.36
N GLY A 147 25.85 53.77 -20.74
CA GLY A 147 27.12 53.63 -20.03
C GLY A 147 27.17 52.35 -19.21
N GLU A 148 28.37 52.11 -18.68
CA GLU A 148 28.65 50.98 -17.78
C GLU A 148 28.34 49.64 -18.46
N ASN A 149 29.11 49.35 -19.50
CA ASN A 149 29.04 48.09 -20.22
C ASN A 149 30.34 47.33 -19.98
N THR A 150 30.38 46.59 -18.87
CA THR A 150 31.57 45.84 -18.47
C THR A 150 31.54 44.39 -18.98
N CYS A 151 31.34 44.23 -20.29
CA CYS A 151 31.31 42.91 -20.88
C CYS A 151 32.27 42.83 -22.08
N VAL A 152 32.21 41.72 -22.82
CA VAL A 152 33.00 41.54 -24.02
C VAL A 152 32.05 41.43 -25.21
N THR A 153 32.38 42.14 -26.29
CA THR A 153 31.51 42.20 -27.45
C THR A 153 32.34 42.18 -28.72
N GLN A 154 31.66 41.91 -29.83
CA GLN A 154 32.26 41.98 -31.16
C GLN A 154 31.14 42.27 -32.14
N ASP A 155 31.02 43.53 -32.54
CA ASP A 155 29.91 43.97 -33.38
C ASP A 155 30.07 43.46 -34.81
N ILE A 156 30.01 42.16 -35.02
CA ILE A 156 30.09 41.60 -36.35
C ILE A 156 28.82 41.93 -37.12
N SER A 157 28.87 41.74 -38.44
CA SER A 157 27.70 41.97 -39.29
C SER A 157 27.86 41.12 -40.55
N TYR A 158 27.10 40.04 -40.64
CA TYR A 158 27.30 39.05 -41.69
C TYR A 158 26.03 38.79 -42.50
N ILE A 159 26.07 37.62 -43.14
CA ILE A 159 24.98 37.34 -44.11
C ILE A 159 23.84 36.50 -43.56
N ASP A 160 22.76 36.50 -44.30
CA ASP A 160 21.52 35.79 -44.11
C ASP A 160 21.45 34.57 -45.02
N PRO A 161 20.84 33.47 -44.58
CA PRO A 161 20.71 32.30 -45.45
C PRO A 161 19.45 32.35 -46.31
N TYR A 162 18.47 33.16 -45.89
CA TYR A 162 17.18 33.21 -46.56
C TYR A 162 17.08 34.35 -47.58
N THR A 163 17.63 35.52 -47.25
CA THR A 163 17.68 36.63 -48.19
C THR A 163 19.03 36.79 -48.86
N ASN A 164 20.12 36.39 -48.20
CA ASN A 164 21.47 36.39 -48.76
C ASN A 164 21.94 37.79 -49.13
N LYS A 165 21.34 38.83 -48.56
CA LYS A 165 21.74 40.20 -48.90
C LYS A 165 21.89 41.12 -47.70
N THR A 166 21.25 40.86 -46.57
CA THR A 166 21.23 41.80 -45.47
C THR A 166 22.40 41.56 -44.51
N MET A 167 23.03 42.66 -44.08
CA MET A 167 24.17 42.61 -43.18
C MET A 167 23.69 42.82 -41.74
N LYS A 168 22.95 41.84 -41.25
CA LYS A 168 22.37 41.94 -39.92
C LYS A 168 23.47 41.94 -38.86
N HIS A 169 23.41 42.92 -37.96
CA HIS A 169 24.38 43.01 -36.88
C HIS A 169 24.18 41.88 -35.89
N ALA A 170 25.20 41.67 -35.06
CA ALA A 170 25.12 40.65 -34.01
C ALA A 170 26.08 41.05 -32.91
N LEU A 171 25.55 41.65 -31.84
CA LEU A 171 26.37 42.11 -30.72
C LEU A 171 26.66 40.89 -29.86
N ILE A 172 27.59 40.07 -30.34
CA ILE A 172 27.91 38.81 -29.68
C ILE A 172 28.48 39.09 -28.30
N VAL A 173 27.98 38.37 -27.30
CA VAL A 173 28.52 38.43 -25.95
C VAL A 173 28.69 37.01 -25.44
N GLN A 174 29.47 36.87 -24.38
CA GLN A 174 29.66 35.58 -23.73
C GLN A 174 28.81 35.52 -22.47
N GLY A 175 28.18 34.37 -22.26
CA GLY A 175 27.31 34.19 -21.13
C GLY A 175 28.07 33.99 -19.84
N PRO A 176 27.34 33.93 -18.75
CA PRO A 176 27.98 33.64 -17.46
C PRO A 176 28.55 32.23 -17.42
N ARG A 177 29.51 32.02 -16.53
CA ARG A 177 30.16 30.74 -16.40
C ARG A 177 30.04 30.13 -15.02
N ASP A 178 30.03 30.95 -13.96
CA ASP A 178 30.00 30.44 -12.59
C ASP A 178 28.57 30.05 -12.24
N VAL A 179 28.21 28.80 -12.55
CA VAL A 179 26.90 28.29 -12.15
C VAL A 179 26.82 28.13 -10.63
N ARG A 180 27.93 27.75 -10.00
CA ARG A 180 27.91 27.53 -8.54
C ARG A 180 27.63 28.83 -7.80
N ARG A 181 28.25 29.93 -8.23
CA ARG A 181 27.93 31.25 -7.71
C ARG A 181 26.81 31.91 -8.49
N ARG A 182 26.06 31.14 -9.27
CA ARG A 182 24.92 31.60 -10.07
C ARG A 182 25.17 32.96 -10.69
N GLU A 183 26.25 33.03 -11.48
CA GLU A 183 26.55 34.24 -12.22
C GLU A 183 25.47 34.51 -13.26
N LEU A 184 25.12 35.79 -13.42
CA LEU A 184 24.12 36.18 -14.41
C LEU A 184 24.54 37.49 -15.06
N VAL A 185 24.46 37.54 -16.38
CA VAL A 185 24.70 38.79 -17.09
C VAL A 185 23.42 39.61 -17.08
N PHE A 186 23.52 40.86 -17.49
CA PHE A 186 22.38 41.78 -17.43
C PHE A 186 22.55 42.76 -18.58
N LEU A 187 21.66 42.71 -19.56
CA LEU A 187 21.82 43.46 -20.81
C LEU A 187 20.66 44.44 -20.96
N GLN A 188 20.82 45.62 -20.38
CA GLN A 188 19.83 46.68 -20.54
C GLN A 188 19.99 47.36 -21.90
N PHE A 189 18.87 47.58 -22.58
CA PHE A 189 18.87 48.20 -23.89
C PHE A 189 17.92 49.39 -23.93
N HIS A 190 17.81 49.99 -25.11
CA HIS A 190 16.85 51.04 -25.42
C HIS A 190 16.92 51.32 -26.91
N LEU A 191 15.77 51.69 -27.48
CA LEU A 191 15.72 52.07 -28.88
C LEU A 191 14.78 53.25 -29.04
N ASN A 192 14.64 53.70 -30.28
CA ASN A 192 13.60 54.63 -30.67
C ASN A 192 12.61 53.87 -31.55
N GLU A 193 11.38 53.71 -31.04
CA GLU A 193 10.41 52.78 -31.62
C GLU A 193 9.43 53.49 -32.54
N THR A 194 9.93 54.45 -33.32
CA THR A 194 9.12 55.24 -34.25
C THR A 194 8.05 54.41 -34.95
N LYS A 195 8.42 53.23 -35.46
CA LYS A 195 7.42 52.27 -35.90
C LYS A 195 7.99 50.87 -35.65
N GLN A 196 7.72 50.35 -34.47
CA GLN A 196 8.06 48.97 -34.09
C GLN A 196 6.93 48.39 -33.24
N ASP A 197 5.69 48.56 -33.71
CA ASP A 197 4.48 48.31 -32.94
C ASP A 197 4.59 47.06 -32.06
N PHE A 198 5.23 46.00 -32.55
CA PHE A 198 5.55 44.85 -31.71
C PHE A 198 7.06 44.77 -31.55
N SER A 199 7.57 45.44 -30.53
CA SER A 199 9.01 45.57 -30.33
C SER A 199 9.60 44.29 -29.74
N ALA A 200 10.63 43.76 -30.40
CA ALA A 200 11.37 42.62 -29.88
C ALA A 200 12.63 42.43 -30.71
N ILE A 201 13.73 42.12 -30.04
CA ILE A 201 15.00 41.81 -30.68
C ILE A 201 15.33 40.34 -30.47
N ASP A 202 15.62 39.64 -31.56
CA ASP A 202 15.95 38.22 -31.52
C ASP A 202 17.27 38.01 -30.79
N TYR A 203 17.45 36.82 -30.25
CA TYR A 203 18.75 36.44 -29.73
C TYR A 203 18.93 34.94 -29.92
N LEU A 204 20.17 34.53 -30.22
CA LEU A 204 20.50 33.15 -30.54
C LEU A 204 21.70 32.70 -29.72
N LEU A 205 21.68 31.43 -29.34
CA LEU A 205 22.69 30.88 -28.44
C LEU A 205 23.59 29.88 -29.16
N PHE A 206 24.89 30.09 -29.09
CA PHE A 206 25.87 29.10 -29.50
C PHE A 206 26.87 28.89 -28.36
N SER A 207 27.52 27.73 -28.36
CA SER A 207 28.15 27.19 -27.17
C SER A 207 29.65 27.42 -27.11
N SER A 208 30.21 28.28 -27.95
CA SER A 208 31.66 28.48 -27.95
C SER A 208 31.98 29.90 -28.37
N TYR A 209 32.18 30.78 -27.39
CA TYR A 209 32.73 32.10 -27.68
C TYR A 209 34.23 32.03 -27.94
N GLU A 210 34.95 31.24 -27.13
CA GLU A 210 36.39 31.12 -27.30
C GLU A 210 36.73 30.49 -28.65
N ALA A 211 35.99 29.45 -29.04
CA ALA A 211 36.17 28.87 -30.36
C ALA A 211 35.63 29.76 -31.46
N PHE A 212 34.69 30.65 -31.16
CA PHE A 212 34.28 31.64 -32.15
C PHE A 212 35.38 32.65 -32.42
N LEU A 213 36.14 33.03 -31.38
CA LEU A 213 37.18 34.05 -31.56
C LEU A 213 38.29 33.55 -32.47
N LYS A 214 38.96 32.47 -32.09
CA LYS A 214 40.13 32.02 -32.82
C LYS A 214 39.79 31.42 -34.18
N SER A 215 38.54 31.02 -34.40
CA SER A 215 38.18 30.42 -35.68
C SER A 215 38.20 31.46 -36.78
N HIS A 216 38.26 30.97 -38.02
CA HIS A 216 38.19 31.78 -39.22
C HIS A 216 36.85 31.51 -39.91
N ASP A 217 36.65 32.16 -41.06
CA ASP A 217 35.43 32.03 -41.84
C ASP A 217 34.20 32.30 -40.98
N GLN A 218 34.26 33.39 -40.22
CA GLN A 218 33.23 33.69 -39.23
C GLN A 218 31.87 33.91 -39.86
N VAL A 219 31.81 34.27 -41.14
CA VAL A 219 30.52 34.40 -41.81
C VAL A 219 29.80 33.05 -41.81
N LYS A 220 30.50 31.98 -42.14
CA LYS A 220 29.94 30.64 -42.06
C LYS A 220 29.77 30.17 -40.63
N PHE A 221 30.68 30.56 -39.73
CA PHE A 221 30.54 30.12 -38.34
C PHE A 221 29.32 30.73 -37.67
N MET A 222 28.86 31.89 -38.15
CA MET A 222 27.59 32.41 -37.69
C MET A 222 26.44 31.92 -38.55
N GLN A 223 26.68 31.70 -39.84
CA GLN A 223 25.62 31.25 -40.73
C GLN A 223 25.10 29.88 -40.32
N ASP A 224 26.00 28.94 -40.01
CA ASP A 224 25.58 27.59 -39.65
C ASP A 224 24.85 27.56 -38.32
N CYS A 225 25.32 28.32 -37.34
CA CYS A 225 24.63 28.33 -36.05
C CYS A 225 23.29 29.06 -36.14
N GLU A 226 23.19 30.06 -37.02
CA GLU A 226 21.90 30.68 -37.28
C GLU A 226 20.93 29.70 -37.92
N SER A 227 21.42 28.91 -38.88
CA SER A 227 20.56 27.93 -39.54
C SER A 227 20.12 26.83 -38.57
N SER A 228 21.03 26.36 -37.72
CA SER A 228 20.75 25.17 -36.92
C SER A 228 19.75 25.45 -35.80
N PHE A 229 20.13 26.31 -34.86
CA PHE A 229 19.26 26.59 -33.71
C PHE A 229 18.16 27.55 -34.09
N SER A 230 16.97 27.31 -33.55
CA SER A 230 15.85 28.22 -33.78
C SER A 230 16.10 29.53 -33.04
N SER A 231 15.46 30.59 -33.53
CA SER A 231 15.70 31.94 -33.04
C SER A 231 14.61 32.32 -32.04
N TRP A 232 15.00 32.52 -30.79
CA TRP A 232 14.08 33.05 -29.79
C TRP A 232 14.00 34.57 -29.91
N LYS A 233 13.27 35.19 -28.98
CA LYS A 233 13.20 36.64 -28.92
C LYS A 233 12.77 37.05 -27.52
N PHE A 234 13.38 38.11 -27.01
CA PHE A 234 12.98 38.66 -25.72
C PHE A 234 12.03 39.84 -25.91
N SER A 235 11.24 40.10 -24.89
CA SER A 235 10.11 41.00 -25.02
C SER A 235 10.57 42.45 -25.10
N GLY A 236 9.75 43.27 -25.76
CA GLY A 236 9.99 44.68 -25.85
C GLY A 236 9.30 45.48 -24.76
N GLY A 237 9.80 45.38 -23.53
CA GLY A 237 9.25 46.13 -22.42
C GLY A 237 9.15 45.33 -21.14
N PHE A 238 9.64 44.09 -21.19
CA PHE A 238 9.63 43.18 -20.06
C PHE A 238 11.05 42.98 -19.55
N ARG A 239 11.20 42.09 -18.57
CA ARG A 239 12.48 41.49 -18.24
C ARG A 239 12.35 39.99 -18.46
N THR A 240 13.05 39.46 -19.45
CA THR A 240 12.96 38.05 -19.81
C THR A 240 14.09 37.30 -19.13
N TRP A 241 13.79 36.67 -18.00
CA TRP A 241 14.78 35.86 -17.30
C TRP A 241 14.96 34.56 -18.08
N VAL A 242 16.15 34.36 -18.61
CA VAL A 242 16.45 33.22 -19.48
C VAL A 242 17.45 32.33 -18.76
N LYS A 243 16.99 31.18 -18.28
CA LYS A 243 17.85 30.24 -17.57
C LYS A 243 18.21 29.11 -18.52
N MET A 244 19.22 29.35 -19.35
CA MET A 244 19.58 28.37 -20.37
C MET A 244 20.32 27.20 -19.74
N SER A 245 19.86 26.00 -20.04
CA SER A 245 20.60 24.78 -19.76
C SER A 245 21.26 24.29 -21.04
N LEU A 246 22.24 23.41 -20.88
CA LEU A 246 23.02 22.89 -21.99
C LEU A 246 22.73 21.41 -22.15
N VAL A 247 22.40 21.00 -23.37
CA VAL A 247 22.10 19.61 -23.68
C VAL A 247 22.98 19.20 -24.86
N LYS A 248 23.75 18.13 -24.68
CA LYS A 248 24.58 17.57 -25.73
C LYS A 248 24.12 16.15 -25.99
N THR A 249 23.94 15.81 -27.25
CA THR A 249 23.56 14.46 -27.65
C THR A 249 24.77 13.76 -28.27
N LYS A 250 25.08 12.57 -27.75
CA LYS A 250 26.21 11.79 -28.25
C LYS A 250 25.73 11.00 -29.46
N GLU A 251 25.82 11.63 -30.62
CA GLU A 251 25.41 11.01 -31.86
C GLU A 251 26.47 10.02 -32.34
N GLU A 252 26.13 9.28 -33.40
CA GLU A 252 27.06 8.34 -34.01
C GLU A 252 27.94 9.11 -35.00
N ASP A 253 28.78 8.38 -35.73
CA ASP A 253 29.69 8.94 -36.73
C ASP A 253 30.89 9.57 -36.04
N GLY A 254 31.09 9.25 -34.76
CA GLY A 254 32.17 9.87 -34.00
C GLY A 254 31.98 11.36 -33.81
N SER A 255 30.74 11.80 -33.62
CA SER A 255 30.45 13.22 -33.47
C SER A 255 29.27 13.39 -32.52
N GLN A 256 29.38 14.37 -31.63
CA GLN A 256 28.29 14.76 -30.75
C GLN A 256 28.02 16.24 -30.91
N SER A 257 26.75 16.62 -30.82
CA SER A 257 26.32 18.00 -31.01
C SER A 257 25.64 18.50 -29.74
N VAL A 258 25.71 19.81 -29.52
CA VAL A 258 25.10 20.44 -28.37
C VAL A 258 23.83 21.15 -28.81
N GLU A 259 22.92 21.32 -27.86
CA GLU A 259 21.67 22.02 -28.09
C GLU A 259 21.32 22.83 -26.86
N PHE A 260 20.98 24.10 -27.04
CA PHE A 260 20.54 24.94 -25.94
C PHE A 260 19.03 24.88 -25.83
N ARG A 261 18.54 24.54 -24.64
CA ARG A 261 17.14 24.69 -24.32
C ARG A 261 17.02 25.56 -23.08
N GLN A 262 16.02 26.44 -23.09
CA GLN A 262 15.87 27.40 -22.02
C GLN A 262 14.39 27.67 -21.80
N GLU A 263 14.07 28.09 -20.58
CA GLU A 263 12.70 28.43 -20.20
C GLU A 263 12.68 29.88 -19.74
N THR A 264 12.28 30.77 -20.63
CA THR A 264 12.14 32.18 -20.28
C THR A 264 11.03 32.35 -19.24
N SER A 265 11.14 33.41 -18.46
CA SER A 265 10.14 33.74 -17.45
C SER A 265 10.04 35.27 -17.39
N VAL A 266 9.07 35.82 -18.12
CA VAL A 266 8.94 37.27 -18.21
C VAL A 266 8.43 37.81 -16.88
N VAL A 267 9.07 38.87 -16.39
CA VAL A 267 8.63 39.60 -15.21
C VAL A 267 8.49 41.06 -15.61
N ASN A 268 7.35 41.66 -15.25
CA ASN A 268 7.02 42.97 -15.79
C ASN A 268 7.97 44.04 -15.26
N PHE A 269 8.00 45.16 -15.97
CA PHE A 269 8.83 46.30 -15.62
C PHE A 269 7.96 47.53 -15.43
N ILE A 270 8.28 48.31 -14.41
CA ILE A 270 7.56 49.54 -14.08
C ILE A 270 8.39 50.73 -14.55
N ASP A 271 7.72 51.68 -15.21
CA ASP A 271 8.40 52.81 -15.82
C ASP A 271 8.18 54.10 -15.05
N ARG A 272 7.83 54.01 -13.77
CA ARG A 272 7.54 55.21 -12.99
C ARG A 272 8.76 56.11 -12.86
N ARG A 273 9.96 55.56 -12.97
CA ARG A 273 11.19 56.34 -12.85
C ARG A 273 11.58 57.03 -14.15
N GLU A 274 10.83 56.83 -15.22
CA GLU A 274 11.09 57.47 -16.51
C GLU A 274 9.85 58.24 -16.93
N THR A 275 10.07 59.42 -17.49
CA THR A 275 8.96 60.23 -17.97
C THR A 275 8.27 59.54 -19.15
N PRO A 276 6.94 59.62 -19.24
CA PRO A 276 6.23 58.98 -20.37
C PRO A 276 6.55 59.70 -21.67
N ASP A 277 7.02 58.95 -22.66
CA ASP A 277 7.48 59.51 -23.92
C ASP A 277 6.90 58.74 -25.09
N LYS A 278 6.88 59.40 -26.25
CA LYS A 278 6.49 58.77 -27.50
C LYS A 278 7.73 58.20 -28.18
N GLY A 279 7.59 57.00 -28.74
CA GLY A 279 8.71 56.36 -29.41
C GLY A 279 9.84 55.98 -28.47
N ASP A 280 9.51 55.45 -27.30
CA ASP A 280 10.53 55.10 -26.31
C ASP A 280 9.97 53.96 -25.45
N GLN A 281 10.40 52.73 -25.73
CA GLN A 281 10.14 51.62 -24.83
C GLN A 281 11.45 50.86 -24.61
N LEU A 282 11.81 50.67 -23.36
CA LEU A 282 13.03 49.97 -22.99
C LEU A 282 12.67 48.62 -22.38
N PHE A 283 13.68 47.77 -22.23
CA PHE A 283 13.48 46.35 -21.98
C PHE A 283 14.78 45.69 -21.54
N PHE A 284 14.66 44.74 -20.63
CA PHE A 284 15.81 44.07 -20.03
C PHE A 284 15.79 42.60 -20.41
N VAL A 285 16.98 42.06 -20.68
CA VAL A 285 17.14 40.62 -20.93
C VAL A 285 18.22 40.10 -20.00
N VAL A 286 17.99 38.93 -19.41
CA VAL A 286 18.87 38.35 -18.41
C VAL A 286 19.21 36.94 -18.84
N PHE A 287 20.50 36.58 -18.77
CA PHE A 287 20.93 35.23 -19.02
C PHE A 287 21.57 34.66 -17.76
N GLU A 288 21.41 33.36 -17.57
CA GLU A 288 21.85 32.69 -16.36
C GLU A 288 22.25 31.28 -16.74
N TRP A 289 22.38 30.40 -15.74
CA TRP A 289 22.57 28.98 -16.00
C TRP A 289 21.64 28.21 -15.08
N LYS A 290 20.79 27.38 -15.68
CA LYS A 290 19.72 26.72 -14.93
C LYS A 290 20.29 25.77 -13.87
N ASP A 291 21.03 24.77 -14.32
CA ASP A 291 21.60 23.78 -13.41
C ASP A 291 23.08 23.58 -13.71
N PRO A 292 23.86 23.18 -12.71
CA PRO A 292 25.25 22.80 -12.98
C PRO A 292 25.34 21.39 -13.54
N TYR A 293 24.45 21.08 -14.48
CA TYR A 293 24.35 19.76 -15.08
C TYR A 293 24.40 19.91 -16.59
N ILE A 294 24.70 18.79 -17.26
CA ILE A 294 24.71 18.73 -18.71
C ILE A 294 24.07 17.39 -19.10
N GLN A 295 22.84 17.44 -19.60
CA GLN A 295 22.15 16.21 -19.96
C GLN A 295 22.73 15.62 -21.23
N GLU A 296 22.98 14.31 -21.20
CA GLU A 296 23.44 13.57 -22.37
C GLU A 296 22.31 12.68 -22.86
N ILE A 297 21.96 12.80 -24.13
CA ILE A 297 20.99 11.93 -24.77
C ILE A 297 21.76 11.06 -25.76
N GLN A 298 22.03 9.82 -25.35
CA GLN A 298 22.83 8.89 -26.14
C GLN A 298 21.97 7.70 -26.52
N ASP A 299 22.07 7.29 -27.78
CA ASP A 299 21.30 6.16 -28.30
C ASP A 299 22.16 4.90 -28.25
N ILE A 300 21.65 3.87 -27.60
CA ILE A 300 22.32 2.58 -27.54
C ILE A 300 21.63 1.62 -28.49
N ILE A 301 22.27 0.48 -28.75
CA ILE A 301 21.75 -0.53 -29.66
C ILE A 301 21.53 -1.81 -28.88
N THR A 302 20.33 -2.38 -28.98
CA THR A 302 19.99 -3.57 -28.23
C THR A 302 20.61 -4.82 -28.84
N ALA A 303 20.47 -4.99 -30.14
CA ALA A 303 20.93 -6.21 -30.80
C ALA A 303 22.46 -6.23 -30.89
N ASN A 304 23.03 -7.41 -30.66
CA ASN A 304 24.46 -7.64 -30.80
C ASN A 304 24.66 -8.85 -31.70
N PRO A 305 25.36 -8.70 -32.84
CA PRO A 305 25.60 -9.87 -33.69
C PRO A 305 26.35 -10.98 -32.98
N TRP A 306 27.31 -10.65 -32.12
CA TRP A 306 28.05 -11.67 -31.39
C TRP A 306 27.11 -12.49 -30.52
N SER A 307 26.30 -11.83 -29.70
CA SER A 307 25.38 -12.55 -28.84
C SER A 307 24.39 -13.36 -29.65
N MET A 308 23.85 -12.77 -30.73
CA MET A 308 22.81 -13.45 -31.50
C MET A 308 23.36 -14.71 -32.16
N ILE A 309 24.56 -14.61 -32.76
CA ILE A 309 25.15 -15.81 -33.35
C ILE A 309 25.51 -16.80 -32.25
N ALA A 310 25.78 -16.32 -31.03
CA ALA A 310 25.99 -17.25 -29.92
C ALA A 310 24.73 -18.05 -29.62
N LEU A 311 23.58 -17.36 -29.60
CA LEU A 311 22.29 -18.08 -29.39
C LEU A 311 22.12 -19.10 -30.50
N LEU A 312 22.37 -18.68 -31.76
CA LEU A 312 22.20 -19.58 -32.89
C LEU A 312 23.09 -20.81 -32.76
N CYS A 313 24.34 -20.61 -32.36
CA CYS A 313 25.25 -21.73 -32.18
C CYS A 313 24.77 -22.67 -31.07
N SER A 314 24.26 -22.10 -29.98
CA SER A 314 23.77 -22.94 -28.89
C SER A 314 22.59 -23.80 -29.32
N VAL A 315 21.63 -23.19 -30.02
CA VAL A 315 20.46 -23.98 -30.44
C VAL A 315 20.86 -25.00 -31.50
N PHE A 316 21.83 -24.67 -32.36
CA PHE A 316 22.32 -25.65 -33.32
C PHE A 316 23.00 -26.82 -32.60
N LEU A 317 23.75 -26.54 -31.54
CA LEU A 317 24.33 -27.61 -30.74
C LEU A 317 23.24 -28.49 -30.15
N VAL A 318 22.18 -27.88 -29.63
CA VAL A 318 21.11 -28.65 -29.01
C VAL A 318 20.45 -29.57 -30.04
N LEU A 319 20.17 -29.03 -31.22
CA LEU A 319 19.53 -29.85 -32.26
C LEU A 319 20.48 -30.94 -32.78
N PHE A 320 21.77 -30.65 -32.83
CA PHE A 320 22.74 -31.68 -33.22
C PHE A 320 22.75 -32.81 -32.20
N LYS A 321 22.70 -32.47 -30.90
CA LYS A 321 22.60 -33.49 -29.87
C LYS A 321 21.30 -34.27 -29.96
N ALA A 322 20.21 -33.58 -30.35
CA ALA A 322 18.94 -34.28 -30.57
C ALA A 322 19.05 -35.28 -31.72
N ALA A 323 19.73 -34.90 -32.79
CA ALA A 323 19.98 -35.83 -33.89
C ALA A 323 20.85 -37.00 -33.43
N ASP A 324 21.79 -36.73 -32.52
CA ASP A 324 22.60 -37.83 -31.96
C ASP A 324 21.74 -38.79 -31.16
N PHE A 325 20.81 -38.26 -30.36
CA PHE A 325 19.86 -39.14 -29.67
C PHE A 325 18.98 -39.90 -30.67
N ALA A 326 18.66 -39.27 -31.79
CA ALA A 326 17.94 -39.99 -32.85
C ALA A 326 18.77 -41.15 -33.38
N LYS A 327 20.07 -40.94 -33.56
CA LYS A 327 20.95 -42.03 -33.98
C LYS A 327 21.01 -43.13 -32.92
N LEU A 328 20.98 -42.74 -31.65
CA LEU A 328 20.91 -43.73 -30.57
C LEU A 328 19.62 -44.54 -30.65
N SER A 329 18.50 -43.87 -30.97
CA SER A 329 17.26 -44.60 -31.20
C SER A 329 17.38 -45.53 -32.41
N VAL A 330 18.15 -45.12 -33.42
CA VAL A 330 18.39 -45.97 -34.58
C VAL A 330 19.12 -47.25 -34.16
N LYS A 331 20.14 -47.10 -33.31
CA LYS A 331 20.88 -48.28 -32.86
C LYS A 331 20.01 -49.16 -31.96
N TRP A 332 19.11 -48.55 -31.18
CA TRP A 332 18.14 -49.34 -30.40
C TRP A 332 17.23 -50.13 -31.33
N MET A 333 16.77 -49.51 -32.41
CA MET A 333 15.98 -50.21 -33.41
C MET A 333 16.78 -51.35 -34.04
N ILE A 334 18.07 -51.11 -34.29
CA ILE A 334 18.92 -52.13 -34.89
C ILE A 334 19.01 -53.34 -33.97
N LYS A 335 19.23 -53.11 -32.67
CA LYS A 335 19.27 -54.21 -31.73
C LYS A 335 17.90 -54.91 -31.62
N VAL A 336 16.81 -54.16 -31.71
CA VAL A 336 15.48 -54.77 -31.71
C VAL A 336 15.33 -55.69 -32.90
N ARG A 337 15.80 -55.26 -34.07
CA ARG A 337 15.75 -56.11 -35.26
C ARG A 337 16.67 -57.33 -35.12
N ARG A 338 17.81 -57.17 -34.44
CA ARG A 338 18.65 -58.32 -34.17
C ARG A 338 17.92 -59.35 -33.31
N ARG A 339 17.20 -58.88 -32.29
CA ARG A 339 16.37 -59.78 -31.49
C ARG A 339 15.28 -60.42 -32.35
N HIS A 340 14.68 -59.63 -33.25
CA HIS A 340 13.61 -60.14 -34.11
C HIS A 340 14.10 -61.27 -35.00
N LEU A 341 15.30 -61.12 -35.56
CA LEU A 341 15.86 -62.20 -36.37
C LEU A 341 16.37 -63.36 -35.52
N LYS A 342 16.78 -63.08 -34.27
CA LYS A 342 17.18 -64.17 -33.38
C LYS A 342 16.00 -65.05 -33.02
N LYS A 343 14.82 -64.46 -32.79
CA LYS A 343 13.64 -65.24 -32.44
C LYS A 343 13.06 -65.92 -33.68
N ARG B 60 40.55 -50.14 0.67
CA ARG B 60 40.65 -48.86 -0.04
C ARG B 60 39.67 -48.81 -1.20
N THR B 61 39.21 -49.97 -1.65
CA THR B 61 38.15 -50.00 -2.66
C THR B 61 36.85 -49.42 -2.10
N CYS B 62 36.62 -49.58 -0.80
CA CYS B 62 35.50 -48.91 -0.16
C CYS B 62 35.69 -47.40 -0.21
N LEU B 63 36.93 -46.93 -0.05
CA LEU B 63 37.22 -45.51 -0.20
C LEU B 63 36.94 -45.03 -1.62
N LYS B 64 37.31 -45.84 -2.62
CA LYS B 64 37.04 -45.47 -4.01
C LYS B 64 35.54 -45.39 -4.27
N ASN B 65 34.78 -46.35 -3.75
CA ASN B 65 33.33 -46.30 -3.92
C ASN B 65 32.72 -45.13 -3.16
N PHE B 66 33.29 -44.76 -2.02
CA PHE B 66 32.79 -43.61 -1.29
C PHE B 66 33.08 -42.31 -2.03
N PHE B 67 34.23 -42.22 -2.69
CA PHE B 67 34.49 -41.06 -3.56
C PHE B 67 33.55 -41.05 -4.76
N SER B 68 33.20 -42.23 -5.28
CA SER B 68 32.18 -42.31 -6.31
C SER B 68 30.85 -41.79 -5.79
N VAL B 69 30.50 -42.12 -4.55
CA VAL B 69 29.27 -41.60 -3.94
C VAL B 69 29.36 -40.09 -3.77
N LEU B 70 30.55 -39.58 -3.46
CA LEU B 70 30.75 -38.14 -3.39
C LEU B 70 30.49 -37.50 -4.76
N LEU B 71 30.96 -38.13 -5.82
CA LEU B 71 30.63 -37.65 -7.16
C LEU B 71 29.13 -37.73 -7.43
N ILE B 72 28.47 -38.78 -6.92
CA ILE B 72 27.02 -38.88 -7.06
C ILE B 72 26.33 -37.68 -6.41
N LEU B 73 26.78 -37.32 -5.22
CA LEU B 73 26.23 -36.15 -4.55
C LEU B 73 26.52 -34.86 -5.33
N VAL B 74 27.73 -34.75 -5.89
CA VAL B 74 28.09 -33.60 -6.70
C VAL B 74 27.18 -33.51 -7.92
N TYR B 75 26.75 -34.65 -8.46
CA TYR B 75 25.91 -34.67 -9.65
C TYR B 75 24.61 -33.89 -9.43
N LEU B 76 24.17 -33.74 -8.19
CA LEU B 76 22.93 -33.03 -7.91
C LEU B 76 23.12 -31.55 -7.61
N LEU B 77 24.31 -31.13 -7.17
CA LEU B 77 24.51 -29.70 -6.95
C LEU B 77 24.49 -28.94 -8.28
N LEU B 78 24.92 -29.57 -9.36
CA LEU B 78 24.76 -28.97 -10.68
C LEU B 78 23.30 -28.80 -11.03
N MET B 79 22.46 -29.80 -10.71
CA MET B 79 21.03 -29.67 -10.93
C MET B 79 20.46 -28.51 -10.12
N GLY B 80 20.88 -28.39 -8.87
CA GLY B 80 20.40 -27.30 -8.03
C GLY B 80 20.80 -25.94 -8.57
N VAL B 81 22.06 -25.81 -9.00
CA VAL B 81 22.53 -24.55 -9.57
C VAL B 81 21.77 -24.23 -10.85
N ALA B 82 21.51 -25.24 -11.68
CA ALA B 82 20.77 -25.01 -12.91
C ALA B 82 19.34 -24.54 -12.62
N VAL B 83 18.68 -25.16 -11.64
CA VAL B 83 17.32 -24.75 -11.31
C VAL B 83 17.32 -23.34 -10.74
N PHE B 84 18.34 -23.01 -9.92
CA PHE B 84 18.45 -21.65 -9.39
C PHE B 84 18.63 -20.64 -10.52
N LEU B 85 19.48 -20.95 -11.50
CA LEU B 85 19.67 -20.05 -12.62
C LEU B 85 18.40 -19.93 -13.46
N VAL B 86 17.65 -21.02 -13.59
CA VAL B 86 16.38 -20.95 -14.32
C VAL B 86 15.42 -20.03 -13.60
N TYR B 87 15.34 -20.14 -12.27
CA TYR B 87 14.47 -19.25 -11.51
C TYR B 87 14.92 -17.80 -11.65
N GLN B 88 16.23 -17.56 -11.60
CA GLN B 88 16.73 -16.20 -11.78
C GLN B 88 16.36 -15.66 -13.15
N THR B 89 16.48 -16.49 -14.19
CA THR B 89 16.15 -16.07 -15.53
C THR B 89 14.67 -15.76 -15.66
N ILE B 90 13.81 -16.56 -15.04
CA ILE B 90 12.38 -16.29 -15.14
C ILE B 90 12.02 -15.02 -14.39
N THR B 91 12.67 -14.77 -13.24
CA THR B 91 12.44 -13.51 -12.54
C THR B 91 12.91 -12.32 -13.37
N ASP B 92 14.06 -12.44 -14.02
CA ASP B 92 14.53 -11.34 -14.86
C ASP B 92 13.61 -11.12 -16.05
N PHE B 93 13.07 -12.20 -16.62
CA PHE B 93 12.11 -12.06 -17.71
C PHE B 93 10.85 -11.35 -17.25
N ARG B 94 10.34 -11.72 -16.08
CA ARG B 94 9.16 -11.04 -15.54
C ARG B 94 9.45 -9.57 -15.28
N ASP B 95 10.63 -9.27 -14.72
CA ASP B 95 11.00 -7.88 -14.48
C ASP B 95 11.09 -7.09 -15.78
N LYS B 96 11.67 -7.68 -16.82
CA LYS B 96 11.80 -6.97 -18.09
C LYS B 96 10.44 -6.78 -18.75
N LEU B 97 9.53 -7.73 -18.58
CA LEU B 97 8.16 -7.52 -19.04
C LEU B 97 7.39 -6.56 -18.16
N LYS B 98 7.90 -6.25 -16.97
CA LYS B 98 7.28 -5.29 -16.07
C LYS B 98 7.69 -3.85 -16.35
N HIS B 99 8.88 -3.64 -16.92
CA HIS B 99 9.41 -2.30 -17.19
C HIS B 99 9.80 -2.21 -18.67
N PRO B 100 8.83 -1.97 -19.55
CA PRO B 100 9.15 -1.81 -20.96
C PRO B 100 9.99 -0.57 -21.20
N VAL B 101 10.91 -0.65 -22.15
CA VAL B 101 11.83 0.43 -22.43
C VAL B 101 11.24 1.30 -23.54
N MET B 102 11.72 2.54 -23.63
CA MET B 102 11.19 3.53 -24.55
C MET B 102 12.28 4.01 -25.50
N SER B 103 11.86 4.43 -26.69
CA SER B 103 12.78 4.88 -27.72
C SER B 103 12.16 6.04 -28.48
N VAL B 104 13.01 6.90 -29.04
CA VAL B 104 12.58 8.04 -29.83
C VAL B 104 13.41 8.11 -31.10
N SER B 105 12.76 8.49 -32.21
CA SER B 105 13.42 8.68 -33.49
C SER B 105 12.83 9.91 -34.16
N TYR B 106 13.64 10.93 -34.35
CA TYR B 106 13.16 12.21 -34.89
C TYR B 106 13.13 12.11 -36.42
N LYS B 107 12.01 11.63 -36.94
CA LYS B 107 11.80 11.59 -38.37
C LYS B 107 11.56 13.00 -38.91
N GLU B 108 11.67 13.14 -40.22
CA GLU B 108 11.55 14.43 -40.89
C GLU B 108 10.29 14.47 -41.76
N VAL B 109 9.66 15.63 -41.81
CA VAL B 109 8.47 15.85 -42.63
C VAL B 109 8.70 17.08 -43.49
N ASN B 110 8.43 16.95 -44.79
CA ASN B 110 8.60 18.06 -45.70
C ASN B 110 7.42 19.03 -45.68
N MET B 111 6.20 18.50 -45.63
CA MET B 111 4.99 19.31 -45.68
C MET B 111 4.06 18.84 -44.58
N TYR B 112 4.01 19.58 -43.47
CA TYR B 112 3.14 19.21 -42.37
C TYR B 112 1.68 19.26 -42.80
N ASP B 113 0.88 18.36 -42.20
CA ASP B 113 -0.55 18.40 -42.40
C ASP B 113 -1.13 19.69 -41.84
N ALA B 114 -2.18 20.18 -42.49
CA ALA B 114 -2.89 21.35 -41.98
C ALA B 114 -3.47 21.01 -40.62
N PRO B 115 -2.95 21.58 -39.54
CA PRO B 115 -3.34 21.14 -38.20
C PRO B 115 -4.72 21.64 -37.79
N GLY B 116 -5.09 21.39 -36.54
CA GLY B 116 -6.35 21.85 -36.01
C GLY B 116 -6.13 22.97 -35.00
N ILE B 117 -6.94 24.01 -35.12
CA ILE B 117 -6.87 25.18 -34.26
C ILE B 117 -8.28 25.52 -33.81
N ALA B 118 -8.59 25.22 -32.55
CA ALA B 118 -9.89 25.53 -31.98
C ALA B 118 -9.77 26.79 -31.13
N LEU B 119 -10.70 27.72 -31.31
CA LEU B 119 -10.73 28.97 -30.57
C LEU B 119 -12.11 29.19 -29.99
N TYR B 120 -12.16 29.74 -28.78
CA TYR B 120 -13.42 30.08 -28.11
C TYR B 120 -13.38 31.54 -27.70
N PRO B 121 -13.43 32.45 -28.68
CA PRO B 121 -13.31 33.88 -28.35
C PRO B 121 -14.41 34.39 -27.43
N GLY B 122 -15.62 33.86 -27.55
CA GLY B 122 -16.73 34.36 -26.76
C GLY B 122 -17.42 35.52 -27.42
N LYS B 123 -17.16 36.74 -26.93
CA LYS B 123 -17.75 37.95 -27.49
C LYS B 123 -16.74 38.75 -28.31
N ALA B 124 -15.66 38.12 -28.76
CA ALA B 124 -14.66 38.79 -29.55
C ALA B 124 -15.04 38.73 -31.03
N ARG B 125 -14.11 39.12 -31.90
CA ARG B 125 -14.38 39.14 -33.33
C ARG B 125 -13.05 39.16 -34.08
N LEU B 126 -12.84 38.18 -34.94
CA LEU B 126 -11.59 38.06 -35.69
C LEU B 126 -11.50 39.21 -36.69
N LEU B 127 -10.46 40.03 -36.54
CA LEU B 127 -10.28 41.20 -37.39
C LEU B 127 -9.27 40.98 -38.50
N SER B 128 -8.49 39.91 -38.43
CA SER B 128 -7.50 39.61 -39.45
C SER B 128 -7.04 38.17 -39.28
N CYS B 129 -6.91 37.45 -40.39
CA CYS B 129 -6.50 36.05 -40.38
C CYS B 129 -5.50 35.78 -41.49
N GLU B 130 -4.54 36.68 -41.64
CA GLU B 130 -3.63 36.65 -42.78
C GLU B 130 -2.59 35.54 -42.64
N HIS B 131 -2.39 34.77 -43.71
CA HIS B 131 -1.28 33.83 -43.81
C HIS B 131 -0.07 34.55 -44.36
N HIS B 132 0.82 34.98 -43.48
CA HIS B 132 2.16 35.40 -43.91
C HIS B 132 2.91 34.14 -44.32
N TRP B 133 3.08 33.95 -45.62
CA TRP B 133 3.63 32.69 -46.12
C TRP B 133 5.04 32.45 -45.60
N TYR B 134 5.92 33.44 -45.78
CA TYR B 134 7.20 33.42 -45.10
C TYR B 134 7.62 34.79 -44.59
N ASP B 135 6.85 35.82 -44.86
CA ASP B 135 7.22 37.18 -44.46
C ASP B 135 6.93 37.41 -42.99
N HIS B 136 7.76 38.23 -42.37
CA HIS B 136 7.58 38.61 -40.98
C HIS B 136 7.28 40.10 -40.81
N ILE B 137 7.11 40.84 -41.91
CA ILE B 137 6.79 42.27 -41.85
C ILE B 137 5.37 42.42 -41.32
N PRO B 138 5.17 43.13 -40.21
CA PRO B 138 3.83 43.24 -39.64
C PRO B 138 3.07 44.41 -40.27
N PRO B 139 1.96 44.13 -40.95
CA PRO B 139 1.11 45.21 -41.44
C PRO B 139 0.19 45.69 -40.32
N LEU B 140 0.05 47.02 -40.20
CA LEU B 140 -0.85 47.61 -39.22
C LEU B 140 -1.72 48.63 -39.96
N LYS B 141 -2.83 48.15 -40.52
CA LYS B 141 -3.79 49.04 -41.16
C LYS B 141 -4.52 49.87 -40.12
N ASP B 142 -5.22 49.20 -39.20
CA ASP B 142 -5.88 49.86 -38.09
C ASP B 142 -6.12 48.84 -36.98
N PRO B 143 -5.65 49.11 -35.77
CA PRO B 143 -5.87 48.16 -34.67
C PRO B 143 -7.32 48.15 -34.23
N GLY B 144 -8.16 47.42 -34.96
CA GLY B 144 -9.58 47.40 -34.66
C GLY B 144 -10.43 47.28 -35.91
N GLN B 145 -9.85 47.55 -37.07
CA GLN B 145 -10.60 47.40 -38.31
C GLN B 145 -10.68 45.92 -38.70
N PRO B 146 -11.79 45.50 -39.31
CA PRO B 146 -11.85 44.14 -39.88
C PRO B 146 -11.34 44.13 -41.31
N GLY B 147 -10.51 43.15 -41.64
CA GLY B 147 -10.00 43.04 -42.98
C GLY B 147 -9.04 41.88 -43.11
N GLU B 148 -8.85 41.46 -44.36
CA GLU B 148 -7.89 40.40 -44.71
C GLU B 148 -8.21 39.11 -43.97
N ASN B 149 -9.38 38.57 -44.24
CA ASN B 149 -9.82 37.30 -43.65
C ASN B 149 -9.41 36.12 -44.53
N THR B 150 -8.14 36.11 -44.94
CA THR B 150 -7.66 35.15 -45.94
C THR B 150 -7.16 33.88 -45.26
N CYS B 151 -8.11 33.07 -44.81
CA CYS B 151 -7.81 31.77 -44.23
C CYS B 151 -9.04 30.88 -44.34
N VAL B 152 -8.80 29.58 -44.19
CA VAL B 152 -9.86 28.58 -44.29
C VAL B 152 -10.44 28.41 -42.89
N THR B 153 -11.44 29.23 -42.57
CA THR B 153 -12.08 29.23 -41.28
C THR B 153 -13.48 28.63 -41.37
N GLN B 154 -13.97 28.15 -40.23
CA GLN B 154 -15.29 27.54 -40.15
C GLN B 154 -15.68 27.45 -38.67
N ASP B 155 -16.86 27.99 -38.34
CA ASP B 155 -17.31 28.04 -36.96
C ASP B 155 -18.66 27.37 -36.82
N ILE B 156 -18.77 26.44 -35.87
CA ILE B 156 -20.05 25.87 -35.45
C ILE B 156 -20.04 25.80 -33.93
N SER B 157 -21.16 26.19 -33.32
CA SER B 157 -21.28 26.15 -31.87
C SER B 157 -21.78 24.79 -31.42
N TYR B 158 -21.09 24.20 -30.44
CA TYR B 158 -21.47 22.91 -29.90
C TYR B 158 -21.62 23.02 -28.39
N ILE B 159 -22.51 22.19 -27.84
CA ILE B 159 -22.71 22.19 -26.40
C ILE B 159 -21.52 21.54 -25.70
N ASP B 160 -21.44 21.77 -24.39
CA ASP B 160 -20.31 21.28 -23.62
C ASP B 160 -20.36 19.76 -23.50
N PRO B 161 -19.29 19.05 -23.83
CA PRO B 161 -19.20 17.62 -23.50
C PRO B 161 -18.73 17.35 -22.08
N TYR B 162 -18.37 18.38 -21.32
CA TYR B 162 -17.87 18.21 -19.97
C TYR B 162 -18.86 18.72 -18.92
N THR B 163 -19.29 19.98 -19.01
CA THR B 163 -20.31 20.49 -18.11
C THR B 163 -21.71 20.15 -18.58
N ASN B 164 -21.90 19.98 -19.89
CA ASN B 164 -23.17 19.61 -20.53
C ASN B 164 -24.22 20.70 -20.43
N LYS B 165 -23.87 21.89 -19.98
CA LYS B 165 -24.80 23.03 -19.95
C LYS B 165 -24.43 24.09 -20.97
N THR B 166 -23.19 24.56 -20.96
CA THR B 166 -22.77 25.65 -21.83
C THR B 166 -22.53 25.15 -23.25
N MET B 167 -22.58 26.10 -24.19
CA MET B 167 -22.23 25.84 -25.57
C MET B 167 -20.87 26.45 -25.88
N LYS B 168 -20.12 25.80 -26.77
CA LYS B 168 -18.77 26.22 -27.10
C LYS B 168 -18.73 26.61 -28.58
N HIS B 169 -18.25 27.81 -28.86
CA HIS B 169 -18.23 28.35 -30.22
C HIS B 169 -16.87 28.06 -30.82
N ALA B 170 -16.78 26.98 -31.60
CA ALA B 170 -15.51 26.51 -32.14
C ALA B 170 -15.19 27.29 -33.42
N LEU B 171 -14.65 28.49 -33.23
CA LEU B 171 -14.18 29.30 -34.36
C LEU B 171 -12.86 28.70 -34.81
N ILE B 172 -12.97 27.68 -35.64
CA ILE B 172 -11.83 26.88 -36.06
C ILE B 172 -11.16 27.51 -37.26
N VAL B 173 -9.83 27.54 -37.24
CA VAL B 173 -9.03 28.06 -38.35
C VAL B 173 -8.07 26.95 -38.78
N GLN B 174 -7.89 26.82 -40.10
CA GLN B 174 -7.11 25.71 -40.65
C GLN B 174 -5.69 25.70 -40.13
N GLY B 175 -4.89 26.70 -40.48
CA GLY B 175 -3.55 26.79 -40.00
C GLY B 175 -2.48 26.62 -41.07
N PRO B 176 -1.23 26.56 -40.65
CA PRO B 176 -0.11 26.52 -41.60
C PRO B 176 0.38 25.12 -41.91
N ARG B 177 0.96 24.94 -43.09
CA ARG B 177 1.47 23.63 -43.51
C ARG B 177 2.96 23.64 -43.77
N ASP B 178 3.45 24.56 -44.59
CA ASP B 178 4.82 24.53 -45.08
C ASP B 178 5.77 25.00 -43.97
N VAL B 179 6.45 24.05 -43.33
CA VAL B 179 7.44 24.42 -42.32
C VAL B 179 8.67 25.05 -42.94
N ARG B 180 9.03 24.64 -44.16
CA ARG B 180 10.20 25.23 -44.81
C ARG B 180 10.02 26.73 -45.04
N ARG B 181 8.84 27.13 -45.50
CA ARG B 181 8.55 28.55 -45.62
C ARG B 181 8.16 29.18 -44.30
N ARG B 182 7.99 28.37 -43.25
CA ARG B 182 7.60 28.86 -41.93
C ARG B 182 6.30 29.65 -42.00
N GLU B 183 5.27 29.01 -42.57
CA GLU B 183 3.96 29.62 -42.64
C GLU B 183 3.45 29.91 -41.24
N LEU B 184 2.93 31.11 -41.03
CA LEU B 184 2.38 31.51 -39.74
C LEU B 184 1.05 32.20 -39.95
N VAL B 185 0.08 31.85 -39.11
CA VAL B 185 -1.29 32.30 -39.27
C VAL B 185 -1.51 33.44 -38.28
N PHE B 186 -1.27 34.66 -38.74
CA PHE B 186 -1.38 35.83 -37.87
C PHE B 186 -2.85 36.17 -37.67
N LEU B 187 -3.37 35.91 -36.47
CA LEU B 187 -4.74 36.23 -36.14
C LEU B 187 -4.85 37.65 -35.61
N GLN B 188 -6.02 38.01 -35.12
CA GLN B 188 -6.28 39.27 -34.45
C GLN B 188 -7.66 39.22 -33.83
N PHE B 189 -7.79 39.78 -32.63
CA PHE B 189 -9.07 39.77 -31.93
C PHE B 189 -9.20 41.03 -31.08
N HIS B 190 -10.41 41.56 -31.04
CA HIS B 190 -10.74 42.71 -30.20
C HIS B 190 -11.87 42.33 -29.26
N LEU B 191 -11.84 42.89 -28.05
CA LEU B 191 -12.87 42.63 -27.06
C LEU B 191 -13.34 43.94 -26.45
N ASN B 192 -14.65 44.04 -26.23
CA ASN B 192 -15.19 45.19 -25.51
C ASN B 192 -14.87 45.06 -24.03
N GLU B 193 -14.79 46.20 -23.35
CA GLU B 193 -14.41 46.22 -21.94
C GLU B 193 -15.46 45.48 -21.11
N THR B 194 -14.98 44.63 -20.21
CA THR B 194 -15.85 43.84 -19.36
C THR B 194 -15.18 43.67 -18.00
N LYS B 195 -15.98 43.28 -17.00
CA LYS B 195 -15.56 43.33 -15.61
C LYS B 195 -14.70 42.16 -15.17
N GLN B 196 -14.36 41.23 -16.07
CA GLN B 196 -13.65 40.02 -15.63
C GLN B 196 -12.25 40.29 -15.10
N ASP B 197 -11.72 41.50 -15.31
CA ASP B 197 -10.52 42.05 -14.71
C ASP B 197 -9.23 41.49 -15.33
N PHE B 198 -9.30 40.51 -16.21
CA PHE B 198 -8.14 40.07 -16.99
C PHE B 198 -8.63 39.24 -18.16
N SER B 199 -8.29 39.66 -19.38
CA SER B 199 -8.80 39.01 -20.57
C SER B 199 -8.07 37.69 -20.81
N ALA B 200 -8.67 36.84 -21.63
CA ALA B 200 -8.10 35.56 -22.01
C ALA B 200 -8.96 34.94 -23.09
N ILE B 201 -8.36 34.04 -23.87
CA ILE B 201 -9.07 33.24 -24.86
C ILE B 201 -8.51 31.83 -24.79
N ASP B 202 -9.30 30.89 -24.28
CA ASP B 202 -8.91 29.50 -24.34
C ASP B 202 -8.88 29.03 -25.80
N TYR B 203 -7.82 28.30 -26.14
CA TYR B 203 -7.68 27.78 -27.49
C TYR B 203 -7.02 26.42 -27.44
N LEU B 204 -7.53 25.49 -28.25
CA LEU B 204 -7.09 24.11 -28.26
C LEU B 204 -6.73 23.70 -29.67
N LEU B 205 -6.02 22.59 -29.78
CA LEU B 205 -5.51 22.11 -31.06
C LEU B 205 -5.85 20.64 -31.24
N PHE B 206 -6.10 20.24 -32.49
CA PHE B 206 -6.33 18.85 -32.82
C PHE B 206 -5.50 18.48 -34.05
N SER B 207 -5.55 17.20 -34.42
CA SER B 207 -4.54 16.62 -35.31
C SER B 207 -4.53 17.31 -36.67
N SER B 208 -5.69 17.41 -37.32
CA SER B 208 -5.72 17.95 -38.67
C SER B 208 -7.09 18.58 -38.94
N TYR B 209 -7.06 19.75 -39.58
CA TYR B 209 -8.31 20.40 -39.97
C TYR B 209 -9.07 19.56 -41.00
N GLU B 210 -8.36 18.77 -41.80
CA GLU B 210 -9.03 17.88 -42.74
C GLU B 210 -9.84 16.82 -42.01
N ALA B 211 -9.42 16.43 -40.81
CA ALA B 211 -10.21 15.52 -39.99
C ALA B 211 -11.52 16.14 -39.51
N PHE B 212 -11.67 17.46 -39.66
CA PHE B 212 -12.95 18.13 -39.46
C PHE B 212 -13.64 18.45 -40.77
N LEU B 213 -12.89 18.63 -41.85
CA LEU B 213 -13.48 19.04 -43.13
C LEU B 213 -14.36 17.93 -43.70
N LYS B 214 -13.78 16.77 -43.97
CA LYS B 214 -14.49 15.69 -44.64
C LYS B 214 -15.24 14.77 -43.69
N SER B 215 -14.78 14.63 -42.45
CA SER B 215 -15.41 13.71 -41.52
C SER B 215 -16.78 14.23 -41.09
N HIS B 216 -17.59 13.31 -40.59
CA HIS B 216 -18.91 13.59 -40.07
C HIS B 216 -18.88 13.58 -38.54
N ASP B 217 -20.05 13.72 -37.93
CA ASP B 217 -20.18 13.81 -36.47
C ASP B 217 -19.28 14.91 -35.92
N GLN B 218 -19.33 16.07 -36.59
CA GLN B 218 -18.47 17.19 -36.22
C GLN B 218 -18.70 17.63 -34.78
N VAL B 219 -19.94 17.50 -34.29
CA VAL B 219 -20.20 17.81 -32.88
C VAL B 219 -19.41 16.86 -31.98
N LYS B 220 -19.47 15.57 -32.27
CA LYS B 220 -18.69 14.59 -31.51
C LYS B 220 -17.20 14.73 -31.80
N PHE B 221 -16.84 15.04 -33.04
CA PHE B 221 -15.43 15.14 -33.41
C PHE B 221 -14.69 16.22 -32.64
N MET B 222 -15.41 17.20 -32.12
CA MET B 222 -14.82 18.16 -31.19
C MET B 222 -15.11 17.79 -29.75
N GLN B 223 -16.29 17.23 -29.46
CA GLN B 223 -16.67 16.92 -28.10
C GLN B 223 -15.72 15.91 -27.46
N ASP B 224 -15.17 14.98 -28.27
CA ASP B 224 -14.20 14.04 -27.74
C ASP B 224 -12.93 14.75 -27.29
N CYS B 225 -12.45 15.71 -28.08
CA CYS B 225 -11.24 16.46 -27.76
C CYS B 225 -11.59 17.60 -26.79
N GLU B 226 -11.84 17.20 -25.54
CA GLU B 226 -12.31 18.12 -24.52
C GLU B 226 -11.28 18.35 -23.41
N SER B 227 -10.83 17.28 -22.75
CA SER B 227 -9.92 17.41 -21.62
C SER B 227 -8.58 16.73 -21.87
N SER B 228 -8.34 16.27 -23.10
CA SER B 228 -7.05 15.63 -23.41
C SER B 228 -5.90 16.62 -23.23
N PHE B 229 -6.09 17.86 -23.66
CA PHE B 229 -5.09 18.90 -23.56
C PHE B 229 -5.33 19.72 -22.30
N SER B 230 -4.60 20.83 -22.16
CA SER B 230 -4.63 21.62 -20.94
C SER B 230 -5.20 23.03 -21.14
N SER B 231 -5.76 23.31 -22.32
CA SER B 231 -6.48 24.55 -22.59
C SER B 231 -5.60 25.79 -22.35
N TRP B 232 -4.58 25.92 -23.19
CA TRP B 232 -3.75 27.10 -23.18
C TRP B 232 -4.55 28.34 -23.57
N LYS B 233 -3.98 29.51 -23.31
CA LYS B 233 -4.71 30.75 -23.50
C LYS B 233 -3.74 31.90 -23.71
N PHE B 234 -4.10 32.80 -24.63
CA PHE B 234 -3.35 34.03 -24.85
C PHE B 234 -4.12 35.21 -24.26
N SER B 235 -3.41 36.29 -24.01
CA SER B 235 -3.93 37.40 -23.22
C SER B 235 -4.15 38.64 -24.06
N GLY B 236 -4.55 39.71 -23.39
CA GLY B 236 -4.81 40.97 -24.04
C GLY B 236 -3.60 41.87 -24.09
N GLY B 237 -3.48 42.62 -25.18
CA GLY B 237 -2.33 43.48 -25.37
C GLY B 237 -1.05 42.73 -25.62
N PHE B 238 -1.12 41.46 -26.01
CA PHE B 238 0.03 40.62 -26.24
C PHE B 238 0.03 40.12 -27.68
N ARG B 239 1.11 39.44 -28.04
CA ARG B 239 1.30 38.87 -29.37
C ARG B 239 1.79 37.45 -29.24
N THR B 240 1.07 36.65 -28.45
CA THR B 240 1.52 35.31 -28.08
C THR B 240 1.96 34.51 -29.29
N TRP B 241 3.26 34.27 -29.40
CA TRP B 241 3.82 33.54 -30.52
C TRP B 241 3.92 32.06 -30.13
N VAL B 242 3.21 31.22 -30.85
CA VAL B 242 3.05 29.82 -30.48
C VAL B 242 3.74 28.98 -31.55
N LYS B 243 4.98 28.58 -31.29
CA LYS B 243 5.67 27.63 -32.16
C LYS B 243 5.26 26.22 -31.72
N MET B 244 4.47 25.55 -32.54
CA MET B 244 3.90 24.26 -32.20
C MET B 244 4.74 23.13 -32.77
N SER B 245 4.77 22.02 -32.04
CA SER B 245 5.42 20.80 -32.50
C SER B 245 4.50 19.63 -32.19
N LEU B 246 4.69 18.54 -32.93
CA LEU B 246 3.78 17.41 -32.89
C LEU B 246 4.55 16.15 -32.51
N VAL B 247 4.07 15.47 -31.48
CA VAL B 247 4.70 14.24 -30.97
C VAL B 247 3.71 13.10 -31.11
N LYS B 248 4.18 11.99 -31.68
CA LYS B 248 3.36 10.80 -31.91
C LYS B 248 3.84 9.68 -31.00
N THR B 249 2.93 9.11 -30.21
CA THR B 249 3.25 7.97 -29.39
C THR B 249 2.75 6.69 -30.05
N LYS B 250 3.55 5.64 -29.95
CA LYS B 250 3.24 4.34 -30.56
C LYS B 250 3.00 3.34 -29.44
N GLU B 251 1.74 3.05 -29.17
CA GLU B 251 1.35 2.14 -28.10
C GLU B 251 1.14 0.73 -28.66
N GLU B 252 0.61 -0.15 -27.82
CA GLU B 252 0.58 -1.58 -28.14
C GLU B 252 -0.40 -1.89 -29.26
N ASP B 253 -1.58 -1.26 -29.25
CA ASP B 253 -2.66 -1.67 -30.15
C ASP B 253 -2.54 -1.07 -31.55
N GLY B 254 -1.36 -0.59 -31.93
CA GLY B 254 -1.13 -0.11 -33.27
C GLY B 254 -1.62 1.29 -33.57
N SER B 255 -2.22 1.96 -32.59
CA SER B 255 -2.71 3.31 -32.79
C SER B 255 -1.60 4.33 -32.59
N GLN B 256 -1.73 5.47 -33.25
CA GLN B 256 -0.76 6.56 -33.18
C GLN B 256 -1.47 7.78 -32.61
N SER B 257 -1.43 7.92 -31.29
CA SER B 257 -2.06 9.05 -30.61
C SER B 257 -1.16 10.27 -30.76
N VAL B 258 -1.57 11.22 -31.60
CA VAL B 258 -0.79 12.42 -31.82
C VAL B 258 -1.11 13.45 -30.75
N GLU B 259 -0.07 14.11 -30.24
CA GLU B 259 -0.22 15.14 -29.23
C GLU B 259 0.52 16.39 -29.67
N PHE B 260 0.04 17.54 -29.24
CA PHE B 260 0.64 18.82 -29.60
C PHE B 260 1.40 19.38 -28.41
N ARG B 261 2.66 19.75 -28.65
CA ARG B 261 3.50 20.39 -27.65
C ARG B 261 4.04 21.66 -28.25
N GLN B 262 3.93 22.77 -27.52
CA GLN B 262 4.30 24.07 -28.06
C GLN B 262 5.00 24.89 -26.98
N GLU B 263 5.73 25.91 -27.42
CA GLU B 263 6.52 26.78 -26.56
C GLU B 263 6.16 28.23 -26.87
N THR B 264 5.26 28.80 -26.09
CA THR B 264 4.85 30.18 -26.30
C THR B 264 5.96 31.14 -25.92
N SER B 265 5.91 32.34 -26.49
CA SER B 265 6.87 33.39 -26.15
C SER B 265 6.14 34.72 -26.31
N VAL B 266 5.59 35.23 -25.21
CA VAL B 266 4.80 36.45 -25.25
C VAL B 266 5.68 37.64 -25.59
N VAL B 267 5.17 38.53 -26.43
CA VAL B 267 5.86 39.75 -26.82
C VAL B 267 4.89 40.91 -26.63
N ASN B 268 5.39 42.01 -26.07
CA ASN B 268 4.51 43.13 -25.77
C ASN B 268 3.97 43.75 -27.06
N PHE B 269 2.91 44.54 -26.91
CA PHE B 269 2.22 45.17 -28.02
C PHE B 269 1.97 46.63 -27.69
N ILE B 270 1.93 47.46 -28.73
CA ILE B 270 1.78 48.90 -28.57
C ILE B 270 0.36 49.28 -29.00
N ASP B 271 -0.45 49.71 -28.04
CA ASP B 271 -1.79 50.21 -28.32
C ASP B 271 -1.87 51.73 -28.27
N ARG B 272 -0.72 52.41 -28.14
CA ARG B 272 -0.72 53.86 -28.05
C ARG B 272 -1.21 54.54 -29.32
N ARG B 273 -1.28 53.81 -30.43
CA ARG B 273 -1.73 54.37 -31.69
C ARG B 273 -3.25 54.30 -31.87
N GLU B 274 -3.97 53.67 -30.94
CA GLU B 274 -5.42 53.56 -31.04
C GLU B 274 -6.17 54.34 -29.96
N THR B 275 -5.46 54.86 -28.96
CA THR B 275 -6.05 55.56 -27.82
C THR B 275 -7.13 54.71 -27.15
N PRO B 276 -6.76 53.60 -26.50
CA PRO B 276 -7.75 52.71 -25.86
C PRO B 276 -8.01 53.07 -24.40
N ASP B 277 -8.36 54.34 -24.15
CA ASP B 277 -8.56 54.80 -22.78
C ASP B 277 -9.78 54.16 -22.13
N LYS B 278 -10.76 53.70 -22.92
CA LYS B 278 -11.98 53.16 -22.36
C LYS B 278 -11.73 51.87 -21.59
N GLY B 279 -10.86 51.01 -22.09
CA GLY B 279 -10.57 49.75 -21.41
C GLY B 279 -10.72 48.54 -22.28
N ASP B 280 -10.71 48.74 -23.60
CA ASP B 280 -10.83 47.65 -24.56
C ASP B 280 -9.44 47.11 -24.89
N GLN B 281 -9.28 45.79 -24.81
CA GLN B 281 -8.02 45.14 -25.07
C GLN B 281 -8.05 44.44 -26.43
N LEU B 282 -6.86 44.21 -26.97
CA LEU B 282 -6.68 43.54 -28.25
C LEU B 282 -5.97 42.22 -28.05
N PHE B 283 -6.00 41.38 -29.08
CA PHE B 283 -5.35 40.09 -29.06
C PHE B 283 -4.65 39.85 -30.37
N PHE B 284 -3.54 39.11 -30.33
CA PHE B 284 -2.83 38.71 -31.54
C PHE B 284 -2.20 37.35 -31.29
N VAL B 285 -2.20 36.50 -32.31
CA VAL B 285 -1.66 35.16 -32.22
C VAL B 285 -1.00 34.81 -33.54
N VAL B 286 0.05 33.99 -33.48
CA VAL B 286 0.60 33.32 -34.65
C VAL B 286 0.78 31.86 -34.28
N PHE B 287 0.91 31.01 -35.31
CA PHE B 287 0.92 29.57 -35.10
C PHE B 287 1.97 28.89 -35.98
N GLU B 288 3.17 29.47 -36.04
CA GLU B 288 4.24 28.86 -36.82
C GLU B 288 4.57 27.47 -36.29
N TRP B 289 4.93 26.57 -37.20
CA TRP B 289 5.43 25.26 -36.82
C TRP B 289 6.92 25.35 -36.53
N LYS B 290 7.35 24.79 -35.39
CA LYS B 290 8.69 25.07 -34.90
C LYS B 290 9.75 24.27 -35.64
N ASP B 291 9.70 22.95 -35.52
CA ASP B 291 10.77 22.16 -36.12
C ASP B 291 10.25 21.39 -37.32
N PRO B 292 11.06 21.23 -38.35
CA PRO B 292 10.73 20.36 -39.48
C PRO B 292 10.95 18.88 -39.18
N TYR B 293 10.51 18.45 -38.00
CA TYR B 293 10.65 17.07 -37.55
C TYR B 293 9.41 16.70 -36.75
N ILE B 294 9.33 15.43 -36.37
CA ILE B 294 8.26 14.93 -35.53
C ILE B 294 8.85 13.89 -34.58
N GLN B 295 8.63 14.09 -33.28
CA GLN B 295 9.08 13.10 -32.31
C GLN B 295 8.26 11.83 -32.44
N GLU B 296 8.94 10.70 -32.52
CA GLU B 296 8.31 9.38 -32.64
C GLU B 296 8.74 8.56 -31.42
N ILE B 297 7.99 8.68 -30.34
CA ILE B 297 8.31 7.94 -29.13
C ILE B 297 7.65 6.56 -29.22
N GLN B 298 8.47 5.51 -29.07
CA GLN B 298 7.99 4.13 -29.14
C GLN B 298 8.40 3.42 -27.87
N ASP B 299 7.44 2.72 -27.25
CA ASP B 299 7.72 1.87 -26.12
C ASP B 299 8.07 0.47 -26.63
N ILE B 300 9.23 -0.03 -26.24
CA ILE B 300 9.78 -1.28 -26.76
C ILE B 300 9.82 -2.31 -25.63
N ILE B 301 9.31 -3.50 -25.91
CA ILE B 301 9.45 -4.62 -24.98
C ILE B 301 10.81 -5.26 -25.20
N THR B 302 11.60 -5.36 -24.13
CA THR B 302 12.97 -5.81 -24.22
C THR B 302 13.15 -7.28 -23.89
N ALA B 303 12.06 -8.01 -23.63
CA ALA B 303 12.11 -9.41 -23.27
C ALA B 303 11.49 -10.25 -24.38
N ASN B 304 12.21 -11.27 -24.82
CA ASN B 304 11.76 -12.16 -25.89
C ASN B 304 12.02 -13.58 -25.45
N PRO B 305 10.98 -14.40 -25.23
CA PRO B 305 11.22 -15.77 -24.76
C PRO B 305 12.10 -16.56 -25.70
N TRP B 306 11.98 -16.29 -27.00
CA TRP B 306 12.79 -16.95 -28.01
C TRP B 306 14.24 -16.49 -28.00
N SER B 307 14.59 -15.62 -27.03
CA SER B 307 15.97 -15.24 -26.79
C SER B 307 16.51 -15.72 -25.45
N MET B 308 15.66 -16.29 -24.59
CA MET B 308 16.14 -16.90 -23.36
C MET B 308 16.00 -18.42 -23.35
N ILE B 309 15.21 -18.99 -24.26
CA ILE B 309 15.21 -20.44 -24.42
C ILE B 309 16.59 -20.91 -24.83
N ALA B 310 17.26 -20.14 -25.69
CA ALA B 310 18.64 -20.48 -26.06
C ALA B 310 19.58 -20.34 -24.87
N LEU B 311 19.33 -19.36 -24.01
CA LEU B 311 20.10 -19.23 -22.77
C LEU B 311 19.97 -20.48 -21.91
N LEU B 312 18.72 -20.94 -21.73
CA LEU B 312 18.49 -22.14 -20.95
C LEU B 312 19.16 -23.36 -21.58
N CYS B 313 19.09 -23.46 -22.92
CA CYS B 313 19.72 -24.58 -23.61
C CYS B 313 21.24 -24.55 -23.43
N SER B 314 21.84 -23.37 -23.50
CA SER B 314 23.28 -23.25 -23.28
C SER B 314 23.64 -23.66 -21.86
N VAL B 315 22.82 -23.27 -20.88
CA VAL B 315 23.06 -23.70 -19.51
C VAL B 315 23.00 -25.21 -19.40
N PHE B 316 22.00 -25.82 -20.05
CA PHE B 316 21.87 -27.27 -20.01
C PHE B 316 23.08 -27.95 -20.63
N LEU B 317 23.57 -27.42 -21.75
CA LEU B 317 24.72 -28.03 -22.40
C LEU B 317 25.98 -27.89 -21.56
N VAL B 318 26.20 -26.72 -20.97
CA VAL B 318 27.42 -26.55 -20.17
C VAL B 318 27.37 -27.42 -18.93
N LEU B 319 26.19 -27.60 -18.33
CA LEU B 319 26.11 -28.48 -17.17
C LEU B 319 26.28 -29.95 -17.55
N PHE B 320 25.76 -30.36 -18.71
CA PHE B 320 26.04 -31.70 -19.21
C PHE B 320 27.55 -31.90 -19.39
N LYS B 321 28.22 -30.92 -19.99
CA LYS B 321 29.66 -31.04 -20.18
C LYS B 321 30.39 -31.12 -18.85
N ALA B 322 29.95 -30.33 -17.86
CA ALA B 322 30.59 -30.38 -16.55
C ALA B 322 30.41 -31.75 -15.90
N ALA B 323 29.21 -32.33 -15.98
CA ALA B 323 29.00 -33.65 -15.41
C ALA B 323 29.84 -34.70 -16.13
N ASP B 324 29.92 -34.61 -17.46
CA ASP B 324 30.73 -35.55 -18.22
C ASP B 324 32.21 -35.42 -17.84
N PHE B 325 32.66 -34.19 -17.62
CA PHE B 325 34.05 -34.00 -17.20
C PHE B 325 34.30 -34.52 -15.80
N ALA B 326 33.31 -34.42 -14.91
CA ALA B 326 33.45 -35.04 -13.59
C ALA B 326 33.58 -36.56 -13.71
N LYS B 327 32.77 -37.16 -14.57
CA LYS B 327 32.87 -38.60 -14.79
C LYS B 327 34.24 -38.98 -15.35
N LEU B 328 34.71 -38.21 -16.33
CA LEU B 328 36.04 -38.48 -16.89
C LEU B 328 37.13 -38.27 -15.84
N SER B 329 36.93 -37.30 -14.94
CA SER B 329 37.92 -37.06 -13.89
C SER B 329 38.01 -38.22 -12.93
N VAL B 330 36.85 -38.79 -12.54
CA VAL B 330 36.93 -39.96 -11.67
C VAL B 330 37.50 -41.16 -12.41
N LYS B 331 37.20 -41.28 -13.71
CA LYS B 331 37.81 -42.34 -14.50
C LYS B 331 39.33 -42.20 -14.53
N TRP B 332 39.83 -40.97 -14.65
CA TRP B 332 41.26 -40.74 -14.58
C TRP B 332 41.79 -41.01 -13.19
N MET B 333 40.99 -40.74 -12.15
CA MET B 333 41.40 -41.04 -10.79
C MET B 333 41.56 -42.54 -10.58
N ILE B 334 40.84 -43.35 -11.35
CA ILE B 334 41.04 -44.79 -11.34
C ILE B 334 42.49 -45.18 -11.68
N LYS B 335 43.28 -44.24 -12.21
CA LYS B 335 44.71 -44.50 -12.36
C LYS B 335 45.39 -44.98 -11.09
N VAL B 336 44.81 -44.70 -9.92
CA VAL B 336 45.38 -45.24 -8.68
C VAL B 336 45.30 -46.75 -8.65
N ARG B 337 44.22 -47.33 -9.20
CA ARG B 337 44.14 -48.77 -9.35
C ARG B 337 44.89 -49.25 -10.59
N ARG B 338 44.94 -48.42 -11.63
CA ARG B 338 45.70 -48.77 -12.82
C ARG B 338 47.19 -48.95 -12.51
N ARG B 339 47.71 -48.18 -11.56
CA ARG B 339 49.09 -48.36 -11.12
C ARG B 339 49.29 -49.73 -10.49
N HIS B 340 48.33 -50.17 -9.68
CA HIS B 340 48.38 -51.53 -9.13
C HIS B 340 48.31 -52.56 -10.23
N LEU B 341 47.48 -52.32 -11.25
CA LEU B 341 47.41 -53.22 -12.41
C LEU B 341 48.76 -53.30 -13.12
N LYS B 342 49.49 -52.19 -13.19
CA LYS B 342 50.80 -52.16 -13.84
C LYS B 342 51.75 -53.15 -13.17
N THR C 61 54.88 -40.27 -47.25
CA THR C 61 55.05 -39.53 -48.49
C THR C 61 55.02 -38.01 -48.24
N CYS C 62 55.19 -37.24 -49.30
CA CYS C 62 55.19 -35.79 -49.18
C CYS C 62 53.83 -35.25 -48.74
N LEU C 63 52.75 -35.98 -49.00
CA LEU C 63 51.43 -35.54 -48.57
C LEU C 63 51.34 -35.46 -47.05
N LYS C 64 52.10 -36.30 -46.35
CA LYS C 64 52.09 -36.25 -44.89
C LYS C 64 52.63 -34.92 -44.39
N ASN C 65 53.80 -34.50 -44.91
CA ASN C 65 54.33 -33.19 -44.58
C ASN C 65 53.39 -32.08 -45.07
N PHE C 66 52.68 -32.32 -46.18
CA PHE C 66 51.74 -31.35 -46.69
C PHE C 66 50.62 -31.08 -45.68
N PHE C 67 50.05 -32.14 -45.12
CA PHE C 67 48.88 -31.99 -44.27
C PHE C 67 49.24 -31.87 -42.79
N SER C 68 50.51 -32.01 -42.42
CA SER C 68 50.89 -31.95 -41.01
C SER C 68 51.00 -30.51 -40.47
N VAL C 69 50.44 -29.51 -41.14
CA VAL C 69 50.52 -28.12 -40.70
C VAL C 69 49.13 -27.51 -40.51
N LEU C 70 48.25 -27.65 -41.50
CA LEU C 70 46.93 -27.04 -41.38
C LEU C 70 46.12 -27.65 -40.26
N LEU C 71 46.47 -28.87 -39.82
CA LEU C 71 45.87 -29.44 -38.63
C LEU C 71 45.99 -28.49 -37.46
N ILE C 72 47.22 -28.20 -37.03
CA ILE C 72 47.41 -27.26 -35.92
C ILE C 72 46.96 -25.86 -36.29
N LEU C 73 47.02 -25.52 -37.59
CA LEU C 73 46.62 -24.19 -38.02
C LEU C 73 45.15 -23.92 -37.72
N VAL C 74 44.29 -24.92 -37.93
CA VAL C 74 42.85 -24.67 -37.73
C VAL C 74 42.55 -24.51 -36.24
N TYR C 75 43.20 -25.29 -35.36
CA TYR C 75 43.00 -25.06 -33.93
C TYR C 75 43.52 -23.69 -33.52
N LEU C 76 44.65 -23.25 -34.09
CA LEU C 76 45.14 -21.92 -33.79
C LEU C 76 44.14 -20.85 -34.22
N LEU C 77 43.54 -21.01 -35.41
CA LEU C 77 42.55 -20.07 -35.88
C LEU C 77 41.32 -20.06 -34.97
N LEU C 78 40.90 -21.24 -34.51
CA LEU C 78 39.76 -21.31 -33.61
C LEU C 78 40.06 -20.63 -32.28
N MET C 79 41.27 -20.81 -31.75
CA MET C 79 41.65 -20.10 -30.52
C MET C 79 41.68 -18.60 -30.74
N GLY C 80 42.17 -18.17 -31.91
CA GLY C 80 42.19 -16.74 -32.21
C GLY C 80 40.80 -16.14 -32.27
N VAL C 81 39.88 -16.81 -32.96
CA VAL C 81 38.51 -16.29 -33.01
C VAL C 81 37.85 -16.38 -31.64
N ALA C 82 38.23 -17.37 -30.82
CA ALA C 82 37.69 -17.46 -29.47
C ALA C 82 38.09 -16.24 -28.65
N VAL C 83 39.37 -15.90 -28.64
CA VAL C 83 39.80 -14.73 -27.87
C VAL C 83 39.23 -13.45 -28.48
N PHE C 84 39.07 -13.41 -29.81
CA PHE C 84 38.45 -12.25 -30.44
C PHE C 84 37.03 -12.06 -29.95
N LEU C 85 36.25 -13.14 -29.93
CA LEU C 85 34.85 -13.03 -29.48
C LEU C 85 34.75 -12.73 -28.00
N VAL C 86 35.66 -13.26 -27.18
CA VAL C 86 35.58 -12.93 -25.76
C VAL C 86 35.91 -11.46 -25.54
N TYR C 87 36.87 -10.92 -26.30
CA TYR C 87 37.15 -9.50 -26.21
C TYR C 87 35.95 -8.68 -26.69
N GLN C 88 35.32 -9.08 -27.79
CA GLN C 88 34.17 -8.34 -28.30
C GLN C 88 33.04 -8.31 -27.28
N THR C 89 32.75 -9.47 -26.67
CA THR C 89 31.64 -9.51 -25.73
C THR C 89 31.96 -8.79 -24.42
N ILE C 90 33.23 -8.79 -24.00
CA ILE C 90 33.56 -8.05 -22.79
C ILE C 90 33.49 -6.54 -23.05
N THR C 91 33.91 -6.10 -24.23
CA THR C 91 33.75 -4.69 -24.58
C THR C 91 32.28 -4.31 -24.67
N ASP C 92 31.45 -5.19 -25.23
CA ASP C 92 30.02 -4.91 -25.29
C ASP C 92 29.43 -4.84 -23.89
N PHE C 93 29.88 -5.71 -22.99
CA PHE C 93 29.40 -5.65 -21.61
C PHE C 93 29.80 -4.34 -20.95
N ARG C 94 31.03 -3.89 -21.15
CA ARG C 94 31.44 -2.61 -20.60
C ARG C 94 30.58 -1.48 -21.14
N ASP C 95 30.34 -1.48 -22.46
CA ASP C 95 29.56 -0.41 -23.07
C ASP C 95 28.13 -0.40 -22.57
N LYS C 96 27.51 -1.59 -22.47
CA LYS C 96 26.13 -1.66 -22.00
C LYS C 96 26.02 -1.43 -20.51
N LEU C 97 27.13 -1.55 -19.77
CA LEU C 97 27.09 -1.18 -18.35
C LEU C 97 27.30 0.31 -18.15
N LYS C 98 28.02 0.97 -19.06
CA LYS C 98 28.31 2.39 -18.91
C LYS C 98 27.18 3.28 -19.43
N HIS C 99 26.16 2.73 -20.07
CA HIS C 99 25.05 3.51 -20.61
C HIS C 99 23.73 2.88 -20.19
N PRO C 100 23.33 3.04 -18.93
CA PRO C 100 22.03 2.53 -18.51
C PRO C 100 20.90 3.27 -19.21
N VAL C 101 19.80 2.55 -19.44
CA VAL C 101 18.67 3.09 -20.17
C VAL C 101 17.55 3.38 -19.19
N MET C 102 16.64 4.27 -19.60
CA MET C 102 15.52 4.68 -18.76
C MET C 102 14.22 4.10 -19.31
N SER C 103 13.23 4.02 -18.43
CA SER C 103 11.89 3.57 -18.78
C SER C 103 10.87 4.56 -18.23
N VAL C 104 9.96 5.00 -19.09
CA VAL C 104 8.93 5.95 -18.70
C VAL C 104 7.70 5.19 -18.22
N SER C 105 7.06 5.71 -17.18
CA SER C 105 5.88 5.07 -16.62
C SER C 105 4.88 6.14 -16.23
N TYR C 106 3.62 5.90 -16.59
CA TYR C 106 2.52 6.81 -16.28
C TYR C 106 1.56 6.12 -15.32
N LYS C 107 1.31 6.74 -14.18
CA LYS C 107 0.34 6.25 -13.21
C LYS C 107 -0.79 7.24 -13.10
N GLU C 108 -2.01 6.73 -12.96
CA GLU C 108 -3.21 7.56 -12.95
C GLU C 108 -3.59 7.88 -11.51
N VAL C 109 -2.79 8.74 -10.88
CA VAL C 109 -3.11 9.20 -9.54
C VAL C 109 -4.43 9.95 -9.57
N ASN C 110 -5.31 9.60 -8.65
CA ASN C 110 -6.69 10.06 -8.67
C ASN C 110 -6.91 11.26 -7.75
N MET C 111 -5.92 11.58 -6.91
CA MET C 111 -6.18 12.46 -5.78
C MET C 111 -4.98 13.19 -5.19
N TYR C 112 -5.14 13.61 -3.94
CA TYR C 112 -4.52 14.78 -3.31
C TYR C 112 -3.03 15.08 -3.46
N ASP C 113 -2.14 14.15 -3.06
CA ASP C 113 -0.71 14.43 -3.13
C ASP C 113 -0.31 15.84 -2.69
N ALA C 114 -0.71 16.25 -1.48
CA ALA C 114 -0.56 17.63 -1.06
C ALA C 114 0.85 18.20 -1.26
N PRO C 115 1.01 19.27 -2.05
CA PRO C 115 2.34 19.86 -2.24
C PRO C 115 2.61 21.03 -1.31
N GLY C 116 3.87 21.23 -0.94
CA GLY C 116 4.23 22.33 -0.07
C GLY C 116 4.53 23.61 -0.83
N ILE C 117 3.50 24.26 -1.36
CA ILE C 117 3.68 25.51 -2.08
C ILE C 117 4.31 26.54 -1.16
N ALA C 118 5.28 27.28 -1.68
CA ALA C 118 5.96 28.31 -0.92
C ALA C 118 5.91 29.63 -1.68
N LEU C 119 6.01 30.72 -0.93
CA LEU C 119 6.11 32.05 -1.50
C LEU C 119 7.10 32.84 -0.65
N TYR C 120 7.77 33.80 -1.27
CA TYR C 120 8.81 34.58 -0.59
C TYR C 120 8.54 36.07 -0.75
N PRO C 121 7.38 36.55 -0.26
CA PRO C 121 7.00 37.94 -0.53
C PRO C 121 7.95 38.96 0.07
N GLY C 122 8.33 38.78 1.34
CA GLY C 122 9.18 39.73 2.01
C GLY C 122 8.44 40.97 2.46
N LYS C 123 7.88 41.72 1.51
CA LYS C 123 7.14 42.93 1.82
C LYS C 123 5.71 42.92 1.29
N ALA C 124 5.38 42.04 0.35
CA ALA C 124 4.06 41.98 -0.25
C ALA C 124 3.15 41.12 0.62
N ARG C 125 2.43 41.75 1.54
CA ARG C 125 1.52 41.04 2.42
C ARG C 125 0.43 40.34 1.60
N LEU C 126 -0.02 39.19 2.10
CA LEU C 126 -1.11 38.49 1.44
C LEU C 126 -2.42 39.27 1.60
N LEU C 127 -3.27 39.19 0.57
CA LEU C 127 -4.58 39.80 0.63
C LEU C 127 -5.72 38.88 0.22
N SER C 128 -5.47 37.66 -0.21
CA SER C 128 -6.56 36.77 -0.58
C SER C 128 -6.08 35.34 -0.67
N CYS C 129 -7.04 34.42 -0.63
CA CYS C 129 -6.87 33.02 -0.98
C CYS C 129 -8.23 32.48 -1.40
N GLU C 130 -8.21 31.36 -2.11
CA GLU C 130 -9.43 30.71 -2.56
C GLU C 130 -9.17 29.23 -2.74
N HIS C 131 -10.25 28.48 -2.96
CA HIS C 131 -10.17 27.08 -3.35
C HIS C 131 -11.41 26.79 -4.19
N HIS C 132 -11.27 26.96 -5.50
CA HIS C 132 -12.41 26.82 -6.40
C HIS C 132 -12.55 25.35 -6.77
N TRP C 133 -13.28 24.62 -5.92
CA TRP C 133 -13.34 23.17 -6.04
C TRP C 133 -13.85 22.73 -7.40
N TYR C 134 -14.75 23.51 -8.01
CA TYR C 134 -15.04 23.33 -9.43
C TYR C 134 -15.47 24.69 -9.99
N ASP C 135 -14.49 25.44 -10.50
CA ASP C 135 -14.79 26.75 -11.10
C ASP C 135 -13.66 27.08 -12.06
N HIS C 136 -13.92 26.91 -13.35
CA HIS C 136 -12.96 27.31 -14.38
C HIS C 136 -13.05 28.79 -14.70
N ILE C 137 -14.00 29.51 -14.10
CA ILE C 137 -14.10 30.96 -14.25
C ILE C 137 -14.18 31.57 -12.86
N PRO C 138 -13.06 31.75 -12.17
CA PRO C 138 -13.08 32.43 -10.87
C PRO C 138 -13.69 33.81 -10.99
N PRO C 139 -14.68 34.13 -10.16
CA PRO C 139 -15.39 35.40 -10.33
C PRO C 139 -14.57 36.61 -9.88
N LEU C 140 -15.21 37.78 -9.90
CA LEU C 140 -14.53 39.02 -9.62
C LEU C 140 -14.08 39.09 -8.16
N LYS C 141 -13.06 39.90 -7.91
CA LYS C 141 -12.57 40.17 -6.57
C LYS C 141 -12.25 41.66 -6.44
N ASP C 142 -12.38 42.17 -5.22
CA ASP C 142 -12.06 43.57 -4.98
C ASP C 142 -10.55 43.76 -4.93
N PRO C 143 -9.98 44.60 -5.78
CA PRO C 143 -8.52 44.80 -5.79
C PRO C 143 -8.07 45.71 -4.66
N GLY C 144 -7.36 45.13 -3.69
CA GLY C 144 -6.77 45.89 -2.61
C GLY C 144 -7.36 45.60 -1.23
N GLN C 145 -8.40 44.80 -1.13
CA GLN C 145 -8.95 44.48 0.19
C GLN C 145 -8.16 43.35 0.83
N PRO C 146 -7.64 43.55 2.04
CA PRO C 146 -6.91 42.47 2.71
C PRO C 146 -7.84 41.51 3.44
N GLY C 147 -7.31 40.33 3.72
CA GLY C 147 -8.04 39.33 4.46
C GLY C 147 -8.33 38.05 3.69
N GLU C 148 -9.35 37.31 4.13
CA GLU C 148 -9.74 36.05 3.52
C GLU C 148 -8.56 35.08 3.43
N ASN C 149 -7.83 34.97 4.53
CA ASN C 149 -6.65 34.10 4.60
C ASN C 149 -7.08 32.64 4.75
N THR C 150 -7.84 32.16 3.76
CA THR C 150 -8.29 30.77 3.76
C THR C 150 -7.12 29.80 3.64
N CYS C 151 -5.98 30.25 3.14
CA CYS C 151 -4.78 29.43 3.08
C CYS C 151 -4.33 29.05 4.49
N VAL C 152 -3.60 27.95 4.58
CA VAL C 152 -2.95 27.56 5.84
C VAL C 152 -1.62 28.30 5.85
N THR C 153 -1.68 29.57 6.23
CA THR C 153 -0.54 30.48 6.09
C THR C 153 0.46 30.21 7.20
N GLN C 154 1.12 29.06 7.09
CA GLN C 154 2.09 28.61 8.09
C GLN C 154 3.33 29.48 7.84
N ASP C 155 3.28 30.70 8.37
CA ASP C 155 4.35 31.66 8.15
C ASP C 155 5.57 31.29 8.99
N ILE C 156 6.70 31.07 8.33
CA ILE C 156 7.98 30.83 9.01
C ILE C 156 9.05 31.61 8.27
N SER C 157 10.00 32.16 9.01
CA SER C 157 11.11 32.91 8.44
C SER C 157 12.41 32.29 8.94
N TYR C 158 13.40 32.21 8.05
CA TYR C 158 14.68 31.59 8.38
C TYR C 158 15.81 32.32 7.66
N ILE C 159 17.00 32.23 8.24
CA ILE C 159 18.17 32.85 7.63
C ILE C 159 18.59 32.06 6.40
N ASP C 160 19.39 32.70 5.55
CA ASP C 160 19.82 32.07 4.31
C ASP C 160 20.74 30.90 4.60
N PRO C 161 20.54 29.76 3.95
CA PRO C 161 21.53 28.68 4.03
C PRO C 161 22.65 28.85 3.03
N TYR C 162 22.37 29.56 1.95
CA TYR C 162 23.32 29.73 0.85
C TYR C 162 24.23 30.94 1.07
N THR C 163 23.63 32.13 1.17
CA THR C 163 24.42 33.33 1.44
C THR C 163 24.74 33.51 2.91
N ASN C 164 23.97 32.87 3.80
CA ASN C 164 24.18 32.93 5.25
C ASN C 164 24.08 34.35 5.80
N LYS C 165 23.46 35.26 5.06
CA LYS C 165 23.36 36.65 5.51
C LYS C 165 21.98 37.28 5.32
N THR C 166 21.06 36.65 4.61
CA THR C 166 19.78 37.26 4.30
C THR C 166 18.67 36.66 5.16
N MET C 167 17.86 37.53 5.77
CA MET C 167 16.74 37.12 6.62
C MET C 167 15.54 36.88 5.71
N LYS C 168 15.39 35.64 5.28
CA LYS C 168 14.34 35.28 4.32
C LYS C 168 13.10 34.79 5.04
N HIS C 169 11.94 35.08 4.44
CA HIS C 169 10.65 34.70 4.97
C HIS C 169 10.02 33.62 4.12
N ALA C 170 8.83 33.17 4.52
CA ALA C 170 8.09 32.19 3.75
C ALA C 170 6.62 32.32 4.11
N LEU C 171 5.77 31.88 3.19
CA LEU C 171 4.32 31.95 3.36
C LEU C 171 3.71 30.64 2.86
N ILE C 172 4.29 29.52 3.30
CA ILE C 172 3.87 28.20 2.85
C ILE C 172 2.36 28.06 2.96
N VAL C 173 1.74 27.49 1.93
CA VAL C 173 0.30 27.26 1.92
C VAL C 173 0.00 25.81 1.59
N GLN C 174 -1.28 25.49 1.44
CA GLN C 174 -1.75 24.14 1.16
C GLN C 174 -2.14 24.05 -0.30
N GLY C 175 -1.63 23.04 -0.99
CA GLY C 175 -1.72 22.96 -2.43
C GLY C 175 -3.05 22.49 -2.97
N PRO C 176 -3.23 22.63 -4.29
CA PRO C 176 -4.50 22.25 -4.92
C PRO C 176 -4.76 20.76 -4.82
N ARG C 177 -6.04 20.44 -4.71
CA ARG C 177 -6.40 19.01 -4.62
C ARG C 177 -7.42 18.72 -5.70
N ASP C 178 -7.90 17.49 -5.76
CA ASP C 178 -8.98 17.10 -6.67
C ASP C 178 -8.63 17.40 -8.13
N VAL C 179 -7.60 16.70 -8.61
CA VAL C 179 -7.16 16.89 -9.99
C VAL C 179 -8.30 16.59 -10.96
N ARG C 180 -9.17 15.64 -10.59
CA ARG C 180 -10.27 15.27 -11.48
C ARG C 180 -11.23 16.43 -11.71
N ARG C 181 -11.59 17.15 -10.65
CA ARG C 181 -12.46 18.31 -10.78
C ARG C 181 -11.69 19.61 -10.92
N ARG C 182 -10.36 19.54 -10.98
CA ARG C 182 -9.51 20.69 -11.27
C ARG C 182 -9.60 21.76 -10.18
N GLU C 183 -9.53 21.33 -8.92
CA GLU C 183 -9.47 22.30 -7.84
C GLU C 183 -8.20 23.09 -7.92
N LEU C 184 -8.32 24.41 -7.83
CA LEU C 184 -7.22 25.32 -8.09
C LEU C 184 -7.13 26.34 -6.96
N VAL C 185 -5.95 26.49 -6.39
CA VAL C 185 -5.72 27.59 -5.47
C VAL C 185 -5.76 28.89 -6.26
N PHE C 186 -6.07 29.98 -5.58
CA PHE C 186 -6.05 31.30 -6.19
C PHE C 186 -5.49 32.25 -5.14
N LEU C 187 -4.82 33.30 -5.59
CA LEU C 187 -4.22 34.24 -4.66
C LEU C 187 -4.41 35.66 -5.16
N GLN C 188 -3.86 36.60 -4.41
CA GLN C 188 -3.85 38.03 -4.71
C GLN C 188 -2.93 38.70 -3.71
N PHE C 189 -2.15 39.66 -4.18
CA PHE C 189 -1.15 40.29 -3.34
C PHE C 189 -1.24 41.79 -3.49
N HIS C 190 -0.29 42.49 -2.86
CA HIS C 190 -0.20 43.94 -2.90
C HIS C 190 1.12 44.34 -2.27
N LEU C 191 1.67 45.47 -2.72
CA LEU C 191 2.92 45.97 -2.18
C LEU C 191 3.01 47.44 -2.51
N ASN C 192 3.18 48.28 -1.49
CA ASN C 192 3.42 49.70 -1.71
C ASN C 192 4.67 49.86 -2.57
N GLU C 193 4.49 50.43 -3.76
CA GLU C 193 5.57 50.48 -4.74
C GLU C 193 6.80 51.18 -4.17
N THR C 194 7.95 50.56 -4.34
CA THR C 194 9.21 51.01 -3.78
C THR C 194 10.18 51.38 -4.88
N LYS C 195 11.41 51.71 -4.48
CA LYS C 195 12.44 52.10 -5.44
C LYS C 195 12.86 50.94 -6.35
N GLN C 196 12.66 49.70 -5.92
CA GLN C 196 13.10 48.56 -6.71
C GLN C 196 12.24 48.43 -7.97
N ASP C 197 12.90 48.25 -9.11
CA ASP C 197 12.22 48.00 -10.37
C ASP C 197 11.96 46.50 -10.50
N PHE C 198 11.41 46.10 -11.65
CA PHE C 198 11.16 44.70 -12.00
C PHE C 198 10.59 43.92 -10.81
N SER C 199 9.42 44.38 -10.35
CA SER C 199 8.76 43.78 -9.20
C SER C 199 8.60 42.28 -9.36
N ALA C 200 9.29 41.51 -8.54
CA ALA C 200 9.30 40.05 -8.65
C ALA C 200 9.21 39.44 -7.26
N ILE C 201 8.47 38.34 -7.16
CA ILE C 201 8.27 37.64 -5.89
C ILE C 201 8.66 36.19 -6.10
N ASP C 202 9.79 35.79 -5.55
CA ASP C 202 10.27 34.43 -5.69
C ASP C 202 9.32 33.45 -5.03
N TYR C 203 9.29 32.22 -5.54
CA TYR C 203 8.46 31.20 -4.93
C TYR C 203 8.92 29.82 -5.37
N LEU C 204 9.11 28.93 -4.40
CA LEU C 204 9.40 27.52 -4.65
C LEU C 204 8.11 26.73 -4.57
N LEU C 205 8.16 25.49 -5.05
CA LEU C 205 6.96 24.68 -5.08
C LEU C 205 7.32 23.24 -4.66
N PHE C 206 8.06 23.10 -3.57
CA PHE C 206 8.40 21.77 -3.07
C PHE C 206 7.13 20.99 -2.70
N SER C 207 7.28 19.68 -2.58
CA SER C 207 6.16 18.78 -2.43
C SER C 207 5.98 18.36 -0.97
N SER C 208 5.06 17.40 -0.76
CA SER C 208 4.85 16.75 0.54
C SER C 208 4.48 17.76 1.62
N TYR C 209 3.33 18.40 1.42
CA TYR C 209 2.81 19.31 2.43
C TYR C 209 2.37 18.56 3.69
N GLU C 210 1.70 17.41 3.51
CA GLU C 210 1.17 16.67 4.65
C GLU C 210 2.29 16.22 5.59
N ALA C 211 3.39 15.73 5.03
CA ALA C 211 4.55 15.40 5.84
C ALA C 211 5.31 16.64 6.28
N PHE C 212 5.17 17.76 5.56
CA PHE C 212 5.77 19.00 6.01
C PHE C 212 5.15 19.47 7.32
N LEU C 213 3.84 19.27 7.47
CA LEU C 213 3.17 19.64 8.71
C LEU C 213 3.77 18.90 9.90
N LYS C 214 3.69 17.57 9.88
CA LYS C 214 4.18 16.75 11.00
C LYS C 214 5.70 16.75 11.12
N SER C 215 6.42 17.26 10.12
CA SER C 215 7.87 17.23 10.15
C SER C 215 8.41 18.08 11.30
N HIS C 216 9.47 17.58 11.92
CA HIS C 216 10.22 18.33 12.92
C HIS C 216 11.38 19.05 12.26
N ASP C 217 11.90 20.05 12.97
CA ASP C 217 13.01 20.87 12.48
C ASP C 217 12.68 21.48 11.11
N GLN C 218 11.66 22.33 11.10
CA GLN C 218 11.17 22.93 9.86
C GLN C 218 12.20 23.87 9.21
N VAL C 219 13.26 24.23 9.92
CA VAL C 219 14.32 25.03 9.32
C VAL C 219 14.98 24.28 8.17
N LYS C 220 15.05 22.94 8.29
CA LYS C 220 15.75 22.16 7.28
C LYS C 220 15.03 22.19 5.93
N PHE C 221 13.69 22.20 5.93
CA PHE C 221 12.96 22.26 4.67
C PHE C 221 13.32 23.53 3.90
N MET C 222 13.24 24.68 4.56
CA MET C 222 13.56 25.93 3.89
C MET C 222 15.04 25.96 3.48
N GLN C 223 15.93 25.50 4.36
CA GLN C 223 17.36 25.59 4.08
C GLN C 223 17.84 24.55 3.08
N ASP C 224 17.03 23.54 2.75
CA ASP C 224 17.44 22.48 1.84
C ASP C 224 16.73 22.52 0.51
N CYS C 225 15.41 22.77 0.50
CA CYS C 225 14.66 22.77 -0.74
C CYS C 225 15.08 23.89 -1.69
N GLU C 226 15.75 24.92 -1.18
CA GLU C 226 16.23 25.99 -2.06
C GLU C 226 17.31 25.47 -3.01
N SER C 227 18.17 24.57 -2.53
CA SER C 227 19.29 24.12 -3.33
C SER C 227 18.85 23.18 -4.45
N SER C 228 17.84 22.34 -4.19
CA SER C 228 17.46 21.29 -5.12
C SER C 228 16.51 21.76 -6.22
N PHE C 229 16.12 23.02 -6.23
CA PHE C 229 15.36 23.60 -7.33
C PHE C 229 16.08 24.83 -7.87
N SER C 230 15.42 25.56 -8.77
CA SER C 230 15.96 26.77 -9.35
C SER C 230 15.21 28.03 -8.93
N SER C 231 14.13 27.90 -8.17
CA SER C 231 13.37 29.04 -7.65
C SER C 231 12.83 29.92 -8.78
N TRP C 232 11.95 29.35 -9.57
CA TRP C 232 11.27 30.13 -10.60
C TRP C 232 10.22 31.03 -9.97
N LYS C 233 10.27 32.32 -10.29
CA LYS C 233 9.49 33.34 -9.62
C LYS C 233 8.18 33.60 -10.36
N PHE C 234 7.37 34.50 -9.80
CA PHE C 234 6.20 35.01 -10.50
C PHE C 234 6.25 36.54 -10.51
N SER C 235 5.68 37.11 -11.55
CA SER C 235 5.97 38.49 -11.93
C SER C 235 5.21 39.48 -11.05
N GLY C 236 5.50 40.75 -11.26
CA GLY C 236 4.80 41.83 -10.60
C GLY C 236 3.58 42.29 -11.36
N GLY C 237 2.78 41.35 -11.82
CA GLY C 237 1.52 41.70 -12.44
C GLY C 237 0.97 40.54 -13.25
N PHE C 238 -0.22 40.79 -13.80
CA PHE C 238 -0.87 39.95 -14.80
C PHE C 238 -0.89 38.47 -14.46
N ARG C 239 -1.27 38.17 -13.21
CA ARG C 239 -1.85 36.88 -12.83
C ARG C 239 -1.07 35.69 -13.42
N THR C 240 0.16 35.54 -12.94
CA THR C 240 1.05 34.54 -13.51
C THR C 240 0.36 33.25 -13.11
N TRP C 241 -0.30 32.61 -14.06
CA TRP C 241 -1.01 31.36 -13.85
C TRP C 241 0.08 30.31 -13.93
N VAL C 242 0.01 29.30 -13.06
CA VAL C 242 1.06 28.30 -12.94
C VAL C 242 0.42 26.93 -12.78
N LYS C 243 0.44 26.13 -13.85
CA LYS C 243 0.10 24.72 -13.72
C LYS C 243 1.30 23.98 -13.15
N MET C 244 1.19 22.66 -13.00
CA MET C 244 2.29 21.87 -12.46
C MET C 244 1.98 20.39 -12.62
N SER C 245 3.03 19.58 -12.51
CA SER C 245 2.93 18.13 -12.56
C SER C 245 4.17 17.55 -11.88
N LEU C 246 4.27 16.23 -11.87
CA LEU C 246 5.31 15.53 -11.12
C LEU C 246 6.06 14.55 -12.01
N VAL C 247 7.33 14.34 -11.66
CA VAL C 247 8.16 13.28 -12.24
C VAL C 247 8.75 12.47 -11.11
N LYS C 248 8.66 11.14 -11.22
CA LYS C 248 9.12 10.22 -10.19
C LYS C 248 10.28 9.41 -10.77
N THR C 249 11.50 9.87 -10.51
CA THR C 249 12.69 9.18 -11.00
C THR C 249 13.18 8.20 -9.95
N LYS C 250 13.70 7.06 -10.42
CA LYS C 250 14.22 6.02 -9.53
C LYS C 250 15.73 6.16 -9.43
N GLU C 251 16.23 6.21 -8.19
CA GLU C 251 17.66 6.36 -7.95
C GLU C 251 18.36 5.02 -8.19
N GLU C 252 19.70 5.05 -8.08
CA GLU C 252 20.48 3.82 -8.28
C GLU C 252 20.32 2.85 -7.12
N ASP C 253 20.20 3.36 -5.89
CA ASP C 253 20.12 2.47 -4.74
C ASP C 253 18.79 1.74 -4.69
N GLY C 254 17.72 2.39 -5.09
CA GLY C 254 16.39 1.81 -5.02
C GLY C 254 15.36 2.83 -4.60
N SER C 255 15.81 3.92 -3.99
CA SER C 255 14.92 5.00 -3.62
C SER C 255 14.49 5.78 -4.85
N GLN C 256 13.56 6.72 -4.64
CA GLN C 256 13.03 7.52 -5.73
C GLN C 256 13.01 8.99 -5.33
N SER C 257 13.06 9.84 -6.35
CA SER C 257 13.02 11.29 -6.18
C SER C 257 11.84 11.86 -6.94
N VAL C 258 11.15 12.81 -6.33
CA VAL C 258 9.99 13.46 -6.90
C VAL C 258 10.32 14.93 -7.14
N GLU C 259 10.14 15.38 -8.39
CA GLU C 259 10.44 16.75 -8.77
C GLU C 259 9.24 17.37 -9.46
N PHE C 260 9.03 18.66 -9.21
CA PHE C 260 7.94 19.40 -9.81
C PHE C 260 8.41 20.15 -11.05
N ARG C 261 7.65 20.00 -12.13
CA ARG C 261 7.82 20.82 -13.32
C ARG C 261 6.50 21.52 -13.64
N GLN C 262 6.61 22.75 -14.13
CA GLN C 262 5.46 23.64 -14.24
C GLN C 262 5.51 24.41 -15.55
N GLU C 263 4.33 24.81 -16.02
CA GLU C 263 4.17 25.50 -17.30
C GLU C 263 3.37 26.78 -17.07
N THR C 264 4.07 27.87 -16.78
CA THR C 264 3.40 29.14 -16.57
C THR C 264 2.72 29.61 -17.85
N SER C 265 1.66 30.40 -17.68
CA SER C 265 0.98 31.02 -18.81
C SER C 265 0.39 32.34 -18.32
N VAL C 266 1.11 33.43 -18.54
CA VAL C 266 0.70 34.73 -18.01
C VAL C 266 -0.46 35.27 -18.83
N VAL C 267 -1.34 36.01 -18.16
CA VAL C 267 -2.45 36.71 -18.82
C VAL C 267 -2.54 38.11 -18.25
N ASN C 268 -2.65 39.11 -19.12
CA ASN C 268 -2.55 40.49 -18.68
C ASN C 268 -3.70 40.86 -17.75
N PHE C 269 -3.38 41.66 -16.74
CA PHE C 269 -4.34 42.08 -15.72
C PHE C 269 -4.84 43.48 -16.04
N ILE C 270 -6.15 43.63 -16.16
CA ILE C 270 -6.73 44.93 -16.47
C ILE C 270 -6.67 45.80 -15.22
N ASP C 271 -6.18 47.02 -15.38
CA ASP C 271 -6.10 47.97 -14.28
C ASP C 271 -7.19 49.04 -14.35
N ARG C 272 -8.27 48.76 -15.07
CA ARG C 272 -9.41 49.68 -15.16
C ARG C 272 -10.29 49.64 -13.91
N ARG C 273 -9.83 49.00 -12.84
CA ARG C 273 -10.61 48.90 -11.60
C ARG C 273 -9.91 49.56 -10.43
N GLU C 274 -8.63 49.26 -10.20
CA GLU C 274 -7.91 49.93 -9.12
C GLU C 274 -7.74 51.42 -9.41
N THR C 275 -7.42 51.77 -10.65
CA THR C 275 -7.09 53.13 -11.04
C THR C 275 -6.03 53.74 -10.11
N PRO C 276 -4.85 53.14 -10.02
CA PRO C 276 -3.83 53.66 -9.11
C PRO C 276 -3.22 54.95 -9.65
N ASP C 277 -2.74 55.77 -8.72
CA ASP C 277 -2.13 57.05 -9.06
C ASP C 277 -0.63 57.06 -8.84
N LYS C 278 -0.05 55.94 -8.40
CA LYS C 278 1.36 55.87 -8.08
C LYS C 278 2.10 54.79 -8.86
N GLY C 279 1.45 53.70 -9.23
CA GLY C 279 2.12 52.58 -9.85
C GLY C 279 2.22 51.41 -8.89
N ASP C 280 1.16 51.21 -8.11
CA ASP C 280 1.14 50.13 -7.13
C ASP C 280 1.01 48.78 -7.85
N GLN C 281 1.14 47.71 -7.07
CA GLN C 281 1.17 46.35 -7.61
C GLN C 281 0.02 45.53 -7.05
N LEU C 282 -0.58 44.71 -7.91
CA LEU C 282 -1.64 43.79 -7.55
C LEU C 282 -1.41 42.43 -8.20
N PHE C 283 -0.17 41.95 -8.15
CA PHE C 283 0.18 40.74 -8.88
C PHE C 283 -0.46 39.52 -8.23
N PHE C 284 -1.35 38.87 -8.97
CA PHE C 284 -1.90 37.61 -8.53
C PHE C 284 -0.85 36.51 -8.66
N VAL C 285 -1.24 35.30 -8.29
CA VAL C 285 -0.52 34.08 -8.64
C VAL C 285 -1.50 32.93 -8.47
N VAL C 286 -1.54 32.02 -9.43
CA VAL C 286 -2.57 31.00 -9.50
C VAL C 286 -1.90 29.65 -9.65
N PHE C 287 -2.44 28.64 -8.99
CA PHE C 287 -1.91 27.29 -9.08
C PHE C 287 -3.02 26.34 -9.51
N GLU C 288 -2.63 25.13 -9.87
CA GLU C 288 -3.56 24.12 -10.36
C GLU C 288 -2.80 22.79 -10.41
N TRP C 289 -3.43 21.79 -11.01
CA TRP C 289 -2.76 20.56 -11.42
C TRP C 289 -2.98 20.35 -12.90
N LYS C 290 -1.95 19.89 -13.59
CA LYS C 290 -2.07 19.46 -14.98
C LYS C 290 -2.62 18.04 -14.96
N ASP C 291 -2.63 17.38 -16.13
CA ASP C 291 -3.13 16.02 -16.20
C ASP C 291 -2.56 15.15 -15.07
N PRO C 292 -3.38 14.31 -14.44
CA PRO C 292 -2.91 13.56 -13.27
C PRO C 292 -1.95 12.43 -13.60
N TYR C 293 -1.64 12.22 -14.88
CA TYR C 293 -0.79 11.10 -15.29
C TYR C 293 0.64 11.41 -14.88
N ILE C 294 0.93 11.17 -13.60
CA ILE C 294 2.25 11.47 -13.06
C ILE C 294 3.28 10.57 -13.72
N GLN C 295 4.35 11.18 -14.22
CA GLN C 295 5.38 10.44 -14.93
C GLN C 295 6.32 9.77 -13.94
N GLU C 296 6.46 8.46 -14.05
CA GLU C 296 7.40 7.70 -13.24
C GLU C 296 8.58 7.31 -14.11
N ILE C 297 9.79 7.63 -13.65
CA ILE C 297 11.01 7.39 -14.40
C ILE C 297 11.82 6.33 -13.66
N GLN C 298 12.20 5.28 -14.38
CA GLN C 298 13.04 4.23 -13.83
C GLN C 298 14.24 4.01 -14.74
N ASP C 299 15.43 4.05 -14.16
CA ASP C 299 16.68 3.87 -14.89
C ASP C 299 17.07 2.40 -14.77
N ILE C 300 16.54 1.57 -15.67
CA ILE C 300 16.83 0.14 -15.65
C ILE C 300 18.19 -0.12 -16.29
N ILE C 301 18.77 -1.26 -15.95
CA ILE C 301 20.10 -1.65 -16.42
C ILE C 301 19.92 -2.63 -17.58
N THR C 302 20.80 -2.52 -18.58
CA THR C 302 20.78 -3.44 -19.70
C THR C 302 20.88 -4.87 -19.22
N ALA C 303 20.03 -5.75 -19.75
CA ALA C 303 19.87 -7.10 -19.24
C ALA C 303 21.04 -7.98 -19.66
N ASN C 304 22.17 -7.80 -18.96
CA ASN C 304 23.36 -8.64 -19.15
C ASN C 304 23.87 -9.19 -17.82
N PRO C 305 22.99 -9.79 -17.00
CA PRO C 305 23.45 -10.26 -15.69
C PRO C 305 24.37 -11.47 -15.76
N TRP C 306 23.91 -12.52 -16.45
CA TRP C 306 24.72 -13.70 -16.67
C TRP C 306 24.58 -14.26 -18.08
N SER C 307 23.75 -13.63 -18.94
CA SER C 307 23.65 -14.09 -20.31
C SER C 307 24.99 -14.03 -21.02
N MET C 308 25.78 -13.00 -20.73
CA MET C 308 27.08 -12.87 -21.38
C MET C 308 27.98 -14.05 -21.05
N ILE C 309 28.06 -14.43 -19.77
CA ILE C 309 28.94 -15.54 -19.39
C ILE C 309 28.38 -16.87 -19.90
N ALA C 310 27.05 -17.02 -19.87
CA ALA C 310 26.47 -18.27 -20.35
C ALA C 310 26.71 -18.46 -21.83
N LEU C 311 26.54 -17.38 -22.63
CA LEU C 311 26.79 -17.51 -24.06
C LEU C 311 28.29 -17.58 -24.37
N LEU C 312 29.13 -17.03 -23.49
CA LEU C 312 30.56 -17.26 -23.60
C LEU C 312 30.89 -18.74 -23.45
N CYS C 313 30.28 -19.39 -22.46
CA CYS C 313 30.46 -20.83 -22.31
C CYS C 313 29.89 -21.57 -23.51
N SER C 314 28.77 -21.09 -24.06
CA SER C 314 28.18 -21.73 -25.23
C SER C 314 29.12 -21.67 -26.43
N VAL C 315 29.72 -20.50 -26.69
CA VAL C 315 30.62 -20.40 -27.83
C VAL C 315 31.89 -21.20 -27.58
N PHE C 316 32.37 -21.24 -26.33
CA PHE C 316 33.44 -22.16 -25.96
C PHE C 316 33.10 -23.60 -26.35
N LEU C 317 31.92 -24.07 -25.97
CA LEU C 317 31.55 -25.44 -26.25
C LEU C 317 31.44 -25.69 -27.75
N VAL C 318 30.82 -24.76 -28.48
CA VAL C 318 30.65 -24.99 -29.92
C VAL C 318 31.98 -24.94 -30.64
N LEU C 319 32.92 -24.09 -30.19
CA LEU C 319 34.22 -24.06 -30.86
C LEU C 319 35.00 -25.34 -30.59
N PHE C 320 34.92 -25.87 -29.38
CA PHE C 320 35.57 -27.17 -29.13
C PHE C 320 34.93 -28.27 -29.97
N LYS C 321 33.60 -28.26 -30.08
CA LYS C 321 32.94 -29.29 -30.89
C LYS C 321 33.38 -29.15 -32.35
N ALA C 322 33.47 -27.93 -32.84
CA ALA C 322 33.88 -27.70 -34.22
C ALA C 322 35.32 -28.14 -34.46
N ALA C 323 36.20 -27.92 -33.49
CA ALA C 323 37.57 -28.40 -33.61
C ALA C 323 37.60 -29.92 -33.68
N ASP C 324 36.81 -30.58 -32.84
CA ASP C 324 36.76 -32.04 -32.87
C ASP C 324 36.20 -32.54 -34.19
N PHE C 325 35.15 -31.90 -34.71
CA PHE C 325 34.58 -32.30 -35.98
C PHE C 325 35.56 -32.07 -37.13
N ALA C 326 36.33 -30.99 -37.05
CA ALA C 326 37.37 -30.76 -38.05
C ALA C 326 38.41 -31.86 -38.02
N LYS C 327 38.80 -32.30 -36.80
CA LYS C 327 39.72 -33.42 -36.70
C LYS C 327 39.13 -34.67 -37.33
N LEU C 328 37.85 -34.94 -37.06
CA LEU C 328 37.21 -36.13 -37.62
C LEU C 328 37.17 -36.06 -39.15
N SER C 329 36.80 -34.90 -39.70
CA SER C 329 36.70 -34.77 -41.15
C SER C 329 38.06 -34.88 -41.81
N VAL C 330 39.10 -34.27 -41.21
CA VAL C 330 40.41 -34.35 -41.81
C VAL C 330 40.96 -35.76 -41.70
N LYS C 331 40.62 -36.50 -40.63
CA LYS C 331 41.00 -37.91 -40.55
C LYS C 331 40.30 -38.72 -41.63
N TRP C 332 39.03 -38.41 -41.90
CA TRP C 332 38.34 -39.07 -43.01
C TRP C 332 39.02 -38.78 -44.34
N MET C 333 39.43 -37.53 -44.55
CA MET C 333 40.14 -37.17 -45.77
C MET C 333 41.48 -37.90 -45.86
N ILE C 334 42.19 -38.04 -44.74
CA ILE C 334 43.45 -38.80 -44.75
C ILE C 334 43.19 -40.26 -45.08
N LYS C 335 42.11 -40.83 -44.53
CA LYS C 335 41.80 -42.23 -44.84
C LYS C 335 41.50 -42.41 -46.32
N VAL C 336 40.69 -41.54 -46.90
CA VAL C 336 40.38 -41.69 -48.32
C VAL C 336 41.61 -41.40 -49.18
N ARG C 337 42.49 -40.49 -48.75
CA ARG C 337 43.72 -40.24 -49.48
C ARG C 337 44.65 -41.45 -49.43
N ARG C 338 44.72 -42.12 -48.28
CA ARG C 338 45.51 -43.35 -48.19
C ARG C 338 44.93 -44.45 -49.07
N ARG C 339 43.60 -44.54 -49.13
CA ARG C 339 42.98 -45.50 -50.02
C ARG C 339 43.31 -45.20 -51.47
N HIS C 340 43.26 -43.92 -51.85
CA HIS C 340 43.64 -43.54 -53.22
C HIS C 340 45.11 -43.84 -53.49
N LEU C 341 45.98 -43.61 -52.50
CA LEU C 341 47.39 -43.90 -52.66
C LEU C 341 47.64 -45.39 -52.87
N LYS C 342 46.93 -46.23 -52.11
CA LYS C 342 47.05 -47.67 -52.31
C LYS C 342 46.48 -48.10 -53.65
N LYS C 343 45.42 -47.43 -54.11
CA LYS C 343 44.86 -47.73 -55.42
C LYS C 343 45.85 -47.41 -56.53
N ARG C 344 46.51 -46.26 -56.44
CA ARG C 344 47.39 -45.78 -57.49
C ARG C 344 48.85 -46.15 -57.29
N ALA C 345 49.17 -46.92 -56.25
CA ALA C 345 50.55 -47.34 -56.01
C ALA C 345 51.03 -48.32 -57.07
N PHE D 58 50.78 -52.97 27.92
CA PHE D 58 49.91 -52.40 28.95
C PHE D 58 49.12 -51.24 28.37
N SER D 59 49.67 -50.61 27.33
CA SER D 59 48.95 -49.55 26.63
C SER D 59 47.67 -50.08 25.99
N ARG D 60 47.75 -51.25 25.36
CA ARG D 60 46.56 -51.88 24.80
C ARG D 60 45.62 -52.36 25.90
N THR D 61 46.16 -52.79 27.04
CA THR D 61 45.30 -53.20 28.15
C THR D 61 44.52 -52.02 28.72
N CYS D 62 45.10 -50.82 28.69
CA CYS D 62 44.36 -49.62 29.04
C CYS D 62 43.42 -49.16 27.93
N LEU D 63 43.81 -49.37 26.68
CA LEU D 63 42.97 -48.96 25.55
C LEU D 63 41.69 -49.77 25.49
N LYS D 64 41.76 -51.07 25.79
CA LYS D 64 40.55 -51.88 25.78
C LYS D 64 39.57 -51.48 26.88
N ASN D 65 40.05 -50.81 27.93
CA ASN D 65 39.17 -50.23 28.95
C ASN D 65 38.67 -48.85 28.54
N PHE D 66 39.52 -48.05 27.91
CA PHE D 66 39.08 -46.73 27.44
C PHE D 66 37.98 -46.86 26.39
N PHE D 67 38.13 -47.81 25.47
CA PHE D 67 37.10 -47.99 24.46
C PHE D 67 35.83 -48.57 25.04
N SER D 68 35.93 -49.39 26.09
CA SER D 68 34.74 -49.84 26.79
C SER D 68 34.02 -48.66 27.46
N VAL D 69 34.80 -47.75 28.05
CA VAL D 69 34.22 -46.55 28.64
C VAL D 69 33.50 -45.73 27.58
N LEU D 70 34.12 -45.58 26.40
CA LEU D 70 33.47 -44.87 25.31
C LEU D 70 32.21 -45.58 24.84
N LEU D 71 32.23 -46.91 24.79
CA LEU D 71 31.04 -47.68 24.48
C LEU D 71 29.90 -47.34 25.43
N ILE D 72 30.18 -47.40 26.74
CA ILE D 72 29.15 -47.12 27.74
C ILE D 72 28.67 -45.68 27.62
N LEU D 73 29.58 -44.75 27.33
CA LEU D 73 29.20 -43.34 27.19
C LEU D 73 28.25 -43.17 26.02
N VAL D 74 28.57 -43.76 24.87
CA VAL D 74 27.72 -43.63 23.69
C VAL D 74 26.36 -44.28 23.93
N TYR D 75 26.35 -45.43 24.62
CA TYR D 75 25.08 -46.06 24.95
C TYR D 75 24.23 -45.16 25.83
N LEU D 76 24.79 -44.70 26.95
CA LEU D 76 23.99 -43.99 27.94
C LEU D 76 23.62 -42.59 27.47
N LEU D 77 24.38 -41.99 26.57
CA LEU D 77 24.00 -40.68 26.03
C LEU D 77 22.62 -40.75 25.39
N LEU D 78 22.43 -41.70 24.46
CA LEU D 78 21.14 -41.84 23.81
C LEU D 78 20.13 -42.63 24.64
N MET D 79 20.58 -43.30 25.71
CA MET D 79 19.60 -43.85 26.65
C MET D 79 19.08 -42.82 27.64
N GLY D 80 19.75 -41.68 27.77
CA GLY D 80 19.28 -40.60 28.62
C GLY D 80 18.58 -39.50 27.85
N VAL D 81 19.02 -39.27 26.60
CA VAL D 81 18.35 -38.28 25.76
C VAL D 81 16.90 -38.70 25.53
N ALA D 82 16.66 -40.00 25.30
CA ALA D 82 15.32 -40.47 25.05
C ALA D 82 14.41 -40.22 26.25
N VAL D 83 14.89 -40.54 27.46
CA VAL D 83 14.04 -40.37 28.64
C VAL D 83 13.81 -38.89 28.93
N PHE D 84 14.84 -38.06 28.73
CA PHE D 84 14.65 -36.62 28.93
C PHE D 84 13.62 -36.07 27.96
N LEU D 85 13.71 -36.46 26.67
CA LEU D 85 12.76 -35.96 25.68
C LEU D 85 11.35 -36.46 25.96
N VAL D 86 11.18 -37.73 26.34
CA VAL D 86 9.84 -38.22 26.59
C VAL D 86 9.24 -37.55 27.83
N TYR D 87 10.05 -37.32 28.86
CA TYR D 87 9.54 -36.62 30.03
C TYR D 87 9.16 -35.19 29.70
N GLN D 88 9.98 -34.51 28.89
CA GLN D 88 9.64 -33.15 28.49
C GLN D 88 8.35 -33.12 27.68
N THR D 89 8.18 -34.09 26.79
CA THR D 89 6.97 -34.11 25.95
C THR D 89 5.73 -34.41 26.78
N ILE D 90 5.81 -35.36 27.72
CA ILE D 90 4.63 -35.65 28.53
C ILE D 90 4.29 -34.47 29.43
N THR D 91 5.30 -33.78 29.98
CA THR D 91 5.02 -32.58 30.77
C THR D 91 4.37 -31.50 29.91
N ASP D 92 4.89 -31.29 28.70
CA ASP D 92 4.32 -30.27 27.82
C ASP D 92 2.88 -30.60 27.45
N PHE D 93 2.59 -31.88 27.20
CA PHE D 93 1.23 -32.24 26.83
C PHE D 93 0.28 -32.21 28.01
N ARG D 94 0.79 -32.46 29.23
CA ARG D 94 -0.03 -32.20 30.42
C ARG D 94 -0.34 -30.72 30.54
N ASP D 95 0.65 -29.86 30.26
CA ASP D 95 0.41 -28.42 30.27
C ASP D 95 -0.66 -28.04 29.26
N LYS D 96 -0.59 -28.62 28.06
CA LYS D 96 -1.62 -28.35 27.05
C LYS D 96 -2.98 -28.85 27.52
N LEU D 97 -3.01 -30.01 28.17
CA LEU D 97 -4.26 -30.54 28.72
C LEU D 97 -4.83 -29.63 29.80
N LYS D 98 -3.98 -28.86 30.47
CA LYS D 98 -4.45 -28.03 31.58
C LYS D 98 -5.50 -27.01 31.11
N HIS D 99 -5.27 -26.39 29.95
CA HIS D 99 -6.16 -25.32 29.50
C HIS D 99 -6.29 -25.26 27.98
N PRO D 100 -7.52 -25.37 27.45
CA PRO D 100 -7.72 -25.32 26.00
C PRO D 100 -7.67 -23.91 25.43
N VAL D 101 -8.02 -23.77 24.15
CA VAL D 101 -7.98 -22.49 23.45
C VAL D 101 -9.37 -22.08 23.00
N MET D 102 -9.47 -20.92 22.36
CA MET D 102 -10.73 -20.37 21.89
C MET D 102 -10.88 -20.57 20.38
N SER D 103 -12.07 -21.01 19.97
CA SER D 103 -12.40 -21.15 18.55
C SER D 103 -13.81 -20.60 18.34
N VAL D 104 -13.89 -19.41 17.77
CA VAL D 104 -15.17 -18.76 17.56
C VAL D 104 -15.69 -19.06 16.16
N SER D 105 -17.01 -18.96 16.00
CA SER D 105 -17.65 -19.11 14.70
C SER D 105 -18.98 -18.37 14.77
N TYR D 106 -19.31 -17.67 13.69
CA TYR D 106 -20.42 -16.72 13.71
C TYR D 106 -21.73 -17.28 13.18
N LYS D 107 -21.69 -18.18 12.20
CA LYS D 107 -22.85 -18.89 11.67
C LYS D 107 -24.08 -17.99 11.57
N GLU D 108 -23.95 -16.95 10.75
CA GLU D 108 -25.01 -15.96 10.63
C GLU D 108 -26.31 -16.62 10.20
N VAL D 109 -27.41 -16.19 10.82
CA VAL D 109 -28.72 -16.77 10.56
C VAL D 109 -29.60 -15.75 9.84
N ASN D 110 -30.78 -16.20 9.39
CA ASN D 110 -31.71 -15.37 8.66
C ASN D 110 -33.02 -15.14 9.40
N MET D 111 -33.49 -16.11 10.18
CA MET D 111 -34.75 -15.98 10.90
C MET D 111 -34.49 -16.40 12.35
N TYR D 112 -34.42 -15.41 13.24
CA TYR D 112 -34.19 -15.70 14.64
C TYR D 112 -35.42 -16.35 15.27
N ASP D 113 -35.19 -17.08 16.36
CA ASP D 113 -36.28 -17.63 17.13
C ASP D 113 -36.98 -16.53 17.94
N ALA D 114 -38.13 -16.86 18.50
CA ALA D 114 -38.83 -15.91 19.34
C ALA D 114 -38.19 -15.90 20.72
N PRO D 115 -37.61 -14.77 21.15
CA PRO D 115 -36.92 -14.73 22.45
C PRO D 115 -37.87 -14.32 23.56
N GLY D 116 -37.39 -14.51 24.78
CA GLY D 116 -38.18 -14.20 25.96
C GLY D 116 -37.68 -13.00 26.72
N ILE D 117 -38.60 -12.09 27.07
CA ILE D 117 -38.25 -10.83 27.72
C ILE D 117 -39.11 -10.74 28.98
N ALA D 118 -38.51 -11.00 30.14
CA ALA D 118 -39.25 -11.13 31.38
C ALA D 118 -39.21 -9.82 32.16
N LEU D 119 -40.07 -8.90 31.77
CA LEU D 119 -40.16 -7.63 32.48
C LEU D 119 -40.81 -7.81 33.84
N TYR D 120 -40.46 -6.93 34.77
CA TYR D 120 -41.04 -6.91 36.11
C TYR D 120 -41.65 -5.53 36.34
N PRO D 121 -42.77 -5.23 35.67
CA PRO D 121 -43.31 -3.87 35.72
C PRO D 121 -43.72 -3.40 37.10
N GLY D 122 -44.00 -4.33 38.02
CA GLY D 122 -44.45 -3.93 39.35
C GLY D 122 -45.80 -3.27 39.34
N LYS D 123 -45.88 -2.04 39.87
CA LYS D 123 -47.14 -1.33 39.96
C LYS D 123 -47.51 -0.61 38.67
N ALA D 124 -46.62 -0.61 37.67
CA ALA D 124 -46.91 0.10 36.43
C ALA D 124 -47.98 -0.64 35.64
N ARG D 125 -48.34 -0.08 34.49
CA ARG D 125 -49.34 -0.65 33.61
C ARG D 125 -48.79 -0.71 32.19
N LEU D 126 -49.04 -1.82 31.51
CA LEU D 126 -48.61 -1.96 30.13
C LEU D 126 -49.51 -1.11 29.23
N LEU D 127 -49.12 0.14 29.02
CA LEU D 127 -49.94 1.04 28.21
C LEU D 127 -50.00 0.55 26.76
N SER D 128 -48.88 0.09 26.22
CA SER D 128 -48.85 -0.43 24.86
C SER D 128 -47.70 -1.40 24.72
N CYS D 129 -47.90 -2.40 23.88
CA CYS D 129 -46.86 -3.37 23.52
C CYS D 129 -46.87 -3.60 22.02
N GLU D 130 -46.99 -2.52 21.26
CA GLU D 130 -47.15 -2.65 19.81
C GLU D 130 -45.87 -3.17 19.17
N HIS D 131 -46.04 -4.01 18.16
CA HIS D 131 -44.93 -4.64 17.46
C HIS D 131 -44.75 -3.96 16.11
N HIS D 132 -43.84 -3.00 16.05
CA HIS D 132 -43.51 -2.36 14.77
C HIS D 132 -42.80 -3.39 13.90
N TRP D 133 -43.51 -3.93 12.92
CA TRP D 133 -43.04 -5.12 12.23
C TRP D 133 -41.74 -4.83 11.47
N TYR D 134 -41.65 -3.67 10.84
CA TYR D 134 -40.38 -3.23 10.26
C TYR D 134 -40.12 -1.76 10.46
N ASP D 135 -40.97 -1.04 11.19
CA ASP D 135 -40.93 0.41 11.17
C ASP D 135 -39.79 0.92 12.03
N HIS D 136 -38.61 1.09 11.41
CA HIS D 136 -37.43 1.53 12.16
C HIS D 136 -37.65 2.88 12.83
N ILE D 137 -38.55 3.70 12.30
CA ILE D 137 -38.88 4.99 12.88
C ILE D 137 -40.27 4.89 13.51
N PRO D 138 -40.38 4.67 14.82
CA PRO D 138 -41.69 4.37 15.43
C PRO D 138 -42.68 5.50 15.21
N PRO D 139 -43.94 5.17 14.95
CA PRO D 139 -44.96 6.21 14.77
C PRO D 139 -45.18 6.96 16.09
N LEU D 140 -44.92 8.26 16.07
CA LEU D 140 -45.06 9.07 17.26
C LEU D 140 -46.51 9.06 17.73
N LYS D 141 -46.71 8.79 19.02
CA LYS D 141 -48.04 8.75 19.59
C LYS D 141 -48.02 9.44 20.94
N ASP D 142 -49.15 10.04 21.30
CA ASP D 142 -49.21 10.85 22.51
C ASP D 142 -49.06 9.97 23.75
N PRO D 143 -48.12 10.27 24.64
CA PRO D 143 -47.94 9.47 25.84
C PRO D 143 -49.01 9.77 26.88
N GLY D 144 -49.07 8.89 27.89
CA GLY D 144 -49.94 9.09 29.03
C GLY D 144 -51.26 8.35 29.00
N GLN D 145 -51.59 7.67 27.91
CA GLN D 145 -52.84 6.94 27.83
C GLN D 145 -52.60 5.52 27.33
N PRO D 146 -53.44 4.58 27.71
CA PRO D 146 -53.29 3.20 27.24
C PRO D 146 -53.76 3.07 25.79
N GLY D 147 -53.72 1.83 25.31
CA GLY D 147 -54.17 1.54 23.95
C GLY D 147 -53.22 0.69 23.15
N GLU D 148 -53.76 -0.05 22.18
CA GLU D 148 -52.96 -0.86 21.24
C GLU D 148 -52.11 -1.90 21.98
N ASN D 149 -52.81 -2.83 22.63
CA ASN D 149 -52.14 -3.99 23.23
C ASN D 149 -52.06 -5.14 22.22
N THR D 150 -51.51 -4.86 21.03
CA THR D 150 -51.31 -5.88 20.03
C THR D 150 -50.05 -6.70 20.33
N CYS D 151 -50.00 -7.27 21.52
CA CYS D 151 -48.80 -7.89 22.05
C CYS D 151 -49.03 -9.38 22.26
N VAL D 152 -47.97 -10.08 22.69
CA VAL D 152 -48.02 -11.52 22.90
C VAL D 152 -47.77 -11.79 24.38
N THR D 153 -48.21 -10.86 25.23
CA THR D 153 -47.98 -10.98 26.66
C THR D 153 -48.75 -12.15 27.25
N GLN D 154 -48.16 -12.77 28.29
CA GLN D 154 -48.81 -13.87 29.04
C GLN D 154 -48.38 -13.75 30.51
N ASP D 155 -49.08 -12.93 31.28
CA ASP D 155 -48.70 -12.67 32.67
C ASP D 155 -48.66 -13.98 33.45
N ILE D 156 -47.45 -14.41 33.81
CA ILE D 156 -47.25 -15.64 34.56
C ILE D 156 -46.25 -15.36 35.67
N SER D 157 -46.63 -15.68 36.89
CA SER D 157 -45.84 -15.34 38.07
C SER D 157 -45.27 -16.60 38.72
N TYR D 158 -44.22 -16.38 39.51
CA TYR D 158 -43.56 -17.43 40.29
C TYR D 158 -42.81 -16.76 41.43
N ILE D 159 -42.44 -17.56 42.42
CA ILE D 159 -41.68 -17.05 43.56
C ILE D 159 -40.23 -16.85 43.16
N ASP D 160 -39.65 -15.74 43.60
CA ASP D 160 -38.28 -15.41 43.25
C ASP D 160 -37.31 -16.15 44.17
N PRO D 161 -36.36 -16.91 43.62
CA PRO D 161 -35.30 -17.48 44.46
C PRO D 161 -34.39 -16.39 45.02
N TYR D 162 -33.45 -16.78 45.87
CA TYR D 162 -32.51 -15.88 46.56
C TYR D 162 -33.26 -15.06 47.61
N THR D 163 -34.59 -15.18 47.61
CA THR D 163 -35.45 -14.52 48.59
C THR D 163 -36.23 -15.52 49.42
N ASN D 164 -36.84 -16.52 48.78
CA ASN D 164 -37.62 -17.58 49.42
C ASN D 164 -38.81 -17.06 50.20
N LYS D 165 -39.18 -15.80 50.03
CA LYS D 165 -40.30 -15.24 50.78
C LYS D 165 -41.26 -14.37 49.96
N THR D 166 -40.90 -13.94 48.76
CA THR D 166 -41.68 -12.92 48.05
C THR D 166 -42.19 -13.44 46.71
N MET D 167 -43.40 -13.03 46.38
CA MET D 167 -44.00 -13.23 45.07
C MET D 167 -43.71 -12.01 44.19
N LYS D 168 -43.53 -12.25 42.90
CA LYS D 168 -43.35 -11.14 41.97
C LYS D 168 -43.86 -11.56 40.59
N HIS D 169 -44.79 -10.79 40.05
CA HIS D 169 -45.36 -11.08 38.76
C HIS D 169 -44.41 -10.62 37.65
N ALA D 170 -44.66 -11.12 36.44
CA ALA D 170 -43.80 -10.83 35.31
C ALA D 170 -44.58 -11.09 34.03
N LEU D 171 -44.72 -10.05 33.20
CA LEU D 171 -45.48 -10.18 31.93
C LEU D 171 -44.52 -10.52 30.79
N ILE D 172 -44.07 -11.76 30.73
CA ILE D 172 -43.14 -12.18 29.68
C ILE D 172 -43.79 -11.95 28.32
N VAL D 173 -43.04 -11.35 27.40
CA VAL D 173 -43.56 -11.04 26.07
C VAL D 173 -42.63 -11.64 25.03
N GLN D 174 -43.15 -11.79 23.82
CA GLN D 174 -42.42 -12.38 22.72
C GLN D 174 -41.63 -11.31 21.98
N GLY D 175 -40.33 -11.55 21.83
CA GLY D 175 -39.47 -10.61 21.16
C GLY D 175 -39.52 -10.74 19.66
N PRO D 176 -38.87 -9.80 18.98
CA PRO D 176 -38.85 -9.83 17.51
C PRO D 176 -37.96 -10.94 16.98
N ARG D 177 -38.20 -11.31 15.72
CA ARG D 177 -37.50 -12.41 15.08
C ARG D 177 -36.74 -11.99 13.84
N ASP D 178 -37.37 -11.27 12.92
CA ASP D 178 -36.76 -10.96 11.63
C ASP D 178 -35.68 -9.91 11.81
N VAL D 179 -34.43 -10.34 11.82
CA VAL D 179 -33.31 -9.41 11.91
C VAL D 179 -33.14 -8.62 10.61
N ARG D 180 -33.32 -9.30 9.47
CA ARG D 180 -33.13 -8.63 8.18
C ARG D 180 -34.10 -7.46 8.02
N ARG D 181 -35.37 -7.67 8.38
CA ARG D 181 -36.34 -6.58 8.39
C ARG D 181 -36.19 -5.70 9.62
N ARG D 182 -35.33 -6.09 10.57
CA ARG D 182 -35.15 -5.37 11.83
C ARG D 182 -36.49 -5.20 12.55
N GLU D 183 -37.10 -6.33 12.88
CA GLU D 183 -38.33 -6.31 13.65
C GLU D 183 -38.09 -5.69 15.02
N LEU D 184 -39.05 -4.91 15.48
CA LEU D 184 -38.96 -4.21 16.76
C LEU D 184 -40.10 -4.66 17.67
N VAL D 185 -40.05 -4.16 18.90
CA VAL D 185 -41.18 -4.23 19.81
C VAL D 185 -41.16 -2.98 20.67
N PHE D 186 -42.23 -2.20 20.61
CA PHE D 186 -42.29 -0.90 21.28
C PHE D 186 -43.19 -1.04 22.50
N LEU D 187 -42.67 -0.69 23.66
CA LEU D 187 -43.40 -0.76 24.90
C LEU D 187 -43.63 0.65 25.44
N GLN D 188 -44.47 0.74 26.46
CA GLN D 188 -44.73 2.02 27.12
C GLN D 188 -45.34 1.72 28.48
N PHE D 189 -44.63 2.07 29.54
CA PHE D 189 -45.08 1.81 30.90
C PHE D 189 -45.24 3.12 31.64
N HIS D 190 -46.36 3.26 32.32
CA HIS D 190 -46.69 4.46 33.09
C HIS D 190 -46.91 4.06 34.54
N LEU D 191 -46.60 4.97 35.45
CA LEU D 191 -46.75 4.69 36.88
C LEU D 191 -47.04 5.98 37.61
N ASN D 192 -48.10 5.97 38.43
CA ASN D 192 -48.38 7.10 39.30
C ASN D 192 -47.20 7.32 40.23
N GLU D 193 -46.65 8.54 40.16
CA GLU D 193 -45.42 8.83 40.92
C GLU D 193 -45.60 8.53 42.41
N THR D 194 -44.55 8.04 43.04
CA THR D 194 -44.55 7.74 44.47
C THR D 194 -43.22 8.10 45.10
N LYS D 195 -42.99 7.61 46.31
CA LYS D 195 -41.79 7.96 47.08
C LYS D 195 -40.52 7.32 46.53
N GLN D 196 -40.63 6.35 45.61
CA GLN D 196 -39.45 5.58 45.19
C GLN D 196 -38.37 6.47 44.60
N ASP D 197 -38.74 7.52 43.87
CA ASP D 197 -37.82 8.55 43.42
C ASP D 197 -36.72 8.01 42.49
N PHE D 198 -36.77 6.72 42.16
CA PHE D 198 -35.82 6.12 41.23
C PHE D 198 -36.57 5.01 40.51
N SER D 199 -37.03 5.31 39.30
CA SER D 199 -37.94 4.43 38.58
C SER D 199 -37.16 3.60 37.57
N ALA D 200 -36.84 2.36 37.94
CA ALA D 200 -36.21 1.41 37.05
C ALA D 200 -37.06 0.15 37.00
N ILE D 201 -37.31 -0.35 35.80
CA ILE D 201 -38.15 -1.53 35.59
C ILE D 201 -37.26 -2.64 35.06
N ASP D 202 -37.01 -3.65 35.88
CA ASP D 202 -36.06 -4.70 35.55
C ASP D 202 -36.57 -5.55 34.39
N TYR D 203 -35.66 -6.31 33.80
CA TYR D 203 -36.03 -7.19 32.70
C TYR D 203 -34.93 -8.22 32.47
N LEU D 204 -35.32 -9.47 32.32
CA LEU D 204 -34.45 -10.59 32.02
C LEU D 204 -34.63 -10.99 30.56
N LEU D 205 -33.78 -11.91 30.11
CA LEU D 205 -33.81 -12.36 28.72
C LEU D 205 -33.46 -13.83 28.65
N PHE D 206 -34.30 -14.62 27.98
CA PHE D 206 -34.04 -16.03 27.75
C PHE D 206 -34.27 -16.36 26.29
N SER D 207 -33.61 -17.43 25.84
CA SER D 207 -33.42 -17.66 24.41
C SER D 207 -34.74 -17.91 23.69
N SER D 208 -35.54 -18.86 24.18
CA SER D 208 -36.72 -19.32 23.46
C SER D 208 -37.98 -18.98 24.24
N TYR D 209 -38.95 -18.40 23.54
CA TYR D 209 -40.23 -18.04 24.15
C TYR D 209 -41.27 -19.15 23.99
N GLU D 210 -41.36 -19.76 22.81
CA GLU D 210 -42.33 -20.84 22.62
C GLU D 210 -41.99 -22.04 23.49
N ALA D 211 -40.71 -22.22 23.84
CA ALA D 211 -40.36 -23.26 24.81
C ALA D 211 -41.00 -22.96 26.16
N PHE D 212 -40.98 -21.69 26.58
CA PHE D 212 -41.72 -21.30 27.77
C PHE D 212 -43.22 -21.49 27.58
N LEU D 213 -43.70 -21.33 26.34
CA LEU D 213 -45.12 -21.51 26.06
C LEU D 213 -45.55 -22.96 26.25
N LYS D 214 -44.72 -23.90 25.84
CA LYS D 214 -45.07 -25.32 25.80
C LYS D 214 -44.20 -26.15 26.73
N SER D 215 -43.98 -25.65 27.95
CA SER D 215 -43.23 -26.39 28.96
C SER D 215 -44.10 -26.53 30.21
N HIS D 216 -44.36 -27.77 30.60
CA HIS D 216 -45.04 -28.01 31.87
C HIS D 216 -44.12 -27.69 33.03
N ASP D 217 -44.71 -27.18 34.11
CA ASP D 217 -43.97 -26.76 35.31
C ASP D 217 -42.92 -25.70 34.95
N GLN D 218 -43.42 -24.54 34.56
CA GLN D 218 -42.62 -23.38 34.14
C GLN D 218 -41.76 -22.82 35.26
N VAL D 219 -41.83 -23.41 36.45
CA VAL D 219 -40.99 -23.00 37.57
C VAL D 219 -39.55 -22.79 37.15
N LYS D 220 -39.02 -23.63 36.26
CA LYS D 220 -37.65 -23.46 35.81
C LYS D 220 -37.46 -22.13 35.11
N PHE D 221 -38.43 -21.73 34.29
CA PHE D 221 -38.26 -20.59 33.40
C PHE D 221 -38.12 -19.25 34.11
N MET D 222 -38.39 -19.16 35.41
CA MET D 222 -38.04 -17.91 36.08
C MET D 222 -37.29 -18.16 37.38
N GLN D 223 -37.54 -19.29 38.04
CA GLN D 223 -36.71 -19.66 39.19
C GLN D 223 -35.29 -20.03 38.82
N ASP D 224 -34.99 -20.18 37.53
CA ASP D 224 -33.61 -20.41 37.11
C ASP D 224 -33.05 -19.32 36.22
N CYS D 225 -33.89 -18.52 35.57
CA CYS D 225 -33.37 -17.42 34.77
C CYS D 225 -32.62 -16.41 35.62
N GLU D 226 -33.21 -16.00 36.74
CA GLU D 226 -32.54 -15.02 37.59
C GLU D 226 -31.31 -15.62 38.26
N SER D 227 -31.35 -16.92 38.59
CA SER D 227 -30.19 -17.58 39.18
C SER D 227 -29.10 -17.84 38.15
N SER D 228 -29.42 -17.77 36.86
CA SER D 228 -28.45 -17.99 35.80
C SER D 228 -28.09 -16.69 35.07
N PHE D 229 -29.08 -15.93 34.61
CA PHE D 229 -28.83 -14.69 33.90
C PHE D 229 -28.53 -13.57 34.90
N SER D 230 -28.32 -12.37 34.36
CA SER D 230 -28.11 -11.19 35.17
C SER D 230 -29.27 -10.22 34.96
N SER D 231 -29.52 -9.40 35.98
CA SER D 231 -30.69 -8.53 36.01
C SER D 231 -30.31 -7.13 35.56
N TRP D 232 -30.70 -6.77 34.34
CA TRP D 232 -30.59 -5.40 33.88
C TRP D 232 -31.84 -4.62 34.28
N LYS D 233 -31.84 -3.33 33.96
CA LYS D 233 -32.97 -2.47 34.23
C LYS D 233 -32.87 -1.21 33.38
N PHE D 234 -33.99 -0.77 32.84
CA PHE D 234 -34.06 0.44 32.06
C PHE D 234 -34.66 1.57 32.88
N SER D 235 -34.48 2.80 32.39
CA SER D 235 -34.70 3.98 33.20
C SER D 235 -36.12 4.50 33.06
N GLY D 236 -36.44 5.48 33.89
CA GLY D 236 -37.72 6.15 33.84
C GLY D 236 -37.61 7.56 33.27
N GLY D 237 -38.26 7.80 32.15
CA GLY D 237 -38.11 9.05 31.43
C GLY D 237 -37.15 8.98 30.27
N PHE D 238 -36.66 7.80 29.93
CA PHE D 238 -35.80 7.59 28.78
C PHE D 238 -36.52 6.69 27.77
N ARG D 239 -35.84 6.39 26.68
CA ARG D 239 -36.29 5.40 25.71
C ARG D 239 -35.11 4.46 25.49
N THR D 240 -34.99 3.47 26.36
CA THR D 240 -33.83 2.58 26.35
C THR D 240 -33.86 1.74 25.09
N TRP D 241 -32.99 2.05 24.14
CA TRP D 241 -32.89 1.28 22.91
C TRP D 241 -31.94 0.12 23.14
N VAL D 242 -32.48 -1.09 23.20
CA VAL D 242 -31.70 -2.29 23.50
C VAL D 242 -31.47 -3.06 22.21
N LYS D 243 -30.21 -3.19 21.82
CA LYS D 243 -29.83 -3.93 20.62
C LYS D 243 -29.26 -5.27 21.08
N MET D 244 -30.14 -6.25 21.29
CA MET D 244 -29.69 -7.51 21.85
C MET D 244 -28.91 -8.32 20.82
N SER D 245 -28.19 -9.32 21.32
CA SER D 245 -27.51 -10.29 20.49
C SER D 245 -27.32 -11.55 21.33
N LEU D 246 -27.08 -12.66 20.66
CA LEU D 246 -27.02 -13.96 21.31
C LEU D 246 -25.65 -14.59 21.12
N VAL D 247 -25.12 -15.16 22.18
CA VAL D 247 -23.80 -15.79 22.18
C VAL D 247 -23.92 -17.18 22.80
N LYS D 248 -23.37 -18.17 22.12
CA LYS D 248 -23.47 -19.57 22.53
C LYS D 248 -22.10 -20.10 22.91
N THR D 249 -22.02 -20.80 24.03
CA THR D 249 -20.80 -21.45 24.46
C THR D 249 -20.86 -22.93 24.13
N LYS D 250 -19.86 -23.68 24.57
CA LYS D 250 -19.79 -25.12 24.30
C LYS D 250 -19.27 -25.81 25.55
N GLU D 251 -20.12 -26.55 26.24
CA GLU D 251 -19.74 -27.32 27.41
C GLU D 251 -19.68 -28.80 27.06
N GLU D 252 -18.83 -29.53 27.81
CA GLU D 252 -18.63 -30.94 27.55
C GLU D 252 -19.77 -31.81 28.05
N ASP D 253 -20.61 -31.29 28.95
CA ASP D 253 -21.66 -32.11 29.54
C ASP D 253 -22.80 -32.35 28.55
N GLY D 254 -23.45 -31.28 28.10
CA GLY D 254 -24.53 -31.40 27.15
C GLY D 254 -24.10 -31.04 25.75
N SER D 255 -24.74 -30.03 25.16
CA SER D 255 -24.38 -29.56 23.82
C SER D 255 -23.84 -28.15 23.84
N GLN D 256 -24.61 -27.19 24.37
CA GLN D 256 -24.22 -25.78 24.34
C GLN D 256 -25.05 -25.04 25.38
N SER D 257 -24.96 -23.71 25.35
CA SER D 257 -25.73 -22.86 26.23
C SER D 257 -25.94 -21.51 25.54
N VAL D 258 -26.88 -20.73 26.07
CA VAL D 258 -27.23 -19.45 25.50
C VAL D 258 -27.01 -18.34 26.52
N GLU D 259 -26.33 -17.28 26.09
CA GLU D 259 -26.12 -16.11 26.92
C GLU D 259 -26.32 -14.88 26.05
N PHE D 260 -26.97 -13.87 26.61
CA PHE D 260 -27.35 -12.68 25.86
C PHE D 260 -26.35 -11.55 26.07
N ARG D 261 -26.14 -10.78 25.00
CA ARG D 261 -25.41 -9.53 25.06
C ARG D 261 -26.28 -8.44 24.46
N GLN D 262 -26.03 -7.21 24.86
CA GLN D 262 -26.90 -6.12 24.46
C GLN D 262 -26.16 -4.80 24.59
N GLU D 263 -26.62 -3.80 23.82
CA GLU D 263 -26.02 -2.48 23.78
C GLU D 263 -27.12 -1.45 24.01
N THR D 264 -27.39 -1.13 25.27
CA THR D 264 -28.37 -0.08 25.57
C THR D 264 -27.86 1.25 25.07
N SER D 265 -28.71 1.98 24.36
CA SER D 265 -28.40 3.30 23.83
C SER D 265 -29.58 4.20 24.18
N VAL D 266 -29.52 4.81 25.37
CA VAL D 266 -30.64 5.63 25.84
C VAL D 266 -30.66 6.95 25.08
N VAL D 267 -31.86 7.42 24.78
CA VAL D 267 -32.08 8.73 24.18
C VAL D 267 -33.15 9.44 24.99
N ASN D 268 -33.01 10.75 25.11
CA ASN D 268 -33.88 11.48 26.02
C ASN D 268 -35.31 11.49 25.51
N PHE D 269 -36.22 11.82 26.42
CA PHE D 269 -37.66 11.82 26.15
C PHE D 269 -38.19 13.22 26.33
N ILE D 270 -38.80 13.77 25.28
CA ILE D 270 -39.36 15.11 25.33
C ILE D 270 -40.58 15.06 26.24
N ASP D 271 -40.46 15.62 27.44
CA ASP D 271 -41.55 15.58 28.40
C ASP D 271 -42.73 16.44 28.00
N ARG D 272 -42.57 17.28 26.98
CA ARG D 272 -43.68 18.08 26.49
C ARG D 272 -44.82 17.18 26.01
N ARG D 273 -45.99 17.79 25.86
CA ARG D 273 -47.25 17.13 25.51
C ARG D 273 -47.74 16.18 26.61
N GLU D 274 -47.04 16.12 27.74
CA GLU D 274 -47.44 15.30 28.88
C GLU D 274 -47.71 16.12 30.13
N THR D 275 -46.82 17.07 30.46
CA THR D 275 -46.92 17.91 31.65
C THR D 275 -47.11 17.07 32.91
N PRO D 276 -46.07 16.36 33.37
CA PRO D 276 -46.22 15.57 34.60
C PRO D 276 -46.32 16.46 35.83
N ASP D 277 -47.52 16.99 36.09
CA ASP D 277 -47.72 17.86 37.24
C ASP D 277 -47.41 17.11 38.54
N LYS D 278 -47.91 15.89 38.66
CA LYS D 278 -47.56 15.03 39.78
C LYS D 278 -46.22 14.32 39.59
N GLY D 279 -45.72 14.30 38.36
CA GLY D 279 -44.49 13.59 38.06
C GLY D 279 -44.67 12.21 37.48
N ASP D 280 -45.67 11.99 36.64
CA ASP D 280 -45.93 10.68 36.06
C ASP D 280 -44.82 10.32 35.09
N GLN D 281 -44.00 9.35 35.46
CA GLN D 281 -42.93 8.87 34.59
C GLN D 281 -43.48 7.96 33.52
N LEU D 282 -42.82 7.96 32.36
CA LEU D 282 -43.22 7.17 31.20
C LEU D 282 -42.02 6.38 30.70
N PHE D 283 -41.93 5.11 31.10
CA PHE D 283 -40.89 4.26 30.57
C PHE D 283 -41.15 3.94 29.10
N PHE D 284 -40.09 3.93 28.30
CA PHE D 284 -40.17 3.57 26.89
C PHE D 284 -39.03 2.63 26.57
N VAL D 285 -39.34 1.51 25.92
CA VAL D 285 -38.35 0.48 25.66
C VAL D 285 -38.59 -0.10 24.27
N VAL D 286 -37.51 -0.32 23.53
CA VAL D 286 -37.54 -1.15 22.34
C VAL D 286 -36.63 -2.33 22.56
N PHE D 287 -36.75 -3.33 21.69
CA PHE D 287 -35.89 -4.52 21.75
C PHE D 287 -35.59 -4.93 20.31
N GLU D 288 -34.48 -4.43 19.78
CA GLU D 288 -34.11 -4.70 18.40
C GLU D 288 -33.46 -6.07 18.30
N TRP D 289 -32.83 -6.35 17.16
CA TRP D 289 -31.92 -7.48 17.00
C TRP D 289 -30.69 -6.95 16.30
N LYS D 290 -29.56 -6.89 17.02
CA LYS D 290 -28.41 -6.14 16.53
C LYS D 290 -27.91 -6.68 15.20
N ASP D 291 -27.67 -7.97 15.12
CA ASP D 291 -27.03 -8.56 13.94
C ASP D 291 -27.67 -9.88 13.60
N PRO D 292 -27.61 -10.28 12.32
CA PRO D 292 -28.05 -11.63 11.93
C PRO D 292 -27.06 -12.73 12.28
N TYR D 293 -26.06 -12.45 13.10
CA TYR D 293 -24.99 -13.38 13.41
C TYR D 293 -25.13 -13.86 14.85
N ILE D 294 -24.87 -15.14 15.06
CA ILE D 294 -24.89 -15.75 16.39
C ILE D 294 -23.48 -16.23 16.67
N GLN D 295 -22.66 -15.38 17.28
CA GLN D 295 -21.30 -15.76 17.64
C GLN D 295 -21.36 -16.88 18.66
N GLU D 296 -21.02 -18.10 18.22
CA GLU D 296 -20.97 -19.24 19.12
C GLU D 296 -19.53 -19.51 19.50
N ILE D 297 -19.29 -19.73 20.79
CA ILE D 297 -17.96 -20.03 21.30
C ILE D 297 -17.78 -21.53 21.33
N GLN D 298 -16.87 -22.04 20.53
CA GLN D 298 -16.53 -23.45 20.49
C GLN D 298 -15.18 -23.62 21.19
N ASP D 299 -15.20 -24.24 22.37
CA ASP D 299 -13.98 -24.42 23.16
C ASP D 299 -13.29 -25.67 22.67
N ILE D 300 -12.48 -25.53 21.63
CA ILE D 300 -11.76 -26.65 21.05
C ILE D 300 -10.55 -26.96 21.94
N ILE D 301 -10.22 -28.24 22.03
CA ILE D 301 -9.18 -28.72 22.93
C ILE D 301 -8.09 -29.41 22.12
N THR D 302 -6.84 -29.02 22.36
CA THR D 302 -5.72 -29.89 22.00
C THR D 302 -5.31 -30.71 23.21
N ALA D 303 -6.30 -31.34 23.85
CA ALA D 303 -6.09 -31.97 25.16
C ALA D 303 -6.34 -33.47 25.15
N ASN D 304 -7.54 -33.93 24.81
CA ASN D 304 -7.81 -35.35 25.02
C ASN D 304 -7.25 -36.24 23.90
N PRO D 305 -7.62 -36.04 22.61
CA PRO D 305 -7.07 -36.92 21.57
C PRO D 305 -5.70 -36.47 21.11
N TRP D 306 -5.51 -35.15 21.05
CA TRP D 306 -4.25 -34.59 20.57
C TRP D 306 -3.08 -35.04 21.44
N SER D 307 -3.24 -34.94 22.77
CA SER D 307 -2.15 -35.34 23.66
C SER D 307 -1.77 -36.80 23.46
N MET D 308 -2.76 -37.69 23.47
CA MET D 308 -2.45 -39.12 23.35
C MET D 308 -1.80 -39.42 22.01
N ILE D 309 -2.40 -38.94 20.91
CA ILE D 309 -1.89 -39.28 19.58
C ILE D 309 -0.49 -38.71 19.38
N ALA D 310 -0.32 -37.42 19.66
CA ALA D 310 0.99 -36.79 19.48
C ALA D 310 2.04 -37.42 20.39
N LEU D 311 1.68 -37.68 21.64
CA LEU D 311 2.56 -38.39 22.56
C LEU D 311 3.07 -39.69 21.95
N LEU D 312 2.15 -40.60 21.63
CA LEU D 312 2.56 -41.92 21.18
C LEU D 312 3.36 -41.83 19.89
N CYS D 313 2.91 -41.02 18.94
CA CYS D 313 3.63 -40.91 17.68
C CYS D 313 5.03 -40.34 17.89
N SER D 314 5.13 -39.20 18.58
CA SER D 314 6.42 -38.56 18.76
C SER D 314 7.39 -39.47 19.48
N VAL D 315 6.95 -40.15 20.55
CA VAL D 315 7.88 -40.97 21.30
C VAL D 315 8.29 -42.20 20.51
N PHE D 316 7.34 -42.88 19.87
CA PHE D 316 7.68 -44.10 19.15
C PHE D 316 8.47 -43.82 17.88
N LEU D 317 8.43 -42.58 17.39
CA LEU D 317 9.21 -42.17 16.24
C LEU D 317 10.53 -41.49 16.57
N VAL D 318 10.72 -41.02 17.81
CA VAL D 318 12.06 -40.61 18.21
C VAL D 318 12.88 -41.76 18.79
N LEU D 319 12.22 -42.79 19.33
CA LEU D 319 12.94 -44.01 19.68
C LEU D 319 13.65 -44.58 18.46
N PHE D 320 13.09 -44.37 17.27
CA PHE D 320 13.72 -44.83 16.04
C PHE D 320 15.12 -44.27 15.89
N LYS D 321 15.25 -42.94 15.97
CA LYS D 321 16.56 -42.32 15.86
C LYS D 321 17.43 -42.69 17.06
N ALA D 322 16.85 -42.70 18.27
CA ALA D 322 17.63 -42.99 19.47
C ALA D 322 18.24 -44.38 19.42
N ALA D 323 17.65 -45.29 18.65
CA ALA D 323 18.25 -46.61 18.47
C ALA D 323 19.18 -46.67 17.26
N ASP D 324 18.74 -46.12 16.13
CA ASP D 324 19.50 -46.25 14.89
C ASP D 324 20.83 -45.52 14.96
N PHE D 325 20.83 -44.29 15.50
CA PHE D 325 22.07 -43.53 15.57
C PHE D 325 23.06 -44.22 16.50
N ALA D 326 22.58 -44.73 17.63
CA ALA D 326 23.47 -45.45 18.55
C ALA D 326 24.04 -46.70 17.88
N LYS D 327 23.20 -47.44 17.15
CA LYS D 327 23.69 -48.64 16.47
C LYS D 327 24.77 -48.30 15.45
N LEU D 328 24.51 -47.29 14.61
CA LEU D 328 25.49 -46.91 13.60
C LEU D 328 26.78 -46.42 14.23
N SER D 329 26.67 -45.58 15.28
CA SER D 329 27.85 -45.05 15.93
C SER D 329 28.68 -46.15 16.58
N VAL D 330 28.02 -47.10 17.25
CA VAL D 330 28.77 -48.16 17.91
C VAL D 330 29.43 -49.08 16.89
N LYS D 331 28.75 -49.36 15.78
CA LYS D 331 29.35 -50.17 14.73
C LYS D 331 30.58 -49.49 14.15
N TRP D 332 30.48 -48.18 13.88
CA TRP D 332 31.63 -47.52 13.28
C TRP D 332 32.76 -47.28 14.29
N MET D 333 32.45 -47.17 15.58
CA MET D 333 33.54 -46.99 16.54
C MET D 333 34.25 -48.30 16.82
N ILE D 334 33.53 -49.42 16.83
CA ILE D 334 34.25 -50.70 16.88
C ILE D 334 35.05 -50.90 15.60
N LYS D 335 34.53 -50.41 14.47
CA LYS D 335 35.31 -50.44 13.24
C LYS D 335 36.61 -49.66 13.36
N VAL D 336 36.56 -48.46 13.94
CA VAL D 336 37.78 -47.68 14.05
C VAL D 336 38.71 -48.27 15.10
N ARG D 337 38.18 -48.92 16.13
CA ARG D 337 39.04 -49.64 17.07
C ARG D 337 39.79 -50.76 16.36
N ARG D 338 39.08 -51.55 15.56
CA ARG D 338 39.73 -52.59 14.79
C ARG D 338 40.71 -52.01 13.79
N ARG D 339 40.43 -50.80 13.27
CA ARG D 339 41.35 -50.15 12.35
C ARG D 339 42.63 -49.71 13.06
N HIS D 340 42.52 -49.22 14.29
CA HIS D 340 43.71 -48.88 15.05
C HIS D 340 44.54 -50.12 15.35
N LEU D 341 43.86 -51.22 15.72
CA LEU D 341 44.57 -52.48 15.89
C LEU D 341 45.26 -52.90 14.59
N LYS D 342 44.57 -52.72 13.46
CA LYS D 342 45.13 -53.06 12.16
C LYS D 342 46.38 -52.24 11.87
N LYS D 343 46.34 -50.94 12.14
CA LYS D 343 47.49 -50.09 11.81
C LYS D 343 48.67 -50.37 12.73
N ARG D 344 48.43 -50.61 14.02
CA ARG D 344 49.55 -50.93 14.89
C ARG D 344 50.15 -52.28 14.53
N ALA D 345 49.32 -53.28 14.23
CA ALA D 345 49.86 -54.57 13.85
C ALA D 345 50.47 -54.56 12.46
N ARG D 346 50.08 -53.61 11.61
CA ARG D 346 50.74 -53.45 10.32
C ARG D 346 52.10 -52.79 10.49
N GLU D 347 52.20 -51.84 11.42
CA GLU D 347 53.53 -51.36 11.83
C GLU D 347 54.37 -52.52 12.35
N LEU D 348 53.74 -53.46 13.04
CA LEU D 348 54.45 -54.64 13.53
C LEU D 348 54.93 -55.52 12.37
N ASN D 349 54.05 -55.85 11.43
CA ASN D 349 54.28 -56.88 10.43
C ASN D 349 54.08 -56.35 9.02
N HIS D 350 54.71 -55.22 8.71
CA HIS D 350 54.68 -54.67 7.37
C HIS D 350 55.39 -55.60 6.39
N VAL E 56 22.27 -62.80 -25.40
CA VAL E 56 21.75 -61.51 -25.82
C VAL E 56 21.96 -60.48 -24.71
N ARG E 57 22.55 -59.33 -25.07
CA ARG E 57 22.79 -58.25 -24.12
C ARG E 57 21.57 -57.35 -23.93
N PHE E 58 20.38 -57.81 -24.32
CA PHE E 58 19.17 -57.05 -24.07
C PHE E 58 18.94 -56.83 -22.58
N SER E 59 19.14 -57.87 -21.78
CA SER E 59 18.99 -57.74 -20.34
C SER E 59 20.02 -56.78 -19.76
N ARG E 60 21.26 -56.86 -20.25
CA ARG E 60 22.30 -55.95 -19.77
C ARG E 60 21.97 -54.51 -20.12
N THR E 61 21.48 -54.27 -21.33
CA THR E 61 21.13 -52.91 -21.74
C THR E 61 19.95 -52.37 -20.94
N CYS E 62 18.93 -53.21 -20.70
CA CYS E 62 17.80 -52.79 -19.88
C CYS E 62 18.26 -52.49 -18.45
N LEU E 63 19.16 -53.31 -17.92
CA LEU E 63 19.76 -53.01 -16.61
C LEU E 63 20.48 -51.68 -16.63
N LYS E 64 21.28 -51.43 -17.67
CA LYS E 64 22.06 -50.21 -17.74
C LYS E 64 21.16 -48.98 -17.76
N ASN E 65 20.07 -49.04 -18.52
CA ASN E 65 19.09 -47.97 -18.49
C ASN E 65 18.47 -47.85 -17.09
N PHE E 66 18.00 -48.97 -16.55
CA PHE E 66 17.17 -48.90 -15.34
C PHE E 66 17.93 -48.40 -14.14
N PHE E 67 19.09 -48.99 -13.81
CA PHE E 67 19.69 -48.59 -12.54
C PHE E 67 20.03 -47.11 -12.58
N SER E 68 20.65 -46.67 -13.66
CA SER E 68 21.03 -45.27 -13.82
C SER E 68 19.83 -44.37 -13.69
N VAL E 69 18.86 -44.47 -14.62
CA VAL E 69 17.82 -43.45 -14.66
C VAL E 69 16.90 -43.57 -13.45
N LEU E 70 16.49 -44.79 -13.08
CA LEU E 70 15.57 -44.95 -11.96
C LEU E 70 16.22 -44.50 -10.65
N LEU E 71 17.47 -44.89 -10.40
CA LEU E 71 18.10 -44.51 -9.13
C LEU E 71 18.37 -43.01 -9.09
N ILE E 72 18.80 -42.41 -10.20
CA ILE E 72 18.99 -40.97 -10.22
C ILE E 72 17.67 -40.26 -9.97
N LEU E 73 16.58 -40.77 -10.56
CA LEU E 73 15.27 -40.17 -10.33
C LEU E 73 14.84 -40.29 -8.88
N VAL E 74 15.09 -41.44 -8.25
CA VAL E 74 14.60 -41.61 -6.88
C VAL E 74 15.42 -40.77 -5.90
N TYR E 75 16.75 -40.74 -6.05
CA TYR E 75 17.50 -39.84 -5.18
C TYR E 75 17.37 -38.38 -5.57
N LEU E 76 16.76 -38.07 -6.72
CA LEU E 76 16.39 -36.68 -6.99
C LEU E 76 15.06 -36.32 -6.35
N LEU E 77 14.07 -37.20 -6.46
CA LEU E 77 12.77 -36.96 -5.84
C LEU E 77 12.89 -36.95 -4.32
N LEU E 78 13.79 -37.75 -3.76
CA LEU E 78 14.00 -37.73 -2.32
C LEU E 78 14.43 -36.35 -1.85
N MET E 79 15.41 -35.75 -2.52
CA MET E 79 15.81 -34.40 -2.16
C MET E 79 14.71 -33.39 -2.45
N GLY E 80 14.05 -33.52 -3.60
CA GLY E 80 12.99 -32.60 -3.96
C GLY E 80 11.81 -32.62 -3.01
N VAL E 81 11.62 -33.72 -2.29
CA VAL E 81 10.58 -33.77 -1.27
C VAL E 81 11.12 -33.37 0.09
N ALA E 82 12.33 -33.81 0.44
CA ALA E 82 12.89 -33.51 1.75
C ALA E 82 13.10 -32.01 1.94
N VAL E 83 13.77 -31.37 0.99
CA VAL E 83 14.04 -29.94 1.13
C VAL E 83 12.74 -29.15 1.08
N PHE E 84 11.83 -29.55 0.19
CA PHE E 84 10.53 -28.89 0.09
C PHE E 84 9.80 -28.93 1.43
N LEU E 85 9.68 -30.12 2.01
CA LEU E 85 8.94 -30.26 3.27
C LEU E 85 9.66 -29.57 4.42
N VAL E 86 11.00 -29.64 4.47
CA VAL E 86 11.70 -29.01 5.57
C VAL E 86 11.54 -27.49 5.50
N TYR E 87 11.62 -26.92 4.29
CA TYR E 87 11.44 -25.48 4.17
C TYR E 87 10.01 -25.06 4.51
N GLN E 88 9.02 -25.81 3.99
CA GLN E 88 7.63 -25.47 4.25
C GLN E 88 7.32 -25.57 5.74
N THR E 89 7.82 -26.61 6.41
CA THR E 89 7.51 -26.79 7.81
C THR E 89 8.28 -25.81 8.70
N ILE E 90 9.49 -25.41 8.28
CA ILE E 90 10.19 -24.35 9.00
C ILE E 90 9.44 -23.03 8.89
N THR E 91 8.93 -22.73 7.69
CA THR E 91 8.12 -21.53 7.51
C THR E 91 6.87 -21.59 8.36
N ASP E 92 6.22 -22.76 8.42
CA ASP E 92 5.05 -22.92 9.28
C ASP E 92 5.41 -22.74 10.74
N PHE E 93 6.58 -23.22 11.15
CA PHE E 93 7.03 -23.01 12.53
C PHE E 93 7.21 -21.53 12.83
N ARG E 94 7.83 -20.79 11.91
CA ARG E 94 7.97 -19.35 12.11
C ARG E 94 6.60 -18.67 12.17
N ASP E 95 5.69 -19.08 11.29
CA ASP E 95 4.35 -18.49 11.28
C ASP E 95 3.62 -18.75 12.59
N LYS E 96 3.71 -19.96 13.13
CA LYS E 96 3.05 -20.26 14.39
C LYS E 96 3.72 -19.57 15.56
N LEU E 97 5.04 -19.31 15.46
CA LEU E 97 5.69 -18.48 16.46
C LEU E 97 5.25 -17.02 16.34
N LYS E 98 4.78 -16.62 15.16
CA LYS E 98 4.34 -15.24 14.98
C LYS E 98 2.99 -14.97 15.63
N HIS E 99 2.11 -15.99 15.70
CA HIS E 99 0.74 -15.80 16.16
C HIS E 99 0.43 -16.76 17.31
N PRO E 100 0.74 -16.37 18.55
CA PRO E 100 0.33 -17.19 19.70
C PRO E 100 -1.18 -17.16 19.87
N VAL E 101 -1.74 -18.32 20.21
CA VAL E 101 -3.18 -18.48 20.35
C VAL E 101 -3.59 -18.10 21.76
N MET E 102 -4.78 -17.51 21.90
CA MET E 102 -5.28 -17.08 23.19
C MET E 102 -6.10 -18.19 23.85
N SER E 103 -6.07 -18.20 25.18
CA SER E 103 -6.79 -19.19 25.98
C SER E 103 -7.68 -18.47 26.97
N VAL E 104 -8.94 -18.89 27.05
CA VAL E 104 -9.91 -18.26 27.93
C VAL E 104 -10.59 -19.32 28.79
N SER E 105 -10.96 -18.93 29.99
CA SER E 105 -11.71 -19.76 30.92
C SER E 105 -12.23 -18.84 32.01
N TYR E 106 -12.84 -19.42 33.05
CA TYR E 106 -13.44 -18.62 34.12
C TYR E 106 -13.15 -19.30 35.46
N LYS E 107 -12.08 -18.87 36.12
CA LYS E 107 -11.75 -19.33 37.45
C LYS E 107 -12.65 -18.62 38.45
N GLU E 108 -13.49 -19.38 39.16
CA GLU E 108 -14.45 -18.79 40.06
C GLU E 108 -13.77 -18.23 41.31
N VAL E 109 -14.36 -17.18 41.86
CA VAL E 109 -13.89 -16.56 43.10
C VAL E 109 -15.07 -16.41 44.04
N ASN E 110 -14.93 -16.94 45.25
CA ASN E 110 -16.02 -16.87 46.22
C ASN E 110 -16.14 -15.46 46.79
N MET E 111 -15.03 -14.81 47.10
CA MET E 111 -15.03 -13.50 47.73
C MET E 111 -13.92 -12.66 47.11
N TYR E 112 -14.30 -11.54 46.50
CA TYR E 112 -13.31 -10.64 45.92
C TYR E 112 -12.54 -9.90 47.00
N ASP E 113 -11.42 -9.31 46.60
CA ASP E 113 -10.61 -8.49 47.49
C ASP E 113 -11.23 -7.10 47.61
N ALA E 114 -10.47 -6.16 48.18
CA ALA E 114 -10.94 -4.79 48.30
C ALA E 114 -10.52 -4.00 47.06
N PRO E 115 -11.44 -3.59 46.20
CA PRO E 115 -11.08 -2.93 44.94
C PRO E 115 -10.65 -1.50 45.18
N GLY E 116 -10.37 -0.80 44.08
CA GLY E 116 -9.77 0.51 44.14
C GLY E 116 -10.60 1.65 43.58
N ILE E 117 -11.89 1.68 43.90
CA ILE E 117 -12.73 2.78 43.43
C ILE E 117 -12.16 4.10 43.95
N ALA E 118 -11.86 5.02 43.03
CA ALA E 118 -11.18 6.26 43.36
C ALA E 118 -11.93 7.42 42.71
N LEU E 119 -12.90 7.96 43.43
CA LEU E 119 -13.65 9.10 42.92
C LEU E 119 -12.77 10.35 42.89
N TYR E 120 -13.03 11.23 41.92
CA TYR E 120 -12.24 12.44 41.70
C TYR E 120 -13.15 13.65 41.71
N PRO E 121 -13.77 13.97 42.84
CA PRO E 121 -14.72 15.09 42.90
C PRO E 121 -13.99 16.41 43.10
N GLY E 122 -14.07 17.28 42.10
CA GLY E 122 -13.51 18.60 42.23
C GLY E 122 -14.46 19.55 42.95
N LYS E 123 -14.13 19.88 44.20
CA LYS E 123 -14.96 20.75 45.02
C LYS E 123 -16.39 20.23 45.12
N ALA E 124 -16.53 18.93 45.36
CA ALA E 124 -17.82 18.30 45.57
C ALA E 124 -17.82 17.61 46.92
N ARG E 125 -18.92 17.74 47.65
CA ARG E 125 -19.01 17.27 49.03
C ARG E 125 -19.63 15.88 49.07
N LEU E 126 -18.90 14.93 49.64
CA LEU E 126 -19.46 13.60 49.86
C LEU E 126 -20.57 13.66 50.89
N LEU E 127 -21.57 12.79 50.72
CA LEU E 127 -22.71 12.78 51.62
C LEU E 127 -22.99 11.44 52.29
N SER E 128 -22.49 10.33 51.74
CA SER E 128 -22.76 9.03 52.33
C SER E 128 -21.84 7.99 51.72
N CYS E 129 -21.72 6.84 52.41
CA CYS E 129 -20.92 5.72 51.93
C CYS E 129 -21.54 4.38 52.28
N GLU E 130 -22.86 4.30 52.42
CA GLU E 130 -23.47 3.11 53.00
C GLU E 130 -23.17 1.85 52.20
N HIS E 131 -22.37 0.95 52.78
CA HIS E 131 -22.04 -0.31 52.12
C HIS E 131 -23.19 -1.29 52.37
N HIS E 132 -24.26 -1.10 51.60
CA HIS E 132 -25.44 -1.94 51.76
C HIS E 132 -25.07 -3.38 51.43
N TRP E 133 -25.01 -4.23 52.46
CA TRP E 133 -24.40 -5.55 52.31
C TRP E 133 -25.14 -6.39 51.28
N TYR E 134 -26.47 -6.43 51.38
CA TYR E 134 -27.25 -7.31 50.52
C TYR E 134 -28.54 -6.67 50.02
N ASP E 135 -28.76 -5.38 50.25
CA ASP E 135 -30.07 -4.80 50.04
C ASP E 135 -30.49 -4.89 48.57
N HIS E 136 -31.68 -5.45 48.35
CA HIS E 136 -32.21 -5.57 46.99
C HIS E 136 -32.31 -4.20 46.33
N ILE E 137 -32.68 -3.18 47.08
CA ILE E 137 -32.59 -1.80 46.64
C ILE E 137 -32.30 -0.97 47.88
N PRO E 138 -31.34 -0.04 47.82
CA PRO E 138 -31.05 0.80 49.00
C PRO E 138 -32.29 1.55 49.44
N PRO E 139 -32.50 1.68 50.74
CA PRO E 139 -33.72 2.34 51.22
C PRO E 139 -33.72 3.81 50.81
N LEU E 140 -34.93 4.34 50.64
CA LEU E 140 -35.08 5.69 50.13
C LEU E 140 -34.45 6.69 51.08
N LYS E 141 -33.65 7.61 50.52
CA LYS E 141 -32.88 8.56 51.29
C LYS E 141 -33.27 9.98 50.93
N ASP E 142 -33.39 10.83 51.94
CA ASP E 142 -33.61 12.25 51.71
C ASP E 142 -32.30 12.90 51.25
N PRO E 143 -32.29 13.55 50.09
CA PRO E 143 -31.03 14.11 49.59
C PRO E 143 -30.61 15.35 50.36
N GLY E 144 -29.37 15.77 50.14
CA GLY E 144 -28.81 16.96 50.73
C GLY E 144 -28.21 16.80 52.11
N GLN E 145 -28.90 16.09 52.99
CA GLN E 145 -28.41 15.92 54.35
C GLN E 145 -27.18 15.02 54.38
N PRO E 146 -26.13 15.39 55.11
CA PRO E 146 -24.95 14.53 55.24
C PRO E 146 -25.19 13.44 56.28
N GLY E 147 -24.14 12.67 56.53
CA GLY E 147 -24.16 11.66 57.57
C GLY E 147 -24.07 10.26 57.01
N GLU E 148 -23.79 9.32 57.92
CA GLU E 148 -23.70 7.89 57.61
C GLU E 148 -22.63 7.64 56.54
N ASN E 149 -21.39 7.95 56.91
CA ASN E 149 -20.25 7.91 56.00
C ASN E 149 -19.28 6.80 56.37
N THR E 150 -19.80 5.60 56.65
CA THR E 150 -18.99 4.48 57.13
C THR E 150 -18.23 3.81 55.99
N CYS E 151 -17.38 4.59 55.33
CA CYS E 151 -16.53 4.10 54.26
C CYS E 151 -15.06 4.33 54.62
N VAL E 152 -14.24 3.30 54.45
CA VAL E 152 -12.81 3.41 54.69
C VAL E 152 -12.23 4.31 53.61
N THR E 153 -11.90 5.54 53.97
CA THR E 153 -11.61 6.58 53.00
C THR E 153 -10.23 7.16 53.25
N GLN E 154 -9.52 7.47 52.17
CA GLN E 154 -8.23 8.13 52.22
C GLN E 154 -8.19 9.21 51.14
N ASP E 155 -7.49 10.30 51.42
CA ASP E 155 -7.37 11.41 50.48
C ASP E 155 -5.90 11.59 50.14
N ILE E 156 -5.57 11.48 48.85
CA ILE E 156 -4.22 11.69 48.35
C ILE E 156 -4.29 12.66 47.17
N SER E 157 -3.33 13.57 47.09
CA SER E 157 -3.27 14.49 45.96
C SER E 157 -1.85 15.06 45.89
N TYR E 158 -1.08 14.64 44.90
CA TYR E 158 0.29 15.12 44.73
C TYR E 158 0.49 15.88 43.43
N ILE E 159 0.23 15.27 42.28
CA ILE E 159 0.59 15.86 40.99
C ILE E 159 -0.18 15.15 39.89
N ASP E 160 -0.32 15.81 38.74
CA ASP E 160 -0.99 15.27 37.56
C ASP E 160 -0.01 14.43 36.74
N PRO E 161 -0.32 13.16 36.48
CA PRO E 161 0.52 12.39 35.55
C PRO E 161 0.59 13.00 34.16
N TYR E 162 -0.50 13.59 33.69
CA TYR E 162 -0.52 14.22 32.38
C TYR E 162 -0.23 15.70 32.50
N THR E 163 0.77 16.16 31.75
CA THR E 163 1.25 17.55 31.69
C THR E 163 1.88 18.02 33.00
N ASN E 164 1.89 17.19 34.04
CA ASN E 164 2.41 17.57 35.35
C ASN E 164 1.80 18.89 35.82
N LYS E 165 0.48 19.00 35.66
CA LYS E 165 -0.19 20.29 35.86
C LYS E 165 -0.35 20.62 37.33
N THR E 166 -1.13 19.82 38.05
CA THR E 166 -1.51 20.18 39.42
C THR E 166 -1.95 18.93 40.18
N MET E 167 -2.60 19.17 41.31
CA MET E 167 -3.08 18.15 42.23
C MET E 167 -4.57 17.90 42.04
N LYS E 168 -4.98 16.64 42.22
CA LYS E 168 -6.38 16.24 42.13
C LYS E 168 -6.67 15.27 43.27
N HIS E 169 -7.40 15.74 44.28
CA HIS E 169 -7.66 14.91 45.45
C HIS E 169 -8.62 13.78 45.12
N ALA E 170 -8.39 12.62 45.73
CA ALA E 170 -9.20 11.44 45.53
C ALA E 170 -9.83 11.00 46.85
N LEU E 171 -10.88 10.20 46.74
CA LEU E 171 -11.67 9.72 47.86
C LEU E 171 -11.75 8.20 47.84
N ILE E 172 -10.58 7.55 47.72
CA ILE E 172 -10.52 6.10 47.57
C ILE E 172 -11.32 5.42 48.67
N VAL E 173 -12.21 4.51 48.27
CA VAL E 173 -13.02 3.74 49.18
C VAL E 173 -12.58 2.28 49.11
N GLN E 174 -12.77 1.57 50.23
CA GLN E 174 -12.32 0.19 50.30
C GLN E 174 -13.03 -0.70 49.29
N GLY E 175 -14.28 -0.39 48.97
CA GLY E 175 -15.01 -1.10 47.93
C GLY E 175 -15.63 -2.39 48.44
N PRO E 176 -16.53 -2.96 47.65
CA PRO E 176 -17.24 -4.16 48.08
C PRO E 176 -16.35 -5.39 48.05
N ARG E 177 -16.71 -6.38 48.86
CA ARG E 177 -15.96 -7.63 48.94
C ARG E 177 -16.77 -8.84 48.52
N ASP E 178 -17.93 -9.06 49.14
CA ASP E 178 -18.67 -10.31 48.97
C ASP E 178 -19.54 -10.21 47.73
N VAL E 179 -19.08 -10.83 46.63
CA VAL E 179 -19.90 -10.92 45.43
C VAL E 179 -21.12 -11.81 45.67
N ARG E 180 -20.96 -12.86 46.47
CA ARG E 180 -22.05 -13.81 46.69
C ARG E 180 -23.26 -13.12 47.32
N ARG E 181 -23.03 -12.24 48.28
CA ARG E 181 -24.09 -11.48 48.93
C ARG E 181 -24.31 -10.13 48.26
N ARG E 182 -23.76 -9.95 47.05
CA ARG E 182 -23.91 -8.74 46.24
C ARG E 182 -23.74 -7.47 47.06
N GLU E 183 -22.53 -7.30 47.57
CA GLU E 183 -22.15 -6.07 48.26
C GLU E 183 -22.18 -4.89 47.30
N LEU E 184 -22.71 -3.75 47.77
CA LEU E 184 -22.71 -2.53 46.99
C LEU E 184 -22.34 -1.37 47.91
N VAL E 185 -21.79 -0.31 47.31
CA VAL E 185 -21.16 0.76 48.08
C VAL E 185 -21.81 2.11 47.79
N PHE E 186 -23.13 2.11 47.60
CA PHE E 186 -23.91 3.26 47.15
C PHE E 186 -23.43 4.57 47.76
N LEU E 187 -23.04 5.50 46.89
CA LEU E 187 -22.52 6.80 47.29
C LEU E 187 -23.65 7.83 47.34
N GLN E 188 -23.27 9.10 47.46
CA GLN E 188 -24.15 10.26 47.29
C GLN E 188 -23.27 11.49 47.26
N PHE E 189 -23.59 12.43 46.38
CA PHE E 189 -22.76 13.61 46.16
C PHE E 189 -23.63 14.86 46.14
N HIS E 190 -22.99 16.01 45.95
CA HIS E 190 -23.69 17.28 45.96
C HIS E 190 -22.78 18.35 45.36
N LEU E 191 -23.34 19.14 44.43
CA LEU E 191 -22.60 20.22 43.77
C LEU E 191 -23.49 21.47 43.70
N ASN E 192 -24.06 21.87 44.84
CA ASN E 192 -25.01 22.97 44.86
C ASN E 192 -24.46 24.21 44.18
N GLU E 193 -23.22 24.58 44.50
CA GLU E 193 -22.60 25.77 43.90
C GLU E 193 -22.00 25.36 42.56
N THR E 194 -22.71 25.65 41.48
CA THR E 194 -22.28 25.31 40.14
C THR E 194 -21.81 26.55 39.39
N LYS E 195 -20.61 26.47 38.82
CA LYS E 195 -20.06 27.50 37.96
C LYS E 195 -19.66 26.98 36.60
N GLN E 196 -19.19 25.73 36.52
CA GLN E 196 -18.93 25.11 35.22
C GLN E 196 -20.21 24.99 34.41
N ASP E 197 -21.32 24.69 35.09
CA ASP E 197 -22.65 24.57 34.47
C ASP E 197 -22.70 23.38 33.53
N PHE E 198 -21.61 22.63 33.43
CA PHE E 198 -21.47 21.48 32.53
C PHE E 198 -21.09 20.29 33.41
N SER E 199 -22.09 19.63 33.96
CA SER E 199 -21.88 18.69 35.05
C SER E 199 -21.12 17.45 34.58
N ALA E 200 -20.22 16.97 35.44
CA ALA E 200 -19.55 15.68 35.28
C ALA E 200 -18.68 15.39 36.49
N ILE E 201 -18.49 14.12 36.83
CA ILE E 201 -17.60 13.72 37.91
C ILE E 201 -16.79 12.52 37.45
N ASP E 202 -15.49 12.52 37.73
CA ASP E 202 -14.56 11.51 37.25
C ASP E 202 -14.30 10.46 38.31
N TYR E 203 -13.98 9.24 37.86
CA TYR E 203 -13.64 8.16 38.78
C TYR E 203 -12.87 7.08 38.04
N LEU E 204 -11.88 6.50 38.71
CA LEU E 204 -11.10 5.40 38.17
C LEU E 204 -10.98 4.31 39.21
N LEU E 205 -10.60 3.11 38.76
CA LEU E 205 -10.54 1.93 39.59
C LEU E 205 -9.16 1.31 39.51
N PHE E 206 -8.65 0.82 40.65
CA PHE E 206 -7.41 0.07 40.68
C PHE E 206 -7.65 -1.24 41.44
N SER E 207 -6.59 -2.05 41.54
CA SER E 207 -6.77 -3.46 41.87
C SER E 207 -7.14 -3.68 43.32
N SER E 208 -6.26 -3.31 44.24
CA SER E 208 -6.44 -3.65 45.65
C SER E 208 -6.25 -2.44 46.53
N TYR E 209 -6.94 -2.44 47.68
CA TYR E 209 -6.85 -1.32 48.61
C TYR E 209 -5.58 -1.41 49.45
N GLU E 210 -5.38 -2.54 50.14
CA GLU E 210 -4.21 -2.66 51.01
C GLU E 210 -2.91 -2.64 50.20
N ALA E 211 -2.95 -3.05 48.93
CA ALA E 211 -1.79 -2.88 48.07
C ALA E 211 -1.43 -1.42 47.94
N PHE E 212 -2.43 -0.55 47.75
CA PHE E 212 -2.20 0.88 47.83
C PHE E 212 -1.83 1.32 49.25
N LEU E 213 -2.51 0.74 50.25
CA LEU E 213 -2.33 1.19 51.63
C LEU E 213 -0.94 0.83 52.14
N LYS E 214 -0.53 -0.43 51.96
CA LYS E 214 0.74 -0.87 52.52
C LYS E 214 1.92 -0.21 51.81
N SER E 215 1.87 -0.12 50.48
CA SER E 215 2.94 0.50 49.73
C SER E 215 2.85 2.02 49.85
N HIS E 216 4.00 2.65 50.14
CA HIS E 216 4.05 4.08 50.35
C HIS E 216 4.32 4.86 49.07
N ASP E 217 4.09 4.24 47.92
CA ASP E 217 4.33 4.88 46.62
C ASP E 217 3.10 5.67 46.16
N GLN E 218 2.64 6.59 47.00
CA GLN E 218 1.33 7.20 46.80
C GLN E 218 1.24 7.95 45.47
N VAL E 219 2.26 8.74 45.14
CA VAL E 219 2.21 9.50 43.89
C VAL E 219 2.24 8.56 42.70
N LYS E 220 3.13 7.58 42.72
CA LYS E 220 3.25 6.67 41.58
C LYS E 220 2.06 5.73 41.43
N PHE E 221 1.32 5.48 42.52
CA PHE E 221 0.07 4.74 42.37
C PHE E 221 -0.87 5.44 41.42
N MET E 222 -1.14 6.72 41.65
CA MET E 222 -2.01 7.47 40.75
C MET E 222 -1.32 7.88 39.48
N GLN E 223 0.01 7.72 39.39
CA GLN E 223 0.66 7.82 38.08
C GLN E 223 0.32 6.62 37.22
N ASP E 224 0.69 5.42 37.69
CA ASP E 224 0.56 4.23 36.86
C ASP E 224 -0.90 3.86 36.64
N CYS E 225 -1.74 3.98 37.67
CA CYS E 225 -3.16 3.67 37.49
C CYS E 225 -3.81 4.62 36.48
N GLU E 226 -3.48 5.91 36.56
CA GLU E 226 -4.04 6.87 35.60
C GLU E 226 -3.55 6.59 34.19
N SER E 227 -2.25 6.28 34.04
CA SER E 227 -1.73 6.00 32.71
C SER E 227 -2.33 4.74 32.12
N SER E 228 -2.51 3.70 32.93
CA SER E 228 -3.01 2.43 32.42
C SER E 228 -4.52 2.43 32.29
N PHE E 229 -5.23 2.58 33.41
CA PHE E 229 -6.69 2.53 33.40
C PHE E 229 -7.26 3.81 32.79
N SER E 230 -8.28 3.65 31.96
CA SER E 230 -8.95 4.79 31.38
C SER E 230 -9.77 5.52 32.43
N SER E 231 -10.26 6.71 32.07
CA SER E 231 -10.94 7.60 32.99
C SER E 231 -12.44 7.62 32.65
N TRP E 232 -13.17 6.68 33.23
CA TRP E 232 -14.62 6.75 33.16
C TRP E 232 -15.12 7.89 34.03
N LYS E 233 -16.26 8.47 33.64
CA LYS E 233 -16.87 9.56 34.39
C LYS E 233 -18.35 9.28 34.50
N PHE E 234 -18.81 8.93 35.71
CA PHE E 234 -20.22 8.69 35.90
C PHE E 234 -20.99 9.99 35.73
N SER E 235 -22.20 9.87 35.18
CA SER E 235 -22.92 11.03 34.70
C SER E 235 -23.25 11.99 35.83
N GLY E 236 -23.37 13.27 35.47
CA GLY E 236 -23.65 14.30 36.43
C GLY E 236 -25.12 14.54 36.65
N GLY E 237 -25.66 13.94 37.70
CA GLY E 237 -27.05 14.17 38.07
C GLY E 237 -27.86 12.94 38.37
N PHE E 238 -27.71 11.85 37.60
CA PHE E 238 -28.51 10.66 37.83
C PHE E 238 -27.62 9.47 38.14
N ARG E 239 -28.17 8.57 38.96
CA ARG E 239 -27.45 7.42 39.47
C ARG E 239 -26.96 6.52 38.33
N THR E 240 -25.71 6.08 38.43
CA THR E 240 -25.09 5.21 37.44
C THR E 240 -24.71 3.91 38.14
N TRP E 241 -25.53 2.88 37.96
CA TRP E 241 -25.33 1.60 38.65
C TRP E 241 -24.17 0.86 37.98
N VAL E 242 -22.96 1.23 38.38
CA VAL E 242 -21.76 0.73 37.72
C VAL E 242 -21.38 -0.64 38.24
N LYS E 243 -21.89 -1.69 37.61
CA LYS E 243 -21.38 -3.03 37.89
C LYS E 243 -20.00 -3.18 37.29
N MET E 244 -19.12 -3.89 37.97
CA MET E 244 -17.75 -4.05 37.51
C MET E 244 -17.40 -5.52 37.47
N SER E 245 -16.41 -5.84 36.63
CA SER E 245 -15.88 -7.20 36.55
C SER E 245 -14.39 -7.11 36.24
N LEU E 246 -13.68 -8.19 36.54
CA LEU E 246 -12.22 -8.21 36.49
C LEU E 246 -11.74 -9.04 35.31
N VAL E 247 -10.62 -8.63 34.73
CA VAL E 247 -9.99 -9.33 33.63
C VAL E 247 -8.51 -9.50 33.96
N LYS E 248 -8.06 -10.75 34.02
CA LYS E 248 -6.68 -11.07 34.36
C LYS E 248 -5.97 -11.56 33.10
N THR E 249 -5.19 -10.69 32.48
CA THR E 249 -4.40 -11.06 31.32
C THR E 249 -2.99 -11.41 31.76
N LYS E 250 -2.47 -12.51 31.23
CA LYS E 250 -1.15 -13.00 31.60
C LYS E 250 -0.07 -12.40 30.70
N GLU E 251 1.18 -12.57 31.11
CA GLU E 251 2.32 -12.06 30.39
C GLU E 251 3.37 -13.15 30.24
N GLU E 252 4.38 -12.88 29.42
CA GLU E 252 5.46 -13.83 29.19
C GLU E 252 6.27 -14.11 30.45
N ASP E 253 6.29 -13.19 31.40
CA ASP E 253 7.03 -13.36 32.64
C ASP E 253 6.17 -13.91 33.77
N GLY E 254 4.92 -14.28 33.49
CA GLY E 254 4.02 -14.77 34.50
C GLY E 254 3.28 -13.70 35.28
N SER E 255 3.50 -12.42 34.96
CA SER E 255 2.83 -11.32 35.63
C SER E 255 1.43 -11.15 35.06
N GLN E 256 0.45 -11.01 35.96
CA GLN E 256 -0.95 -10.85 35.57
C GLN E 256 -1.34 -9.38 35.80
N SER E 257 -1.11 -8.56 34.79
CA SER E 257 -1.47 -7.15 34.86
C SER E 257 -2.98 -7.00 34.66
N VAL E 258 -3.72 -6.91 35.76
CA VAL E 258 -5.18 -6.94 35.67
C VAL E 258 -5.69 -5.60 35.18
N GLU E 259 -6.85 -5.64 34.52
CA GLU E 259 -7.58 -4.46 34.10
C GLU E 259 -9.06 -4.66 34.43
N PHE E 260 -9.79 -3.56 34.53
CA PHE E 260 -11.19 -3.62 34.91
C PHE E 260 -12.09 -3.58 33.68
N ARG E 261 -13.32 -4.04 33.87
CA ARG E 261 -14.35 -4.01 32.86
C ARG E 261 -15.68 -3.73 33.55
N GLN E 262 -16.41 -2.73 33.07
CA GLN E 262 -17.62 -2.27 33.71
C GLN E 262 -18.74 -2.13 32.69
N GLU E 263 -19.98 -2.24 33.17
CA GLU E 263 -21.17 -2.10 32.35
C GLU E 263 -22.16 -1.19 33.05
N THR E 264 -22.02 0.11 32.83
CA THR E 264 -22.88 1.08 33.48
C THR E 264 -24.31 0.94 33.00
N SER E 265 -25.25 1.36 33.83
CA SER E 265 -26.67 1.36 33.48
C SER E 265 -27.31 2.56 34.16
N VAL E 266 -27.36 3.68 33.44
CA VAL E 266 -27.83 4.93 34.03
C VAL E 266 -29.33 4.84 34.32
N VAL E 267 -29.72 5.24 35.52
CA VAL E 267 -31.11 5.31 35.92
C VAL E 267 -31.43 6.75 36.25
N ASN E 268 -32.45 7.30 35.59
CA ASN E 268 -32.79 8.70 35.83
C ASN E 268 -33.31 8.87 37.26
N PHE E 269 -33.20 10.08 37.76
CA PHE E 269 -33.60 10.38 39.12
C PHE E 269 -34.87 11.20 39.10
N ILE E 270 -35.69 11.03 40.14
CA ILE E 270 -36.89 11.83 40.29
C ILE E 270 -36.68 12.63 41.56
N ASP E 271 -35.42 12.99 41.82
CA ASP E 271 -35.06 13.79 42.99
C ASP E 271 -35.47 15.25 42.75
N ARG E 272 -36.78 15.46 42.73
CA ARG E 272 -37.34 16.81 42.70
C ARG E 272 -37.75 17.27 44.09
N ARG E 273 -37.34 16.55 45.14
CA ARG E 273 -37.61 16.91 46.52
C ARG E 273 -36.50 17.79 47.10
N GLU E 274 -35.80 18.54 46.24
CA GLU E 274 -34.61 19.27 46.64
C GLU E 274 -34.67 20.77 46.39
N THR E 275 -35.66 21.25 45.62
CA THR E 275 -35.70 22.63 45.13
C THR E 275 -34.40 22.95 44.43
N PRO E 276 -34.14 22.36 43.25
CA PRO E 276 -32.84 22.52 42.61
C PRO E 276 -32.77 23.73 41.70
N ASP E 277 -33.70 24.67 41.86
CA ASP E 277 -33.77 25.83 40.98
C ASP E 277 -32.48 26.64 41.02
N LYS E 278 -31.85 26.75 42.20
CA LYS E 278 -30.63 27.53 42.34
C LYS E 278 -29.43 26.92 41.63
N GLY E 279 -29.51 25.66 41.23
CA GLY E 279 -28.38 25.00 40.60
C GLY E 279 -27.87 23.82 41.40
N ASP E 280 -28.77 23.19 42.16
CA ASP E 280 -28.42 22.04 42.99
C ASP E 280 -28.36 20.80 42.11
N GLN E 281 -27.14 20.37 41.77
CA GLN E 281 -26.92 19.20 40.93
C GLN E 281 -26.21 18.15 41.77
N LEU E 282 -26.98 17.20 42.29
CA LEU E 282 -26.45 16.13 43.13
C LEU E 282 -26.32 14.85 42.33
N PHE E 283 -25.22 14.12 42.57
CA PHE E 283 -24.90 12.92 41.81
C PHE E 283 -25.24 11.68 42.63
N PHE E 284 -24.96 10.52 42.04
CA PHE E 284 -25.10 9.23 42.72
C PHE E 284 -24.22 8.22 42.01
N VAL E 285 -23.75 7.23 42.77
CA VAL E 285 -22.96 6.13 42.22
C VAL E 285 -23.33 4.87 42.99
N VAL E 286 -23.36 3.75 42.28
CA VAL E 286 -23.44 2.43 42.90
C VAL E 286 -22.41 1.54 42.24
N PHE E 287 -21.49 1.01 43.03
CA PHE E 287 -20.58 -0.03 42.57
C PHE E 287 -21.02 -1.37 43.14
N GLU E 288 -20.61 -2.43 42.46
CA GLU E 288 -20.78 -3.80 42.94
C GLU E 288 -20.00 -4.70 42.00
N TRP E 289 -19.88 -5.97 42.38
CA TRP E 289 -19.20 -6.95 41.56
C TRP E 289 -20.21 -7.68 40.69
N LYS E 290 -19.97 -7.70 39.39
CA LYS E 290 -20.96 -8.21 38.45
C LYS E 290 -21.20 -9.70 38.65
N ASP E 291 -20.17 -10.50 38.43
CA ASP E 291 -20.27 -11.94 38.58
C ASP E 291 -19.12 -12.45 39.44
N PRO E 292 -19.33 -13.54 40.17
CA PRO E 292 -18.23 -14.12 40.95
C PRO E 292 -17.08 -14.62 40.10
N TYR E 293 -17.34 -14.94 38.83
CA TYR E 293 -16.29 -15.47 37.97
C TYR E 293 -15.28 -14.38 37.62
N ILE E 294 -14.09 -14.83 37.20
CA ILE E 294 -13.04 -13.95 36.72
C ILE E 294 -12.54 -14.51 35.41
N GLN E 295 -12.42 -13.65 34.39
CA GLN E 295 -11.85 -14.06 33.12
C GLN E 295 -10.33 -14.01 33.20
N GLU E 296 -9.68 -15.01 32.59
CA GLU E 296 -8.23 -15.06 32.51
C GLU E 296 -7.82 -15.16 31.04
N ILE E 297 -6.81 -14.39 30.67
CA ILE E 297 -6.31 -14.34 29.31
C ILE E 297 -4.85 -14.79 29.31
N GLN E 298 -4.54 -15.78 28.49
CA GLN E 298 -3.18 -16.30 28.39
C GLN E 298 -2.92 -16.69 26.95
N ASP E 299 -1.90 -16.11 26.34
CA ASP E 299 -1.51 -16.45 24.98
C ASP E 299 -0.43 -17.52 25.04
N ILE E 300 -0.72 -18.69 24.49
CA ILE E 300 0.17 -19.83 24.57
C ILE E 300 0.84 -20.05 23.22
N ILE E 301 2.09 -20.51 23.27
CA ILE E 301 2.85 -20.80 22.06
C ILE E 301 2.36 -22.12 21.47
N THR E 302 1.85 -22.07 20.24
CA THR E 302 1.26 -23.24 19.61
C THR E 302 2.27 -24.10 18.86
N ALA E 303 3.51 -23.65 18.74
CA ALA E 303 4.55 -24.39 18.03
C ALA E 303 5.62 -24.84 19.01
N ASN E 304 5.92 -26.13 19.00
CA ASN E 304 6.94 -26.68 19.88
C ASN E 304 8.14 -27.11 19.04
N PRO E 305 9.29 -26.44 19.17
CA PRO E 305 10.47 -26.86 18.39
C PRO E 305 10.89 -28.30 18.68
N TRP E 306 10.68 -28.77 19.90
CA TRP E 306 10.96 -30.16 20.25
C TRP E 306 9.99 -31.14 19.58
N SER E 307 8.91 -30.64 18.99
CA SER E 307 8.09 -31.42 18.06
C SER E 307 8.48 -31.19 16.61
N MET E 308 8.93 -29.97 16.29
CA MET E 308 9.48 -29.68 14.98
C MET E 308 10.63 -30.62 14.64
N ILE E 309 11.59 -30.76 15.56
CA ILE E 309 12.76 -31.60 15.30
C ILE E 309 12.34 -33.06 15.18
N ALA E 310 11.39 -33.51 16.00
CA ALA E 310 10.92 -34.88 15.91
C ALA E 310 10.26 -35.13 14.57
N LEU E 311 9.43 -34.21 14.12
CA LEU E 311 8.75 -34.37 12.84
C LEU E 311 9.75 -34.41 11.68
N LEU E 312 10.73 -33.52 11.71
CA LEU E 312 11.68 -33.46 10.59
C LEU E 312 12.58 -34.68 10.56
N CYS E 313 13.07 -35.13 11.72
CA CYS E 313 13.90 -36.33 11.72
C CYS E 313 13.08 -37.55 11.34
N SER E 314 11.81 -37.60 11.74
CA SER E 314 10.95 -38.70 11.34
C SER E 314 10.74 -38.73 9.84
N VAL E 315 10.49 -37.58 9.22
CA VAL E 315 10.29 -37.60 7.77
C VAL E 315 11.58 -37.94 7.04
N PHE E 316 12.73 -37.50 7.58
CA PHE E 316 13.99 -37.89 6.99
C PHE E 316 14.19 -39.40 7.06
N LEU E 317 13.83 -40.01 8.20
CA LEU E 317 13.92 -41.45 8.32
C LEU E 317 12.97 -42.15 7.36
N VAL E 318 11.77 -41.59 7.19
CA VAL E 318 10.81 -42.14 6.24
C VAL E 318 11.41 -42.16 4.85
N LEU E 319 12.05 -41.05 4.45
CA LEU E 319 12.64 -40.98 3.12
C LEU E 319 13.81 -41.94 2.97
N PHE E 320 14.64 -42.08 4.00
CA PHE E 320 15.73 -43.06 3.93
C PHE E 320 15.19 -44.47 3.75
N LYS E 321 14.17 -44.84 4.53
CA LYS E 321 13.60 -46.18 4.40
C LYS E 321 12.98 -46.36 3.03
N ALA E 322 12.32 -45.32 2.50
CA ALA E 322 11.71 -45.42 1.17
C ALA E 322 12.77 -45.63 0.11
N ALA E 323 13.89 -44.91 0.19
CA ALA E 323 14.95 -45.08 -0.79
C ALA E 323 15.55 -46.48 -0.71
N ASP E 324 15.80 -46.96 0.51
CA ASP E 324 16.35 -48.31 0.65
C ASP E 324 15.39 -49.37 0.13
N PHE E 325 14.10 -49.21 0.42
CA PHE E 325 13.11 -50.14 -0.11
C PHE E 325 13.05 -50.11 -1.62
N ALA E 326 13.14 -48.91 -2.21
CA ALA E 326 13.13 -48.81 -3.67
C ALA E 326 14.35 -49.51 -4.27
N LYS E 327 15.52 -49.30 -3.66
CA LYS E 327 16.73 -49.96 -4.16
C LYS E 327 16.61 -51.48 -4.05
N LEU E 328 16.12 -51.98 -2.92
CA LEU E 328 15.95 -53.41 -2.76
C LEU E 328 14.93 -53.96 -3.76
N SER E 329 13.83 -53.23 -3.97
CA SER E 329 12.80 -53.70 -4.89
C SER E 329 13.31 -53.73 -6.33
N VAL E 330 14.07 -52.72 -6.75
CA VAL E 330 14.61 -52.75 -8.10
C VAL E 330 15.64 -53.86 -8.24
N LYS E 331 16.45 -54.08 -7.19
CA LYS E 331 17.41 -55.18 -7.23
C LYS E 331 16.70 -56.52 -7.38
N TRP E 332 15.63 -56.72 -6.62
CA TRP E 332 14.88 -57.98 -6.70
C TRP E 332 14.23 -58.15 -8.08
N MET E 333 13.60 -57.09 -8.58
CA MET E 333 12.95 -57.18 -9.89
C MET E 333 13.96 -57.39 -11.00
N ILE E 334 15.20 -56.93 -10.80
CA ILE E 334 16.26 -57.21 -11.76
C ILE E 334 16.71 -58.66 -11.65
N LYS E 335 16.83 -59.19 -10.44
CA LYS E 335 17.38 -60.52 -10.24
C LYS E 335 16.38 -61.64 -10.43
N VAL E 336 15.08 -61.36 -10.50
CA VAL E 336 14.12 -62.43 -10.80
C VAL E 336 14.35 -62.97 -12.20
N ARG E 337 14.70 -62.10 -13.14
CA ARG E 337 15.07 -62.57 -14.47
C ARG E 337 16.39 -63.33 -14.48
N ARG E 338 17.27 -63.06 -13.50
CA ARG E 338 18.52 -63.81 -13.42
C ARG E 338 18.25 -65.28 -13.14
N ARG E 339 17.28 -65.56 -12.28
CA ARG E 339 16.85 -66.94 -12.04
C ARG E 339 15.82 -67.41 -13.06
N HIS E 340 15.38 -66.53 -13.97
CA HIS E 340 14.46 -66.90 -15.02
C HIS E 340 15.14 -67.12 -16.37
N LEU E 341 16.21 -66.39 -16.65
CA LEU E 341 16.95 -66.60 -17.89
C LEU E 341 17.65 -67.95 -17.90
N LYS E 342 18.31 -68.30 -16.79
CA LYS E 342 19.00 -69.57 -16.64
C LYS E 342 18.28 -70.42 -15.61
N LYS E 343 18.07 -71.70 -15.94
CA LYS E 343 17.30 -72.59 -15.09
C LYS E 343 18.17 -73.38 -14.12
N ARG E 344 19.32 -73.86 -14.57
CA ARG E 344 20.19 -74.70 -13.74
C ARG E 344 20.75 -73.91 -12.55
N PHE F 58 1.21 -84.68 12.60
CA PHE F 58 0.53 -83.79 13.54
C PHE F 58 1.51 -83.27 14.59
N SER F 59 2.68 -83.91 14.67
CA SER F 59 3.71 -83.46 15.60
C SER F 59 4.39 -82.19 15.08
N ARG F 60 4.63 -82.11 13.78
CA ARG F 60 5.28 -80.97 13.16
C ARG F 60 4.37 -80.16 12.26
N THR F 61 3.45 -80.80 11.54
CA THR F 61 2.55 -80.08 10.66
C THR F 61 1.61 -79.17 11.45
N CYS F 62 1.09 -79.66 12.58
CA CYS F 62 0.21 -78.83 13.40
C CYS F 62 0.98 -77.65 13.99
N LEU F 63 2.23 -77.87 14.41
CA LEU F 63 3.04 -76.76 14.90
C LEU F 63 3.32 -75.74 13.81
N LYS F 64 3.60 -76.21 12.59
CA LYS F 64 3.84 -75.27 11.49
C LYS F 64 2.58 -74.49 11.16
N ASN F 65 1.41 -75.13 11.24
CA ASN F 65 0.15 -74.40 11.06
C ASN F 65 -0.05 -73.37 12.15
N PHE F 66 0.30 -73.71 13.40
CA PHE F 66 0.21 -72.76 14.50
C PHE F 66 1.18 -71.59 14.30
N PHE F 67 2.30 -71.84 13.62
CA PHE F 67 3.22 -70.75 13.30
C PHE F 67 2.66 -69.87 12.19
N SER F 68 2.06 -70.50 11.17
CA SER F 68 1.57 -69.77 10.01
C SER F 68 0.30 -68.98 10.30
N VAL F 69 -0.51 -69.40 11.27
CA VAL F 69 -1.68 -68.59 11.61
C VAL F 69 -1.26 -67.28 12.25
N LEU F 70 -0.08 -67.26 12.89
CA LEU F 70 0.45 -66.00 13.40
C LEU F 70 0.72 -65.00 12.28
N LEU F 71 1.00 -65.51 11.08
CA LEU F 71 1.20 -64.61 9.92
C LEU F 71 -0.09 -63.82 9.71
N ILE F 72 -1.21 -64.53 9.55
CA ILE F 72 -2.49 -63.86 9.36
C ILE F 72 -2.82 -62.99 10.56
N LEU F 73 -2.45 -63.45 11.76
CA LEU F 73 -2.71 -62.67 12.96
C LEU F 73 -2.03 -61.32 12.92
N VAL F 74 -0.74 -61.30 12.57
CA VAL F 74 0.00 -60.04 12.54
C VAL F 74 -0.50 -59.17 11.38
N TYR F 75 -0.85 -59.78 10.24
CA TYR F 75 -1.43 -59.00 9.15
C TYR F 75 -2.71 -58.31 9.59
N LEU F 76 -3.64 -59.04 10.21
CA LEU F 76 -4.91 -58.45 10.60
C LEU F 76 -4.71 -57.42 11.71
N LEU F 77 -3.79 -57.69 12.64
CA LEU F 77 -3.53 -56.71 13.69
C LEU F 77 -2.99 -55.40 13.11
N LEU F 78 -2.06 -55.49 12.17
CA LEU F 78 -1.49 -54.27 11.59
C LEU F 78 -2.54 -53.55 10.75
N MET F 79 -3.36 -54.28 10.00
CA MET F 79 -4.47 -53.67 9.28
C MET F 79 -5.40 -52.93 10.23
N GLY F 80 -5.78 -53.56 11.33
CA GLY F 80 -6.69 -52.93 12.27
C GLY F 80 -6.10 -51.69 12.93
N VAL F 81 -4.84 -51.77 13.32
CA VAL F 81 -4.19 -50.63 13.95
C VAL F 81 -4.07 -49.47 12.96
N ALA F 82 -3.70 -49.77 11.70
CA ALA F 82 -3.62 -48.73 10.69
C ALA F 82 -4.98 -48.09 10.44
N VAL F 83 -6.04 -48.92 10.38
CA VAL F 83 -7.38 -48.38 10.17
C VAL F 83 -7.78 -47.50 11.35
N PHE F 84 -7.47 -47.93 12.57
CA PHE F 84 -7.80 -47.12 13.74
C PHE F 84 -7.07 -45.78 13.71
N LEU F 85 -5.78 -45.80 13.36
CA LEU F 85 -5.00 -44.55 13.33
C LEU F 85 -5.50 -43.61 12.25
N VAL F 86 -5.79 -44.14 11.06
CA VAL F 86 -6.33 -43.26 10.02
C VAL F 86 -7.72 -42.77 10.41
N TYR F 87 -8.48 -43.56 11.16
CA TYR F 87 -9.77 -43.09 11.65
C TYR F 87 -9.60 -41.92 12.62
N GLN F 88 -8.62 -42.03 13.52
CA GLN F 88 -8.35 -40.93 14.44
C GLN F 88 -7.95 -39.66 13.69
N THR F 89 -7.08 -39.80 12.69
CA THR F 89 -6.66 -38.62 11.92
C THR F 89 -7.80 -38.06 11.08
N ILE F 90 -8.68 -38.91 10.58
CA ILE F 90 -9.84 -38.44 9.84
C ILE F 90 -10.78 -37.69 10.77
N THR F 91 -10.94 -38.15 12.01
CA THR F 91 -11.72 -37.40 12.98
C THR F 91 -11.06 -36.05 13.28
N ASP F 92 -9.73 -36.03 13.30
CA ASP F 92 -9.04 -34.75 13.48
C ASP F 92 -9.34 -33.78 12.34
N PHE F 93 -9.30 -34.26 11.10
CA PHE F 93 -9.65 -33.34 10.02
C PHE F 93 -11.15 -33.18 9.82
N ARG F 94 -11.97 -33.91 10.57
CA ARG F 94 -13.36 -33.50 10.71
C ARG F 94 -13.50 -32.35 11.69
N ASP F 95 -12.73 -32.39 12.79
CA ASP F 95 -12.64 -31.26 13.70
C ASP F 95 -12.00 -30.06 13.03
N LYS F 96 -11.26 -30.28 11.94
CA LYS F 96 -10.70 -29.21 11.11
C LYS F 96 -11.70 -28.10 10.83
N LEU F 97 -12.99 -28.44 10.78
CA LEU F 97 -14.02 -27.43 10.60
C LEU F 97 -14.01 -26.42 11.74
N LYS F 98 -13.83 -26.89 12.97
CA LYS F 98 -13.75 -26.02 14.13
C LYS F 98 -12.33 -25.54 14.41
N HIS F 99 -11.34 -26.06 13.68
CA HIS F 99 -9.94 -25.68 13.85
C HIS F 99 -9.66 -24.20 13.66
N PRO F 100 -10.49 -23.43 12.92
CA PRO F 100 -10.36 -21.98 13.01
C PRO F 100 -10.39 -21.50 14.45
N VAL F 101 -9.26 -20.98 14.92
CA VAL F 101 -9.13 -20.49 16.27
C VAL F 101 -8.72 -19.02 16.22
N MET F 102 -8.83 -18.35 17.36
CA MET F 102 -8.56 -16.92 17.43
C MET F 102 -7.20 -16.67 18.06
N SER F 103 -6.40 -15.84 17.38
CA SER F 103 -5.16 -15.34 17.93
C SER F 103 -5.16 -13.82 17.78
N VAL F 104 -4.98 -13.13 18.90
CA VAL F 104 -5.09 -11.67 18.93
C VAL F 104 -3.78 -11.07 19.41
N SER F 105 -3.50 -9.88 18.89
CA SER F 105 -2.30 -9.14 19.26
C SER F 105 -2.63 -7.65 19.31
N TYR F 106 -1.79 -6.90 20.00
CA TYR F 106 -2.01 -5.48 20.23
C TYR F 106 -0.88 -4.70 19.56
N LYS F 107 -1.19 -4.05 18.43
CA LYS F 107 -0.23 -3.20 17.75
C LYS F 107 -0.15 -1.87 18.49
N GLU F 108 0.97 -1.62 19.15
CA GLU F 108 1.16 -0.36 19.85
C GLU F 108 1.41 0.75 18.83
N VAL F 109 0.33 1.35 18.34
CA VAL F 109 0.41 2.38 17.32
C VAL F 109 0.52 3.73 18.00
N ASN F 110 1.41 4.58 17.50
CA ASN F 110 1.64 5.90 18.07
C ASN F 110 0.80 6.98 17.38
N MET F 111 0.93 7.10 16.06
CA MET F 111 0.16 8.06 15.28
C MET F 111 -0.96 7.32 14.56
N TYR F 112 -2.17 7.85 14.66
CA TYR F 112 -3.35 7.17 14.16
C TYR F 112 -3.88 7.82 12.90
N ASP F 113 -4.46 7.00 12.02
CA ASP F 113 -5.22 7.51 10.90
C ASP F 113 -6.46 8.24 11.40
N ALA F 114 -6.75 9.39 10.82
CA ALA F 114 -7.95 10.13 11.16
C ALA F 114 -9.15 9.49 10.46
N PRO F 115 -10.16 9.03 11.20
CA PRO F 115 -11.26 8.32 10.56
C PRO F 115 -12.44 9.22 10.23
N GLY F 116 -13.10 8.96 9.12
CA GLY F 116 -14.32 9.68 8.80
C GLY F 116 -15.42 9.34 9.79
N ILE F 117 -16.24 10.34 10.11
CA ILE F 117 -17.27 10.21 11.12
C ILE F 117 -18.57 10.70 10.47
N ALA F 118 -19.34 9.79 9.91
CA ALA F 118 -20.48 10.17 9.09
C ALA F 118 -21.69 10.46 9.96
N LEU F 119 -21.83 11.71 10.38
CA LEU F 119 -23.03 12.14 11.09
C LEU F 119 -24.20 12.28 10.13
N TYR F 120 -25.40 11.99 10.62
CA TYR F 120 -26.61 11.97 9.79
C TYR F 120 -27.69 12.83 10.43
N PRO F 121 -27.47 14.13 10.56
CA PRO F 121 -28.47 14.98 11.21
C PRO F 121 -29.72 15.12 10.36
N GLY F 122 -30.76 15.63 10.98
CA GLY F 122 -32.01 15.91 10.28
C GLY F 122 -32.16 17.38 9.97
N LYS F 123 -32.95 18.09 10.78
CA LYS F 123 -33.14 19.52 10.64
C LYS F 123 -32.18 20.32 11.52
N ALA F 124 -31.01 19.78 11.81
CA ALA F 124 -30.08 20.40 12.74
C ALA F 124 -29.07 21.27 11.99
N ARG F 125 -28.38 22.13 12.75
CA ARG F 125 -27.35 22.99 12.22
C ARG F 125 -26.15 22.97 13.16
N LEU F 126 -24.97 22.73 12.60
CA LEU F 126 -23.76 22.62 13.41
C LEU F 126 -23.42 23.96 14.04
N LEU F 127 -22.69 23.91 15.16
CA LEU F 127 -22.31 25.13 15.86
C LEU F 127 -20.81 25.21 16.12
N SER F 128 -20.17 24.06 16.31
CA SER F 128 -18.73 24.06 16.58
C SER F 128 -18.13 22.75 16.13
N CYS F 129 -16.82 22.78 15.88
CA CYS F 129 -16.02 21.60 15.57
C CYS F 129 -14.66 21.71 16.23
N GLU F 130 -14.60 22.33 17.40
CA GLU F 130 -13.32 22.72 17.98
C GLU F 130 -12.50 21.47 18.29
N HIS F 131 -11.52 21.20 17.43
CA HIS F 131 -10.62 20.07 17.63
C HIS F 131 -9.55 20.46 18.65
N HIS F 132 -9.58 19.83 19.82
CA HIS F 132 -8.62 20.12 20.87
C HIS F 132 -7.44 19.17 20.70
N TRP F 133 -6.61 19.46 19.70
CA TRP F 133 -5.43 18.64 19.43
C TRP F 133 -4.56 18.51 20.67
N TYR F 134 -4.25 19.63 21.33
CA TYR F 134 -3.46 19.62 22.54
C TYR F 134 -4.30 19.45 23.79
N ASP F 135 -5.43 20.16 23.87
CA ASP F 135 -6.24 20.13 25.08
C ASP F 135 -6.96 18.80 25.21
N HIS F 136 -6.87 18.21 26.40
CA HIS F 136 -7.68 17.06 26.77
C HIS F 136 -8.93 17.47 27.54
N ILE F 137 -9.16 18.77 27.69
CA ILE F 137 -10.31 19.30 28.42
C ILE F 137 -11.00 20.35 27.54
N PRO F 138 -12.32 20.32 27.42
CA PRO F 138 -13.02 21.35 26.65
C PRO F 138 -13.29 22.57 27.51
N PRO F 139 -12.76 23.73 27.14
CA PRO F 139 -13.06 24.95 27.90
C PRO F 139 -14.53 25.28 27.86
N LEU F 140 -15.00 25.98 28.89
CA LEU F 140 -16.41 26.32 29.01
C LEU F 140 -16.85 27.17 27.83
N LYS F 141 -18.09 26.96 27.39
CA LYS F 141 -18.63 27.60 26.20
C LYS F 141 -20.05 28.04 26.48
N ASP F 142 -20.76 28.43 25.42
CA ASP F 142 -22.09 29.01 25.52
C ASP F 142 -23.04 28.32 24.54
N PRO F 143 -24.30 28.12 24.93
CA PRO F 143 -25.27 27.52 24.02
C PRO F 143 -25.61 28.44 22.87
N GLY F 144 -26.09 27.84 21.78
CA GLY F 144 -26.32 28.59 20.57
C GLY F 144 -25.00 29.15 20.06
N GLN F 145 -25.01 30.44 19.69
CA GLN F 145 -23.82 31.22 19.34
C GLN F 145 -22.86 30.45 18.44
N PRO F 146 -23.19 30.31 17.16
CA PRO F 146 -22.30 29.55 16.26
C PRO F 146 -20.89 30.12 16.26
N GLY F 147 -19.91 29.21 16.28
CA GLY F 147 -18.53 29.64 16.36
C GLY F 147 -17.51 28.56 16.07
N GLU F 148 -16.51 28.89 15.25
CA GLU F 148 -15.36 28.03 14.95
C GLU F 148 -15.80 26.70 14.33
N ASN F 149 -16.44 26.80 13.17
CA ASN F 149 -16.76 25.63 12.36
C ASN F 149 -15.50 25.14 11.64
N THR F 150 -14.51 24.78 12.44
CA THR F 150 -13.16 24.49 11.96
C THR F 150 -12.97 23.04 11.54
N CYS F 151 -14.05 22.30 11.33
CA CYS F 151 -13.94 20.92 10.86
C CYS F 151 -13.91 20.91 9.33
N VAL F 152 -13.98 19.72 8.75
CA VAL F 152 -13.81 19.56 7.30
C VAL F 152 -15.09 19.04 6.69
N THR F 153 -16.23 19.48 7.24
CA THR F 153 -17.56 19.10 6.76
C THR F 153 -17.62 19.06 5.24
N GLN F 154 -17.96 17.91 4.69
CA GLN F 154 -17.87 17.63 3.27
C GLN F 154 -19.15 16.95 2.79
N ASP F 155 -20.29 17.56 3.10
CA ASP F 155 -21.62 17.03 2.82
C ASP F 155 -21.72 16.40 1.44
N ILE F 156 -22.12 15.13 1.41
CA ILE F 156 -22.31 14.37 0.18
C ILE F 156 -23.71 13.78 0.15
N SER F 157 -24.71 14.53 0.65
CA SER F 157 -26.07 14.06 0.85
C SER F 157 -26.61 13.30 -0.35
N TYR F 158 -26.84 12.00 -0.18
CA TYR F 158 -27.30 11.12 -1.25
C TYR F 158 -28.55 10.36 -0.79
N ILE F 159 -29.12 9.58 -1.69
CA ILE F 159 -30.35 8.84 -1.42
C ILE F 159 -30.03 7.54 -0.67
N ASP F 160 -31.07 6.90 -0.15
CA ASP F 160 -30.91 5.70 0.66
C ASP F 160 -30.26 4.58 -0.16
N PRO F 161 -29.44 3.74 0.48
CA PRO F 161 -29.03 2.48 -0.15
C PRO F 161 -29.90 1.28 0.20
N TYR F 162 -30.75 1.40 1.22
CA TYR F 162 -31.62 0.30 1.65
C TYR F 162 -32.94 0.34 0.90
N THR F 163 -33.67 1.44 0.99
CA THR F 163 -34.93 1.62 0.27
C THR F 163 -34.80 2.52 -0.95
N ASN F 164 -33.67 3.22 -1.10
CA ASN F 164 -33.39 4.08 -2.25
C ASN F 164 -34.42 5.21 -2.37
N LYS F 165 -35.01 5.62 -1.25
CA LYS F 165 -36.01 6.68 -1.28
C LYS F 165 -35.72 7.75 -0.23
N THR F 166 -35.10 7.36 0.88
CA THR F 166 -34.93 8.29 1.99
C THR F 166 -33.76 9.24 1.73
N MET F 167 -33.83 10.40 2.37
CA MET F 167 -32.84 11.46 2.23
C MET F 167 -31.92 11.45 3.45
N LYS F 168 -30.62 11.34 3.22
CA LYS F 168 -29.64 11.39 4.28
C LYS F 168 -28.59 12.46 3.95
N HIS F 169 -27.99 13.02 5.00
CA HIS F 169 -27.13 14.19 4.86
C HIS F 169 -25.85 13.93 5.67
N ALA F 170 -24.85 13.36 5.03
CA ALA F 170 -23.59 13.10 5.69
C ALA F 170 -22.83 14.40 5.96
N LEU F 171 -22.11 14.44 7.06
CA LEU F 171 -21.26 15.57 7.46
C LEU F 171 -19.90 15.08 7.91
N ILE F 172 -19.26 14.27 7.06
CA ILE F 172 -18.00 13.62 7.39
C ILE F 172 -17.04 14.62 8.02
N VAL F 173 -16.51 14.26 9.19
CA VAL F 173 -15.51 15.06 9.87
C VAL F 173 -14.21 14.27 9.89
N GLN F 174 -13.09 14.99 9.87
CA GLN F 174 -11.79 14.33 9.82
C GLN F 174 -11.55 13.47 11.06
N GLY F 175 -11.97 13.96 12.23
CA GLY F 175 -11.69 13.27 13.46
C GLY F 175 -10.29 13.56 13.92
N PRO F 176 -9.85 12.90 14.99
CA PRO F 176 -8.54 13.18 15.57
C PRO F 176 -7.45 12.31 14.96
N ARG F 177 -6.21 12.66 15.30
CA ARG F 177 -5.03 11.97 14.82
C ARG F 177 -4.19 11.37 15.93
N ASP F 178 -3.90 12.14 16.97
CA ASP F 178 -3.03 11.70 18.05
C ASP F 178 -3.84 11.13 19.20
N VAL F 179 -3.29 10.09 19.83
CA VAL F 179 -3.90 9.51 21.02
C VAL F 179 -3.01 9.64 22.25
N ARG F 180 -1.70 9.79 22.09
CA ARG F 180 -0.83 10.02 23.25
C ARG F 180 -1.13 11.38 23.88
N ARG F 181 -1.72 12.30 23.12
CA ARG F 181 -2.04 13.63 23.62
C ARG F 181 -3.54 13.80 23.86
N ARG F 182 -4.33 12.76 23.60
CA ARG F 182 -5.78 12.76 23.84
C ARG F 182 -6.47 13.86 23.03
N GLU F 183 -6.42 13.68 21.71
CA GLU F 183 -7.00 14.65 20.78
C GLU F 183 -8.51 14.48 20.75
N LEU F 184 -9.21 15.37 21.46
CA LEU F 184 -10.66 15.40 21.37
C LEU F 184 -11.09 15.97 20.02
N VAL F 185 -12.32 15.64 19.64
CA VAL F 185 -13.00 16.29 18.52
C VAL F 185 -14.37 16.71 19.03
N PHE F 186 -14.45 17.93 19.59
CA PHE F 186 -15.71 18.41 20.12
C PHE F 186 -16.65 18.77 18.98
N LEU F 187 -17.95 18.53 19.19
CA LEU F 187 -18.97 18.96 18.26
C LEU F 187 -20.13 19.57 19.03
N GLN F 188 -21.13 20.03 18.30
CA GLN F 188 -22.33 20.61 18.90
C GLN F 188 -23.36 20.76 17.80
N PHE F 189 -24.62 20.54 18.13
CA PHE F 189 -25.70 20.68 17.19
C PHE F 189 -26.79 21.53 17.81
N HIS F 190 -27.89 21.70 17.07
CA HIS F 190 -29.01 22.50 17.52
C HIS F 190 -30.23 22.13 16.71
N LEU F 191 -31.40 22.24 17.32
CA LEU F 191 -32.64 21.94 16.60
C LEU F 191 -33.79 22.67 17.28
N ASN F 192 -34.44 23.56 16.55
CA ASN F 192 -35.68 24.16 17.04
C ASN F 192 -36.74 23.07 17.19
N GLU F 193 -37.54 23.18 18.25
CA GLU F 193 -38.42 22.09 18.64
C GLU F 193 -39.49 21.83 17.58
N THR F 194 -39.87 20.56 17.46
CA THR F 194 -40.93 20.13 16.58
C THR F 194 -41.64 18.94 17.21
N LYS F 195 -42.63 18.39 16.51
CA LYS F 195 -43.36 17.24 17.02
C LYS F 195 -42.44 16.02 16.85
N GLN F 196 -41.54 15.88 17.81
CA GLN F 196 -40.44 14.91 17.75
C GLN F 196 -40.31 14.21 19.10
N ASP F 197 -41.40 13.59 19.56
CA ASP F 197 -41.56 13.11 20.93
C ASP F 197 -40.29 12.49 21.52
N PHE F 198 -39.53 11.74 20.79
CA PHE F 198 -38.15 11.43 21.10
C PHE F 198 -37.16 11.99 20.08
N SER F 199 -36.10 12.61 20.56
CA SER F 199 -35.16 13.33 19.70
C SER F 199 -33.84 12.59 19.66
N ALA F 200 -33.40 12.23 18.46
CA ALA F 200 -32.15 11.51 18.27
C ALA F 200 -31.52 11.92 16.95
N ILE F 201 -30.20 12.09 16.96
CA ILE F 201 -29.44 12.48 15.78
C ILE F 201 -28.46 11.35 15.49
N ASP F 202 -28.73 10.59 14.43
CA ASP F 202 -27.95 9.39 14.12
C ASP F 202 -26.51 9.75 13.76
N TYR F 203 -25.69 8.72 13.63
CA TYR F 203 -24.39 8.85 12.98
C TYR F 203 -23.89 7.44 12.66
N LEU F 204 -22.66 7.36 12.17
CA LEU F 204 -22.09 6.13 11.64
C LEU F 204 -20.61 6.38 11.40
N LEU F 205 -19.86 5.29 11.24
CA LEU F 205 -18.41 5.39 11.10
C LEU F 205 -17.94 4.53 9.94
N PHE F 206 -16.76 4.87 9.42
CA PHE F 206 -16.06 4.02 8.47
C PHE F 206 -14.57 4.13 8.72
N SER F 207 -13.81 3.26 8.04
CA SER F 207 -12.45 2.96 8.45
C SER F 207 -11.55 4.20 8.42
N SER F 208 -11.51 4.90 7.29
CA SER F 208 -10.54 5.97 7.13
C SER F 208 -11.15 7.16 6.39
N TYR F 209 -10.76 8.36 6.81
CA TYR F 209 -11.18 9.57 6.11
C TYR F 209 -10.55 9.65 4.72
N GLU F 210 -9.26 9.34 4.62
CA GLU F 210 -8.58 9.45 3.34
C GLU F 210 -9.07 8.41 2.35
N ALA F 211 -9.39 7.20 2.83
CA ALA F 211 -10.00 6.19 1.98
C ALA F 211 -11.32 6.67 1.38
N PHE F 212 -11.96 7.65 2.01
CA PHE F 212 -13.12 8.33 1.45
C PHE F 212 -12.72 9.47 0.54
N LEU F 213 -11.69 10.23 0.93
CA LEU F 213 -11.23 11.36 0.13
C LEU F 213 -10.54 10.89 -1.14
N LYS F 214 -9.65 9.90 -1.03
CA LYS F 214 -8.88 9.47 -2.19
C LYS F 214 -9.71 8.65 -3.16
N SER F 215 -10.56 7.75 -2.65
CA SER F 215 -11.35 6.92 -3.53
C SER F 215 -12.40 7.74 -4.25
N HIS F 216 -12.69 7.33 -5.49
CA HIS F 216 -13.72 7.98 -6.29
C HIS F 216 -15.06 7.31 -6.05
N ASP F 217 -16.10 7.85 -6.69
CA ASP F 217 -17.46 7.33 -6.59
C ASP F 217 -17.89 7.20 -5.12
N GLN F 218 -17.98 8.36 -4.46
CA GLN F 218 -18.44 8.39 -3.09
C GLN F 218 -19.86 7.88 -2.94
N VAL F 219 -20.63 7.87 -4.03
CA VAL F 219 -22.01 7.38 -3.99
C VAL F 219 -22.06 5.99 -3.38
N LYS F 220 -21.50 5.00 -4.09
CA LYS F 220 -21.47 3.64 -3.58
C LYS F 220 -20.59 3.54 -2.34
N PHE F 221 -19.50 4.31 -2.28
CA PHE F 221 -18.58 4.23 -1.14
C PHE F 221 -19.30 4.47 0.17
N MET F 222 -20.24 5.40 0.20
CA MET F 222 -20.98 5.65 1.43
C MET F 222 -22.26 4.84 1.50
N GLN F 223 -22.90 4.57 0.35
CA GLN F 223 -24.14 3.82 0.36
C GLN F 223 -23.93 2.40 0.87
N ASP F 224 -22.87 1.73 0.40
CA ASP F 224 -22.61 0.38 0.88
C ASP F 224 -22.14 0.38 2.33
N CYS F 225 -21.37 1.39 2.72
CA CYS F 225 -20.87 1.45 4.09
C CYS F 225 -22.02 1.63 5.08
N GLU F 226 -23.05 2.38 4.71
CA GLU F 226 -24.19 2.58 5.60
C GLU F 226 -24.85 1.25 5.93
N SER F 227 -25.19 0.46 4.91
CA SER F 227 -25.86 -0.80 5.14
C SER F 227 -24.92 -1.85 5.74
N SER F 228 -23.62 -1.77 5.43
CA SER F 228 -22.68 -2.75 5.94
C SER F 228 -22.55 -2.66 7.46
N PHE F 229 -22.35 -1.46 7.98
CA PHE F 229 -22.16 -1.26 9.41
C PHE F 229 -23.52 -0.97 10.07
N SER F 230 -23.49 -0.55 11.33
CA SER F 230 -24.69 -0.19 12.07
C SER F 230 -24.64 1.30 12.41
N SER F 231 -25.75 1.79 12.97
CA SER F 231 -25.91 3.20 13.27
C SER F 231 -26.29 3.33 14.75
N TRP F 232 -25.33 3.71 15.58
CA TRP F 232 -25.57 3.98 16.98
C TRP F 232 -25.61 5.49 17.20
N LYS F 233 -26.76 5.99 17.60
CA LYS F 233 -27.08 7.42 17.62
C LYS F 233 -26.52 8.09 18.87
N PHE F 234 -26.78 9.39 18.98
CA PHE F 234 -26.57 10.15 20.21
C PHE F 234 -27.81 10.96 20.54
N SER F 235 -27.93 11.31 21.82
CA SER F 235 -29.20 11.68 22.40
C SER F 235 -29.38 13.19 22.44
N GLY F 236 -30.60 13.60 22.79
CA GLY F 236 -31.00 14.99 22.81
C GLY F 236 -30.77 15.70 24.12
N GLY F 237 -29.52 16.01 24.45
CA GLY F 237 -29.24 16.81 25.62
C GLY F 237 -28.08 16.31 26.46
N PHE F 238 -27.42 15.25 26.03
CA PHE F 238 -26.29 14.69 26.76
C PHE F 238 -25.02 14.84 25.95
N ARG F 239 -23.90 15.05 26.66
CA ARG F 239 -22.60 15.02 26.02
C ARG F 239 -22.21 13.59 25.72
N THR F 240 -22.65 13.06 24.58
CA THR F 240 -22.47 11.65 24.27
C THR F 240 -21.00 11.40 23.98
N TRP F 241 -20.23 11.24 25.06
CA TRP F 241 -18.76 11.18 24.98
C TRP F 241 -18.35 9.84 24.37
N VAL F 242 -18.51 9.75 23.05
CA VAL F 242 -18.28 8.51 22.31
C VAL F 242 -16.78 8.32 22.15
N LYS F 243 -16.20 7.43 22.94
CA LYS F 243 -14.85 6.97 22.64
C LYS F 243 -14.90 6.00 21.47
N MET F 244 -13.74 5.52 21.04
CA MET F 244 -13.73 4.66 19.87
C MET F 244 -12.44 3.86 19.83
N SER F 245 -12.47 2.75 19.10
CA SER F 245 -11.32 1.88 18.91
C SER F 245 -11.60 0.93 17.76
N LEU F 246 -10.54 0.31 17.26
CA LEU F 246 -10.61 -0.58 16.10
C LEU F 246 -10.31 -2.02 16.49
N VAL F 247 -11.04 -2.94 15.87
CA VAL F 247 -10.70 -4.37 15.87
C VAL F 247 -10.30 -4.74 14.45
N LYS F 248 -9.11 -5.29 14.31
CA LYS F 248 -8.52 -5.57 13.00
C LYS F 248 -8.59 -7.07 12.75
N THR F 249 -9.71 -7.52 12.17
CA THR F 249 -9.91 -8.92 11.89
C THR F 249 -9.27 -9.32 10.56
N LYS F 250 -9.23 -10.63 10.32
CA LYS F 250 -8.65 -11.19 9.11
C LYS F 250 -9.70 -12.03 8.39
N GLU F 251 -9.78 -11.87 7.07
CA GLU F 251 -10.72 -12.61 6.26
C GLU F 251 -10.07 -13.90 5.76
N GLU F 252 -10.74 -14.57 4.82
CA GLU F 252 -10.22 -15.85 4.32
C GLU F 252 -8.90 -15.67 3.57
N ASP F 253 -8.73 -14.55 2.85
CA ASP F 253 -7.52 -14.30 2.11
C ASP F 253 -6.58 -13.30 2.76
N GLY F 254 -7.07 -12.50 3.71
CA GLY F 254 -6.24 -11.51 4.36
C GLY F 254 -6.56 -10.09 3.92
N SER F 255 -7.81 -9.86 3.49
CA SER F 255 -8.22 -8.52 3.11
C SER F 255 -8.22 -7.55 4.29
N GLN F 256 -8.29 -8.08 5.52
CA GLN F 256 -8.13 -7.30 6.74
C GLN F 256 -9.19 -6.19 6.83
N SER F 257 -10.44 -6.61 6.90
CA SER F 257 -11.53 -5.69 7.19
C SER F 257 -11.44 -5.22 8.64
N VAL F 258 -11.94 -4.01 8.90
CA VAL F 258 -11.96 -3.46 10.24
C VAL F 258 -13.34 -2.89 10.53
N GLU F 259 -13.72 -2.92 11.80
CA GLU F 259 -14.92 -2.27 12.27
C GLU F 259 -14.60 -1.57 13.59
N PHE F 260 -15.56 -0.77 14.05
CA PHE F 260 -15.32 0.17 15.13
C PHE F 260 -15.98 -0.29 16.42
N ARG F 261 -15.21 -0.26 17.51
CA ARG F 261 -15.74 -0.44 18.86
C ARG F 261 -15.85 0.93 19.51
N GLN F 262 -16.93 1.14 20.26
CA GLN F 262 -17.16 2.44 20.88
C GLN F 262 -17.91 2.26 22.20
N GLU F 263 -17.60 3.13 23.15
CA GLU F 263 -18.16 3.06 24.50
C GLU F 263 -18.76 4.42 24.85
N THR F 264 -20.03 4.61 24.52
CA THR F 264 -20.70 5.86 24.84
C THR F 264 -20.83 6.02 26.35
N SER F 265 -20.83 7.27 26.80
CA SER F 265 -21.08 7.57 28.21
C SER F 265 -21.79 8.92 28.26
N VAL F 266 -23.12 8.87 28.28
CA VAL F 266 -23.91 10.10 28.32
C VAL F 266 -23.67 10.83 29.64
N VAL F 267 -23.95 12.12 29.64
CA VAL F 267 -23.86 12.93 30.86
C VAL F 267 -24.79 14.13 30.70
N ASN F 268 -25.54 14.42 31.75
CA ASN F 268 -26.59 15.43 31.66
C ASN F 268 -26.01 16.81 31.45
N PHE F 269 -26.78 17.66 30.78
CA PHE F 269 -26.38 19.03 30.47
C PHE F 269 -27.40 20.00 31.05
N ILE F 270 -26.91 21.03 31.75
CA ILE F 270 -27.78 22.00 32.39
C ILE F 270 -28.28 22.98 31.32
N ASP F 271 -29.59 23.07 31.17
CA ASP F 271 -30.21 23.80 30.08
C ASP F 271 -30.83 25.12 30.55
N ARG F 272 -30.58 25.53 31.79
CA ARG F 272 -31.15 26.76 32.31
C ARG F 272 -30.58 28.02 31.68
N ARG F 273 -29.45 27.93 30.98
CA ARG F 273 -28.75 29.11 30.50
C ARG F 273 -29.30 29.65 29.20
N GLU F 274 -30.30 29.01 28.62
CA GLU F 274 -30.96 29.51 27.43
C GLU F 274 -32.48 29.42 27.50
N THR F 275 -33.04 29.03 28.65
CA THR F 275 -34.46 28.88 28.96
C THR F 275 -35.31 28.40 27.79
N PRO F 276 -35.12 27.15 27.33
CA PRO F 276 -36.00 26.63 26.27
C PRO F 276 -37.41 26.46 26.76
N ASP F 277 -38.31 27.32 26.31
CA ASP F 277 -39.70 27.30 26.75
C ASP F 277 -40.58 26.42 25.86
N LYS F 278 -40.00 25.77 24.86
CA LYS F 278 -40.75 24.93 23.94
C LYS F 278 -40.19 23.52 23.77
N GLY F 279 -38.94 23.29 24.16
CA GLY F 279 -38.34 21.98 23.98
C GLY F 279 -37.13 22.01 23.07
N ASP F 280 -36.43 23.15 23.05
CA ASP F 280 -35.21 23.27 22.27
C ASP F 280 -34.17 22.28 22.78
N GLN F 281 -33.54 21.56 21.85
CA GLN F 281 -32.58 20.52 22.20
C GLN F 281 -31.22 20.87 21.62
N LEU F 282 -30.18 20.78 22.45
CA LEU F 282 -28.81 21.07 22.04
C LEU F 282 -27.95 19.84 22.28
N PHE F 283 -27.59 19.17 21.19
CA PHE F 283 -26.80 17.94 21.23
C PHE F 283 -25.32 18.28 21.44
N PHE F 284 -24.55 17.29 21.87
CA PHE F 284 -23.13 17.45 22.09
C PHE F 284 -22.46 16.10 21.89
N VAL F 285 -21.44 16.04 21.04
CA VAL F 285 -20.72 14.80 20.77
C VAL F 285 -19.23 15.06 20.92
N VAL F 286 -18.52 14.14 21.55
CA VAL F 286 -17.14 14.38 21.94
C VAL F 286 -16.26 13.27 21.34
N PHE F 287 -16.55 12.87 20.10
CA PHE F 287 -15.77 11.84 19.42
C PHE F 287 -14.28 11.94 19.74
N GLU F 288 -13.70 10.83 20.18
CA GLU F 288 -12.34 10.80 20.69
C GLU F 288 -11.81 9.38 20.63
N TRP F 289 -10.55 9.22 20.24
CA TRP F 289 -9.93 7.91 20.23
C TRP F 289 -9.44 7.56 21.63
N LYS F 290 -9.74 6.35 22.07
CA LYS F 290 -9.45 5.89 23.42
C LYS F 290 -8.22 5.00 23.51
N ASP F 291 -8.13 4.00 22.66
CA ASP F 291 -7.08 2.99 22.77
C ASP F 291 -5.76 3.51 22.24
N PRO F 292 -4.70 3.51 23.05
CA PRO F 292 -3.35 3.77 22.52
C PRO F 292 -2.74 2.58 21.78
N TYR F 293 -3.53 1.55 21.48
CA TYR F 293 -3.09 0.40 20.71
C TYR F 293 -4.31 -0.28 20.11
N ILE F 294 -4.12 -0.90 18.94
CA ILE F 294 -5.21 -1.50 18.19
C ILE F 294 -5.14 -3.02 18.36
N GLN F 295 -6.31 -3.65 18.40
CA GLN F 295 -6.41 -5.10 18.52
C GLN F 295 -6.40 -5.74 17.14
N GLU F 296 -5.61 -6.80 17.00
CA GLU F 296 -5.42 -7.50 15.73
C GLU F 296 -5.98 -8.91 15.86
N ILE F 297 -7.22 -9.10 15.43
CA ILE F 297 -7.83 -10.42 15.41
C ILE F 297 -7.36 -11.15 14.17
N GLN F 298 -6.76 -12.33 14.36
CA GLN F 298 -6.37 -13.18 13.25
C GLN F 298 -6.88 -14.59 13.51
N ASP F 299 -7.60 -15.15 12.55
CA ASP F 299 -8.18 -16.50 12.69
C ASP F 299 -7.25 -17.49 12.00
N ILE F 300 -6.23 -17.92 12.75
CA ILE F 300 -5.31 -18.93 12.24
C ILE F 300 -5.93 -20.32 12.38
N ILE F 301 -5.44 -21.26 11.58
CA ILE F 301 -5.90 -22.64 11.60
C ILE F 301 -4.76 -23.51 12.08
N THR F 302 -5.08 -24.48 12.93
CA THR F 302 -4.05 -25.16 13.71
C THR F 302 -3.49 -26.41 13.04
N ALA F 303 -4.16 -26.95 12.02
CA ALA F 303 -3.76 -28.22 11.43
C ALA F 303 -3.49 -28.05 9.94
N ASN F 304 -2.44 -28.74 9.48
CA ASN F 304 -2.10 -28.81 8.08
C ASN F 304 -1.97 -30.27 7.66
N PRO F 305 -2.32 -30.61 6.42
CA PRO F 305 -2.25 -32.01 6.00
C PRO F 305 -0.86 -32.60 6.01
N TRP F 306 0.19 -31.75 5.98
CA TRP F 306 1.55 -32.26 5.98
C TRP F 306 1.84 -33.02 7.27
N SER F 307 1.44 -32.47 8.41
CA SER F 307 1.63 -33.17 9.67
C SER F 307 0.87 -34.49 9.69
N MET F 308 -0.37 -34.48 9.22
CA MET F 308 -1.15 -35.72 9.14
C MET F 308 -0.42 -36.78 8.34
N ILE F 309 -0.01 -36.45 7.12
CA ILE F 309 0.56 -37.46 6.24
C ILE F 309 1.91 -37.92 6.78
N ALA F 310 2.71 -37.00 7.31
CA ALA F 310 4.00 -37.39 7.85
C ALA F 310 3.85 -38.33 9.03
N LEU F 311 3.02 -37.96 10.00
CA LEU F 311 2.87 -38.80 11.19
C LEU F 311 2.25 -40.15 10.84
N LEU F 312 1.29 -40.16 9.93
CA LEU F 312 0.66 -41.42 9.53
C LEU F 312 1.66 -42.32 8.81
N CYS F 313 2.34 -41.81 7.79
CA CYS F 313 3.28 -42.63 7.04
C CYS F 313 4.47 -43.04 7.87
N SER F 314 4.74 -42.34 8.98
CA SER F 314 5.88 -42.71 9.81
C SER F 314 5.50 -43.67 10.93
N VAL F 315 4.30 -43.57 11.49
CA VAL F 315 3.82 -44.63 12.37
C VAL F 315 3.59 -45.90 11.55
N PHE F 316 3.38 -45.76 10.24
CA PHE F 316 3.45 -46.93 9.37
C PHE F 316 4.78 -47.65 9.52
N LEU F 317 5.86 -46.91 9.77
CA LEU F 317 7.17 -47.54 9.92
C LEU F 317 7.28 -48.32 11.22
N VAL F 318 6.70 -47.81 12.31
CA VAL F 318 6.73 -48.61 13.53
C VAL F 318 5.83 -49.83 13.38
N LEU F 319 4.77 -49.72 12.58
CA LEU F 319 3.98 -50.91 12.26
C LEU F 319 4.82 -51.94 11.51
N PHE F 320 5.59 -51.49 10.53
CA PHE F 320 6.47 -52.40 9.79
C PHE F 320 7.53 -53.00 10.69
N LYS F 321 8.06 -52.21 11.62
CA LYS F 321 9.04 -52.73 12.57
C LYS F 321 8.42 -53.77 13.50
N ALA F 322 7.17 -53.55 13.91
CA ALA F 322 6.47 -54.56 14.72
C ALA F 322 6.28 -55.84 13.93
N ALA F 323 5.97 -55.73 12.64
CA ALA F 323 5.94 -56.91 11.77
C ALA F 323 7.30 -57.58 11.73
N ASP F 324 8.37 -56.79 11.73
CA ASP F 324 9.73 -57.35 11.75
C ASP F 324 9.98 -58.15 13.02
N PHE F 325 9.62 -57.58 14.18
CA PHE F 325 9.72 -58.34 15.44
C PHE F 325 8.88 -59.60 15.41
N ALA F 326 7.70 -59.54 14.78
CA ALA F 326 6.88 -60.76 14.67
C ALA F 326 7.61 -61.82 13.84
N LYS F 327 8.18 -61.41 12.71
CA LYS F 327 8.89 -62.36 11.86
C LYS F 327 10.12 -62.93 12.54
N LEU F 328 10.77 -62.14 13.40
CA LEU F 328 11.91 -62.66 14.15
C LEU F 328 11.46 -63.60 15.27
N SER F 329 10.36 -63.25 15.94
CA SER F 329 9.89 -64.03 17.09
C SER F 329 9.36 -65.38 16.66
N VAL F 330 8.71 -65.45 15.50
CA VAL F 330 8.23 -66.75 15.02
C VAL F 330 9.41 -67.69 14.76
N LYS F 331 10.48 -67.17 14.17
CA LYS F 331 11.67 -67.98 13.95
C LYS F 331 12.33 -68.37 15.26
N TRP F 332 12.38 -67.45 16.22
CA TRP F 332 12.96 -67.77 17.51
C TRP F 332 12.16 -68.87 18.22
N MET F 333 10.84 -68.79 18.17
CA MET F 333 10.01 -69.83 18.76
C MET F 333 10.18 -71.16 18.03
N ILE F 334 10.35 -71.10 16.71
CA ILE F 334 10.61 -72.32 15.95
C ILE F 334 11.91 -72.96 16.41
N LYS F 335 12.95 -72.15 16.60
CA LYS F 335 14.22 -72.67 17.08
C LYS F 335 14.08 -73.26 18.47
N VAL F 336 13.35 -72.58 19.36
CA VAL F 336 13.18 -73.08 20.72
C VAL F 336 12.44 -74.41 20.72
N ARG F 337 11.37 -74.51 19.90
CA ARG F 337 10.64 -75.77 19.81
C ARG F 337 11.47 -76.88 19.19
N ARG F 338 12.33 -76.53 18.22
CA ARG F 338 13.24 -77.52 17.65
C ARG F 338 14.19 -78.05 18.71
N ARG F 339 14.74 -77.15 19.53
CA ARG F 339 15.62 -77.59 20.62
C ARG F 339 14.87 -78.46 21.62
N HIS F 340 13.62 -78.10 21.93
CA HIS F 340 12.86 -78.83 22.94
C HIS F 340 12.46 -80.22 22.44
N LEU F 341 12.04 -80.32 21.19
CA LEU F 341 11.53 -81.57 20.64
C LEU F 341 12.58 -82.41 19.94
N LYS F 342 13.81 -81.92 19.82
CA LYS F 342 14.87 -82.68 19.19
C LYS F 342 15.42 -83.74 20.13
#